data_7GAI
# 
_entry.id   7GAI 
# 
_audit_conform.dict_name       mmcif_pdbx.dic 
_audit_conform.dict_version    5.396 
_audit_conform.dict_location   http://mmcif.pdb.org/dictionaries/ascii/mmcif_pdbx.dic 
# 
loop_
_database_2.database_id 
_database_2.database_code 
_database_2.pdbx_database_accession 
_database_2.pdbx_DOI 
PDB   7GAI         pdb_00007gai 10.2210/pdb7gai/pdb 
WWPDB D_1001405939 ?            ?                   
# 
_pdbx_audit_revision_history.ordinal             1 
_pdbx_audit_revision_history.data_content_type   'Structure model' 
_pdbx_audit_revision_history.major_revision      1 
_pdbx_audit_revision_history.minor_revision      0 
_pdbx_audit_revision_history.revision_date       2024-09-04 
# 
_pdbx_audit_revision_details.ordinal             1 
_pdbx_audit_revision_details.revision_ordinal    1 
_pdbx_audit_revision_details.data_content_type   'Structure model' 
_pdbx_audit_revision_details.provider            repository 
_pdbx_audit_revision_details.type                'Initial release' 
_pdbx_audit_revision_details.description         ? 
_pdbx_audit_revision_details.details             ? 
# 
_pdbx_database_status.entry_id                        7GAI 
_pdbx_database_status.status_code                     REL 
_pdbx_database_status.status_code_sf                  REL 
_pdbx_database_status.status_code_mr                  ? 
_pdbx_database_status.status_code_cs                  ? 
_pdbx_database_status.recvd_initial_deposition_date   2023-08-10 
_pdbx_database_status.status_code_nmr_data            ? 
_pdbx_database_status.deposit_site                    RCSB 
_pdbx_database_status.process_site                    RCSB 
_pdbx_database_status.SG_entry                        ? 
_pdbx_database_status.pdb_format_compatible           Y 
_pdbx_database_status.methods_development_category    ? 
# 
_pdbx_contact_author.id                 1 
_pdbx_contact_author.email              knapp@pharmchem.uni-frankfurt.de 
_pdbx_contact_author.name_first         Stefan 
_pdbx_contact_author.name_last          Knapp 
_pdbx_contact_author.role               'principal investigator/group leader' 
_pdbx_contact_author.identifier_ORCID   0000-0001-5995-6494 
_pdbx_contact_author.name_mi            ? 
# 
loop_
_audit_author.name 
_audit_author.pdbx_ordinal 
_audit_author.identifier_ORCID 
'Kumar, A.'                            1 ? 
'Marples, P.G.'                        2 ? 
'Tomlinson, C.W.E.'                    3 ? 
'Fearon, D.'                           4 ? 
'von-Delft, F.'                        5 ? 
'Knapp, S.'                            6 ? 
'Structural Genomics Consortium (SGC)' 7 ? 
# 
_citation.id                        primary 
_citation.title                     'PanDDA analysis group deposition' 
_citation.journal_abbrev            'To Be Published' 
_citation.journal_volume            ? 
_citation.page_first                ? 
_citation.page_last                 ? 
_citation.year                      ? 
_citation.journal_id_ASTM           ? 
_citation.country                   ? 
_citation.journal_id_ISSN           ? 
_citation.journal_id_CSD            0353 
_citation.book_publisher            ? 
_citation.pdbx_database_id_PubMed   ? 
_citation.pdbx_database_id_DOI      ? 
# 
loop_
_citation_author.citation_id 
_citation_author.name 
_citation_author.identifier_ORCID 
_citation_author.ordinal 
primary 'Kumar, A.'                            ? 1 
primary 'Knapp, S.'                            ? 2 
primary 'Structural Genomics Consortium (SGC)' ? 3 
# 
loop_
_entity.id 
_entity.type 
_entity.src_method 
_entity.pdbx_description 
_entity.formula_weight 
_entity.pdbx_number_of_molecules 
_entity.pdbx_ec 
_entity.pdbx_mutation 
_entity.pdbx_fragment 
_entity.details 
1 polymer     man 'Microtubule-associated proteins 1A/1B light chain 3B'        14237.361 1  ? TruncationafterGly120 ? ? 
2 non-polymer syn 'N-[(4-methyl-1,3-thiazol-2-yl)methyl]cyclobutanecarboxamide' 210.296   1  ? ?                     ? ? 
3 non-polymer syn 1,2-ETHANEDIOL                                                62.068    8  ? ?                     ? ? 
4 non-polymer syn 'CHLORIDE ION'                                                35.453    1  ? ?                     ? ? 
5 water       nat water                                                         18.015    93 ? ?                     ? ? 
# 
_entity_name_com.entity_id   1 
_entity_name_com.name        
;Autophagy-related protein LC3 B,Autophagy-related ubiquitin-like modifier LC3 B,MAP1 light chain 3-like protein 2,MAP1A/MAP1B light chain 3 B,MAP1A/MAP1B LC3 B,Microtubule-associated protein 1 light chain 3 beta
;
# 
_entity_poly.entity_id                      1 
_entity_poly.type                           'polypeptide(L)' 
_entity_poly.nstd_linkage                   no 
_entity_poly.nstd_monomer                   no 
_entity_poly.pdbx_seq_one_letter_code       
;SMPSEKTFKQRRTFEQRVEDVRLIREQHPTKIPVIIERYKGEKQLPVLDKTKFLVPDHVNMSELIKIIRRRLQLNANQAF
FLLVNGHSMVSVSTPISEVYESEKDEDGFLYMVYASQETFG
;
_entity_poly.pdbx_seq_one_letter_code_can   
;SMPSEKTFKQRRTFEQRVEDVRLIREQHPTKIPVIIERYKGEKQLPVLDKTKFLVPDHVNMSELIKIIRRRLQLNANQAF
FLLVNGHSMVSVSTPISEVYESEKDEDGFLYMVYASQETFG
;
_entity_poly.pdbx_strand_id                 A 
_entity_poly.pdbx_target_identifier         ? 
# 
loop_
_pdbx_entity_nonpoly.entity_id 
_pdbx_entity_nonpoly.name 
_pdbx_entity_nonpoly.comp_id 
2 'N-[(4-methyl-1,3-thiazol-2-yl)methyl]cyclobutanecarboxamide' K9N 
3 1,2-ETHANEDIOL                                                EDO 
4 'CHLORIDE ION'                                                CL  
5 water                                                         HOH 
# 
loop_
_entity_poly_seq.entity_id 
_entity_poly_seq.num 
_entity_poly_seq.mon_id 
_entity_poly_seq.hetero 
1 1   SER n 
1 2   MET n 
1 3   PRO n 
1 4   SER n 
1 5   GLU n 
1 6   LYS n 
1 7   THR n 
1 8   PHE n 
1 9   LYS n 
1 10  GLN n 
1 11  ARG n 
1 12  ARG n 
1 13  THR n 
1 14  PHE n 
1 15  GLU n 
1 16  GLN n 
1 17  ARG n 
1 18  VAL n 
1 19  GLU n 
1 20  ASP n 
1 21  VAL n 
1 22  ARG n 
1 23  LEU n 
1 24  ILE n 
1 25  ARG n 
1 26  GLU n 
1 27  GLN n 
1 28  HIS n 
1 29  PRO n 
1 30  THR n 
1 31  LYS n 
1 32  ILE n 
1 33  PRO n 
1 34  VAL n 
1 35  ILE n 
1 36  ILE n 
1 37  GLU n 
1 38  ARG n 
1 39  TYR n 
1 40  LYS n 
1 41  GLY n 
1 42  GLU n 
1 43  LYS n 
1 44  GLN n 
1 45  LEU n 
1 46  PRO n 
1 47  VAL n 
1 48  LEU n 
1 49  ASP n 
1 50  LYS n 
1 51  THR n 
1 52  LYS n 
1 53  PHE n 
1 54  LEU n 
1 55  VAL n 
1 56  PRO n 
1 57  ASP n 
1 58  HIS n 
1 59  VAL n 
1 60  ASN n 
1 61  MET n 
1 62  SER n 
1 63  GLU n 
1 64  LEU n 
1 65  ILE n 
1 66  LYS n 
1 67  ILE n 
1 68  ILE n 
1 69  ARG n 
1 70  ARG n 
1 71  ARG n 
1 72  LEU n 
1 73  GLN n 
1 74  LEU n 
1 75  ASN n 
1 76  ALA n 
1 77  ASN n 
1 78  GLN n 
1 79  ALA n 
1 80  PHE n 
1 81  PHE n 
1 82  LEU n 
1 83  LEU n 
1 84  VAL n 
1 85  ASN n 
1 86  GLY n 
1 87  HIS n 
1 88  SER n 
1 89  MET n 
1 90  VAL n 
1 91  SER n 
1 92  VAL n 
1 93  SER n 
1 94  THR n 
1 95  PRO n 
1 96  ILE n 
1 97  SER n 
1 98  GLU n 
1 99  VAL n 
1 100 TYR n 
1 101 GLU n 
1 102 SER n 
1 103 GLU n 
1 104 LYS n 
1 105 ASP n 
1 106 GLU n 
1 107 ASP n 
1 108 GLY n 
1 109 PHE n 
1 110 LEU n 
1 111 TYR n 
1 112 MET n 
1 113 VAL n 
1 114 TYR n 
1 115 ALA n 
1 116 SER n 
1 117 GLN n 
1 118 GLU n 
1 119 THR n 
1 120 PHE n 
1 121 GLY n 
# 
_entity_src_gen.entity_id                          1 
_entity_src_gen.pdbx_src_id                        1 
_entity_src_gen.pdbx_alt_source_flag               sample 
_entity_src_gen.pdbx_seq_type                      'Biological sequence' 
_entity_src_gen.pdbx_beg_seq_num                   1 
_entity_src_gen.pdbx_end_seq_num                   121 
_entity_src_gen.gene_src_common_name               human 
_entity_src_gen.gene_src_genus                     ? 
_entity_src_gen.pdbx_gene_src_gene                 'MAP1LC3B, MAP1ALC3' 
_entity_src_gen.gene_src_species                   ? 
_entity_src_gen.gene_src_strain                    ? 
_entity_src_gen.gene_src_tissue                    ? 
_entity_src_gen.gene_src_tissue_fraction           ? 
_entity_src_gen.gene_src_details                   ? 
_entity_src_gen.pdbx_gene_src_fragment             ? 
_entity_src_gen.pdbx_gene_src_scientific_name      'Homo sapiens' 
_entity_src_gen.pdbx_gene_src_ncbi_taxonomy_id     9606 
_entity_src_gen.pdbx_gene_src_variant              ? 
_entity_src_gen.pdbx_gene_src_cell_line            ? 
_entity_src_gen.pdbx_gene_src_atcc                 ? 
_entity_src_gen.pdbx_gene_src_organ                ? 
_entity_src_gen.pdbx_gene_src_organelle            ? 
_entity_src_gen.pdbx_gene_src_cell                 ? 
_entity_src_gen.pdbx_gene_src_cellular_location    ? 
_entity_src_gen.host_org_common_name               ? 
_entity_src_gen.pdbx_host_org_scientific_name      'Escherichia coli' 
_entity_src_gen.pdbx_host_org_ncbi_taxonomy_id     562 
_entity_src_gen.host_org_genus                     ? 
_entity_src_gen.pdbx_host_org_gene                 ? 
_entity_src_gen.pdbx_host_org_organ                ? 
_entity_src_gen.host_org_species                   ? 
_entity_src_gen.pdbx_host_org_tissue               ? 
_entity_src_gen.pdbx_host_org_tissue_fraction      ? 
_entity_src_gen.pdbx_host_org_strain               ? 
_entity_src_gen.pdbx_host_org_variant              ? 
_entity_src_gen.pdbx_host_org_cell_line            ? 
_entity_src_gen.pdbx_host_org_atcc                 ? 
_entity_src_gen.pdbx_host_org_culture_collection   ? 
_entity_src_gen.pdbx_host_org_cell                 ? 
_entity_src_gen.pdbx_host_org_organelle            ? 
_entity_src_gen.pdbx_host_org_cellular_location    ? 
_entity_src_gen.pdbx_host_org_vector_type          ? 
_entity_src_gen.pdbx_host_org_vector               ? 
_entity_src_gen.host_org_details                   ? 
_entity_src_gen.expression_system_id               ? 
_entity_src_gen.plasmid_name                       ? 
_entity_src_gen.plasmid_details                    ? 
_entity_src_gen.pdbx_description                   ? 
# 
loop_
_chem_comp.id 
_chem_comp.type 
_chem_comp.mon_nstd_flag 
_chem_comp.name 
_chem_comp.pdbx_synonyms 
_chem_comp.formula 
_chem_comp.formula_weight 
ALA 'L-peptide linking' y ALANINE                                                       ?                 'C3 H7 N O2'     89.093  
ARG 'L-peptide linking' y ARGININE                                                      ?                 'C6 H15 N4 O2 1' 175.209 
ASN 'L-peptide linking' y ASPARAGINE                                                    ?                 'C4 H8 N2 O3'    132.118 
ASP 'L-peptide linking' y 'ASPARTIC ACID'                                               ?                 'C4 H7 N O4'     133.103 
CL  non-polymer         . 'CHLORIDE ION'                                                ?                 'Cl -1'          35.453  
EDO non-polymer         . 1,2-ETHANEDIOL                                                'ETHYLENE GLYCOL' 'C2 H6 O2'       62.068  
GLN 'L-peptide linking' y GLUTAMINE                                                     ?                 'C5 H10 N2 O3'   146.144 
GLU 'L-peptide linking' y 'GLUTAMIC ACID'                                               ?                 'C5 H9 N O4'     147.129 
GLY 'peptide linking'   y GLYCINE                                                       ?                 'C2 H5 N O2'     75.067  
HIS 'L-peptide linking' y HISTIDINE                                                     ?                 'C6 H10 N3 O2 1' 156.162 
HOH non-polymer         . WATER                                                         ?                 'H2 O'           18.015  
ILE 'L-peptide linking' y ISOLEUCINE                                                    ?                 'C6 H13 N O2'    131.173 
K9N non-polymer         . 'N-[(4-methyl-1,3-thiazol-2-yl)methyl]cyclobutanecarboxamide' ?                 'C10 H14 N2 O S' 210.296 
LEU 'L-peptide linking' y LEUCINE                                                       ?                 'C6 H13 N O2'    131.173 
LYS 'L-peptide linking' y LYSINE                                                        ?                 'C6 H15 N2 O2 1' 147.195 
MET 'L-peptide linking' y METHIONINE                                                    ?                 'C5 H11 N O2 S'  149.211 
PHE 'L-peptide linking' y PHENYLALANINE                                                 ?                 'C9 H11 N O2'    165.189 
PRO 'L-peptide linking' y PROLINE                                                       ?                 'C5 H9 N O2'     115.130 
SER 'L-peptide linking' y SERINE                                                        ?                 'C3 H7 N O3'     105.093 
THR 'L-peptide linking' y THREONINE                                                     ?                 'C4 H9 N O3'     119.119 
TYR 'L-peptide linking' y TYROSINE                                                      ?                 'C9 H11 N O3'    181.189 
VAL 'L-peptide linking' y VALINE                                                        ?                 'C5 H11 N O2'    117.146 
# 
loop_
_pdbx_poly_seq_scheme.asym_id 
_pdbx_poly_seq_scheme.entity_id 
_pdbx_poly_seq_scheme.seq_id 
_pdbx_poly_seq_scheme.mon_id 
_pdbx_poly_seq_scheme.ndb_seq_num 
_pdbx_poly_seq_scheme.pdb_seq_num 
_pdbx_poly_seq_scheme.auth_seq_num 
_pdbx_poly_seq_scheme.pdb_mon_id 
_pdbx_poly_seq_scheme.auth_mon_id 
_pdbx_poly_seq_scheme.pdb_strand_id 
_pdbx_poly_seq_scheme.pdb_ins_code 
_pdbx_poly_seq_scheme.hetero 
A 1 1   SER 1   0   ?   ?   ?   A . n 
A 1 2   MET 2   1   ?   ?   ?   A . n 
A 1 3   PRO 3   2   ?   ?   ?   A . n 
A 1 4   SER 4   3   ?   ?   ?   A . n 
A 1 5   GLU 5   4   ?   ?   ?   A . n 
A 1 6   LYS 6   5   5   LYS LYS A . n 
A 1 7   THR 7   6   6   THR THR A . n 
A 1 8   PHE 8   7   7   PHE PHE A . n 
A 1 9   LYS 9   8   8   LYS LYS A . n 
A 1 10  GLN 10  9   9   GLN GLN A . n 
A 1 11  ARG 11  10  10  ARG ARG A . n 
A 1 12  ARG 12  11  11  ARG ARG A . n 
A 1 13  THR 13  12  12  THR THR A . n 
A 1 14  PHE 14  13  13  PHE PHE A . n 
A 1 15  GLU 15  14  14  GLU GLU A . n 
A 1 16  GLN 16  15  15  GLN GLN A . n 
A 1 17  ARG 17  16  16  ARG ARG A . n 
A 1 18  VAL 18  17  17  VAL VAL A . n 
A 1 19  GLU 19  18  18  GLU GLU A . n 
A 1 20  ASP 20  19  19  ASP ASP A . n 
A 1 21  VAL 21  20  20  VAL VAL A . n 
A 1 22  ARG 22  21  21  ARG ARG A . n 
A 1 23  LEU 23  22  22  LEU LEU A . n 
A 1 24  ILE 24  23  23  ILE ILE A . n 
A 1 25  ARG 25  24  24  ARG ARG A . n 
A 1 26  GLU 26  25  25  GLU GLU A . n 
A 1 27  GLN 27  26  26  GLN GLN A . n 
A 1 28  HIS 28  27  27  HIS HIS A . n 
A 1 29  PRO 29  28  28  PRO PRO A . n 
A 1 30  THR 30  29  29  THR THR A . n 
A 1 31  LYS 31  30  30  LYS LYS A . n 
A 1 32  ILE 32  31  31  ILE ILE A . n 
A 1 33  PRO 33  32  32  PRO PRO A . n 
A 1 34  VAL 34  33  33  VAL VAL A . n 
A 1 35  ILE 35  34  34  ILE ILE A . n 
A 1 36  ILE 36  35  35  ILE ILE A . n 
A 1 37  GLU 37  36  36  GLU GLU A . n 
A 1 38  ARG 38  37  37  ARG ARG A . n 
A 1 39  TYR 39  38  38  TYR TYR A . n 
A 1 40  LYS 40  39  39  LYS LYS A . n 
A 1 41  GLY 41  40  40  GLY GLY A . n 
A 1 42  GLU 42  41  41  GLU GLU A . n 
A 1 43  LYS 43  42  42  LYS LYS A . n 
A 1 44  GLN 44  43  43  GLN GLN A . n 
A 1 45  LEU 45  44  44  LEU LEU A . n 
A 1 46  PRO 46  45  45  PRO PRO A . n 
A 1 47  VAL 47  46  46  VAL VAL A . n 
A 1 48  LEU 48  47  47  LEU LEU A . n 
A 1 49  ASP 49  48  48  ASP ASP A . n 
A 1 50  LYS 50  49  49  LYS LYS A . n 
A 1 51  THR 51  50  50  THR THR A . n 
A 1 52  LYS 52  51  51  LYS LYS A . n 
A 1 53  PHE 53  52  52  PHE PHE A . n 
A 1 54  LEU 54  53  53  LEU LEU A . n 
A 1 55  VAL 55  54  54  VAL VAL A . n 
A 1 56  PRO 56  55  55  PRO PRO A . n 
A 1 57  ASP 57  56  56  ASP ASP A . n 
A 1 58  HIS 58  57  57  HIS HIS A . n 
A 1 59  VAL 59  58  58  VAL VAL A . n 
A 1 60  ASN 60  59  59  ASN ASN A . n 
A 1 61  MET 61  60  60  MET MET A . n 
A 1 62  SER 62  61  61  SER SER A . n 
A 1 63  GLU 63  62  62  GLU GLU A . n 
A 1 64  LEU 64  63  63  LEU LEU A . n 
A 1 65  ILE 65  64  64  ILE ILE A . n 
A 1 66  LYS 66  65  65  LYS LYS A . n 
A 1 67  ILE 67  66  66  ILE ILE A . n 
A 1 68  ILE 68  67  67  ILE ILE A . n 
A 1 69  ARG 69  68  68  ARG ARG A . n 
A 1 70  ARG 70  69  69  ARG ARG A . n 
A 1 71  ARG 71  70  70  ARG ARG A . n 
A 1 72  LEU 72  71  71  LEU LEU A . n 
A 1 73  GLN 73  72  72  GLN GLN A . n 
A 1 74  LEU 74  73  73  LEU LEU A . n 
A 1 75  ASN 75  74  74  ASN ASN A . n 
A 1 76  ALA 76  75  75  ALA ALA A . n 
A 1 77  ASN 77  76  76  ASN ASN A . n 
A 1 78  GLN 78  77  77  GLN GLN A . n 
A 1 79  ALA 79  78  78  ALA ALA A . n 
A 1 80  PHE 80  79  79  PHE PHE A . n 
A 1 81  PHE 81  80  80  PHE PHE A . n 
A 1 82  LEU 82  81  81  LEU LEU A . n 
A 1 83  LEU 83  82  82  LEU LEU A . n 
A 1 84  VAL 84  83  83  VAL VAL A . n 
A 1 85  ASN 85  84  84  ASN ASN A . n 
A 1 86  GLY 86  85  85  GLY GLY A . n 
A 1 87  HIS 87  86  86  HIS HIS A . n 
A 1 88  SER 88  87  87  SER SER A . n 
A 1 89  MET 89  88  88  MET MET A . n 
A 1 90  VAL 90  89  89  VAL VAL A . n 
A 1 91  SER 91  90  90  SER SER A . n 
A 1 92  VAL 92  91  91  VAL VAL A . n 
A 1 93  SER 93  92  92  SER SER A . n 
A 1 94  THR 94  93  93  THR THR A . n 
A 1 95  PRO 95  94  94  PRO PRO A . n 
A 1 96  ILE 96  95  95  ILE ILE A . n 
A 1 97  SER 97  96  96  SER SER A . n 
A 1 98  GLU 98  97  97  GLU GLU A . n 
A 1 99  VAL 99  98  98  VAL VAL A . n 
A 1 100 TYR 100 99  99  TYR TYR A . n 
A 1 101 GLU 101 100 100 GLU GLU A . n 
A 1 102 SER 102 101 101 SER SER A . n 
A 1 103 GLU 103 102 102 GLU GLU A . n 
A 1 104 LYS 104 103 103 LYS LYS A . n 
A 1 105 ASP 105 104 104 ASP ASP A . n 
A 1 106 GLU 106 105 105 GLU GLU A . n 
A 1 107 ASP 107 106 106 ASP ASP A . n 
A 1 108 GLY 108 107 107 GLY GLY A . n 
A 1 109 PHE 109 108 108 PHE PHE A . n 
A 1 110 LEU 110 109 109 LEU LEU A . n 
A 1 111 TYR 111 110 110 TYR TYR A . n 
A 1 112 MET 112 111 111 MET MET A . n 
A 1 113 VAL 113 112 112 VAL VAL A . n 
A 1 114 TYR 114 113 113 TYR TYR A . n 
A 1 115 ALA 115 114 114 ALA ALA A . n 
A 1 116 SER 116 115 115 SER SER A . n 
A 1 117 GLN 117 116 116 GLN GLN A . n 
A 1 118 GLU 118 117 117 GLU GLU A . n 
A 1 119 THR 119 118 118 THR THR A . n 
A 1 120 PHE 120 119 119 PHE PHE A . n 
A 1 121 GLY 121 120 ?   ?   ?   A . n 
# 
_pdbx_entity_instance_feature.ordinal        1 
_pdbx_entity_instance_feature.comp_id        K9N 
_pdbx_entity_instance_feature.asym_id        ? 
_pdbx_entity_instance_feature.seq_num        ? 
_pdbx_entity_instance_feature.auth_comp_id   K9N 
_pdbx_entity_instance_feature.auth_asym_id   ? 
_pdbx_entity_instance_feature.auth_seq_num   ? 
_pdbx_entity_instance_feature.feature_type   'SUBJECT OF INVESTIGATION' 
_pdbx_entity_instance_feature.details        ? 
# 
loop_
_pdbx_nonpoly_scheme.asym_id 
_pdbx_nonpoly_scheme.entity_id 
_pdbx_nonpoly_scheme.mon_id 
_pdbx_nonpoly_scheme.ndb_seq_num 
_pdbx_nonpoly_scheme.pdb_seq_num 
_pdbx_nonpoly_scheme.auth_seq_num 
_pdbx_nonpoly_scheme.pdb_mon_id 
_pdbx_nonpoly_scheme.auth_mon_id 
_pdbx_nonpoly_scheme.pdb_strand_id 
_pdbx_nonpoly_scheme.pdb_ins_code 
B 2 K9N 1  201 201 K9N LIG A . 
C 3 EDO 1  202 105 EDO EDO A . 
D 3 EDO 1  203 107 EDO EDO A . 
E 3 EDO 1  204 108 EDO EDO A . 
F 3 EDO 1  205 109 EDO EDO A . 
G 3 EDO 1  206 110 EDO EDO A . 
H 3 EDO 1  207 111 EDO EDO A . 
I 3 EDO 1  208 112 EDO EDO A . 
J 3 EDO 1  209 113 EDO EDO A . 
K 4 CL  1  210 114 CL  CL  A . 
L 5 HOH 1  301 56  HOH HOH A . 
L 5 HOH 2  302 33  HOH HOH A . 
L 5 HOH 3  303 62  HOH HOH A . 
L 5 HOH 4  304 59  HOH HOH A . 
L 5 HOH 5  305 10  HOH HOH A . 
L 5 HOH 6  306 43  HOH HOH A . 
L 5 HOH 7  307 57  HOH HOH A . 
L 5 HOH 8  308 38  HOH HOH A . 
L 5 HOH 9  309 34  HOH HOH A . 
L 5 HOH 10 310 40  HOH HOH A . 
L 5 HOH 11 311 82  HOH HOH A . 
L 5 HOH 12 312 4   HOH HOH A . 
L 5 HOH 13 313 48  HOH HOH A . 
L 5 HOH 14 314 42  HOH HOH A . 
L 5 HOH 15 315 35  HOH HOH A . 
L 5 HOH 16 316 20  HOH HOH A . 
L 5 HOH 17 317 19  HOH HOH A . 
L 5 HOH 18 318 64  HOH HOH A . 
L 5 HOH 19 319 21  HOH HOH A . 
L 5 HOH 20 320 41  HOH HOH A . 
L 5 HOH 21 321 55  HOH HOH A . 
L 5 HOH 22 322 9   HOH HOH A . 
L 5 HOH 23 323 17  HOH HOH A . 
L 5 HOH 24 324 27  HOH HOH A . 
L 5 HOH 25 325 49  HOH HOH A . 
L 5 HOH 26 326 16  HOH HOH A . 
L 5 HOH 27 327 47  HOH HOH A . 
L 5 HOH 28 328 75  HOH HOH A . 
L 5 HOH 29 329 18  HOH HOH A . 
L 5 HOH 30 330 73  HOH HOH A . 
L 5 HOH 31 331 74  HOH HOH A . 
L 5 HOH 32 332 5   HOH HOH A . 
L 5 HOH 33 333 45  HOH HOH A . 
L 5 HOH 34 334 2   HOH HOH A . 
L 5 HOH 35 335 30  HOH HOH A . 
L 5 HOH 36 336 91  HOH HOH A . 
L 5 HOH 37 337 44  HOH HOH A . 
L 5 HOH 38 338 63  HOH HOH A . 
L 5 HOH 39 339 7   HOH HOH A . 
L 5 HOH 40 340 1   HOH HOH A . 
L 5 HOH 41 341 77  HOH HOH A . 
L 5 HOH 42 342 83  HOH HOH A . 
L 5 HOH 43 343 12  HOH HOH A . 
L 5 HOH 44 344 51  HOH HOH A . 
L 5 HOH 45 345 8   HOH HOH A . 
L 5 HOH 46 346 13  HOH HOH A . 
L 5 HOH 47 347 86  HOH HOH A . 
L 5 HOH 48 348 24  HOH HOH A . 
L 5 HOH 49 349 25  HOH HOH A . 
L 5 HOH 50 350 15  HOH HOH A . 
L 5 HOH 51 351 11  HOH HOH A . 
L 5 HOH 52 352 92  HOH HOH A . 
L 5 HOH 53 353 36  HOH HOH A . 
L 5 HOH 54 354 89  HOH HOH A . 
L 5 HOH 55 355 3   HOH HOH A . 
L 5 HOH 56 356 69  HOH HOH A . 
L 5 HOH 57 357 54  HOH HOH A . 
L 5 HOH 58 358 14  HOH HOH A . 
L 5 HOH 59 359 23  HOH HOH A . 
L 5 HOH 60 360 53  HOH HOH A . 
L 5 HOH 61 361 32  HOH HOH A . 
L 5 HOH 62 362 52  HOH HOH A . 
L 5 HOH 63 363 66  HOH HOH A . 
L 5 HOH 64 364 71  HOH HOH A . 
L 5 HOH 65 365 31  HOH HOH A . 
L 5 HOH 66 366 67  HOH HOH A . 
L 5 HOH 67 367 60  HOH HOH A . 
L 5 HOH 68 368 78  HOH HOH A . 
L 5 HOH 69 369 6   HOH HOH A . 
L 5 HOH 70 370 76  HOH HOH A . 
L 5 HOH 71 371 79  HOH HOH A . 
L 5 HOH 72 372 46  HOH HOH A . 
L 5 HOH 73 373 84  HOH HOH A . 
L 5 HOH 74 374 72  HOH HOH A . 
L 5 HOH 75 375 58  HOH HOH A . 
L 5 HOH 76 376 88  HOH HOH A . 
L 5 HOH 77 377 81  HOH HOH A . 
L 5 HOH 78 378 90  HOH HOH A . 
L 5 HOH 79 379 93  HOH HOH A . 
L 5 HOH 80 380 94  HOH HOH A . 
L 5 HOH 81 381 85  HOH HOH A . 
L 5 HOH 82 382 28  HOH HOH A . 
L 5 HOH 83 383 29  HOH HOH A . 
L 5 HOH 84 384 87  HOH HOH A . 
L 5 HOH 85 385 37  HOH HOH A . 
L 5 HOH 86 386 68  HOH HOH A . 
L 5 HOH 87 387 70  HOH HOH A . 
L 5 HOH 88 388 26  HOH HOH A . 
L 5 HOH 89 389 61  HOH HOH A . 
L 5 HOH 90 390 39  HOH HOH A . 
L 5 HOH 91 391 80  HOH HOH A . 
L 5 HOH 92 392 50  HOH HOH A . 
L 5 HOH 93 393 65  HOH HOH A . 
# 
loop_
_pdbx_unobs_or_zero_occ_atoms.id 
_pdbx_unobs_or_zero_occ_atoms.PDB_model_num 
_pdbx_unobs_or_zero_occ_atoms.polymer_flag 
_pdbx_unobs_or_zero_occ_atoms.occupancy_flag 
_pdbx_unobs_or_zero_occ_atoms.auth_asym_id 
_pdbx_unobs_or_zero_occ_atoms.auth_comp_id 
_pdbx_unobs_or_zero_occ_atoms.auth_seq_id 
_pdbx_unobs_or_zero_occ_atoms.PDB_ins_code 
_pdbx_unobs_or_zero_occ_atoms.auth_atom_id 
_pdbx_unobs_or_zero_occ_atoms.label_alt_id 
_pdbx_unobs_or_zero_occ_atoms.label_asym_id 
_pdbx_unobs_or_zero_occ_atoms.label_comp_id 
_pdbx_unobs_or_zero_occ_atoms.label_seq_id 
_pdbx_unobs_or_zero_occ_atoms.label_atom_id 
1 1 Y 1 A GLN 116 ? CG  ? A GLN 117 CG  
2 1 Y 1 A GLN 116 ? CD  ? A GLN 117 CD  
3 1 Y 1 A GLN 116 ? OE1 ? A GLN 117 OE1 
4 1 Y 1 A GLN 116 ? NE2 ? A GLN 117 NE2 
5 1 Y 1 A THR 118 ? OG1 ? A THR 119 OG1 
6 1 Y 1 A THR 118 ? CG2 ? A THR 119 CG2 
# 
loop_
_software.pdbx_ordinal 
_software.name 
_software.version 
_software.date 
_software.type 
_software.contact_author 
_software.contact_author_email 
_software.classification 
_software.location 
_software.language 
_software.citation_id 
1 REFMAC      5.8.0267 ?               program 'Garib N. Murshudov' garib@ysbl.york.ac.uk    refinement        
http://www.ccp4.ac.uk/dist/html/refmac5.html        Fortran_77 ? 
2 Aimless     0.7.7    23/04/21        program 'Phil Evans'         ?                        'data scaling'    
http://www.mrc-lmb.cam.ac.uk/harry/pre/aimless.html ?          ? 
3 PDB_EXTRACT 3.23     'SEP. 23, 2016' package PDB                  deposit@deposit.rcsb.org 'data extraction' 
http://sw-tools.pdb.org/apps/PDB_EXTRACT/           C++        ? 
4 XDS         .        ?               program ?                    ?                        'data reduction'  ? ?          ? 
5 REFMAC      .        ?               program ?                    ?                        phasing           ? ?          ? 
# 
_cell.entry_id           7GAI 
_cell.length_a           60.982 
_cell.length_b           60.982 
_cell.length_c           35.588 
_cell.angle_alpha        90.000 
_cell.angle_beta         90.000 
_cell.angle_gamma        90.000 
_cell.Z_PDB              4 
_cell.pdbx_unique_axis   ? 
# 
_symmetry.entry_id                         7GAI 
_symmetry.space_group_name_H-M             'P 43' 
_symmetry.pdbx_full_space_group_name_H-M   ? 
_symmetry.cell_setting                     ? 
_symmetry.Int_Tables_number                78 
# 
_exptl.crystals_number   1 
_exptl.entry_id          7GAI 
_exptl.method            'X-RAY DIFFRACTION' 
# 
_exptl_crystal.id                    1 
_exptl_crystal.pdbx_mosaicity        0.000 
_exptl_crystal.pdbx_mosaicity_esd    ? 
_exptl_crystal.density_Matthews      2.24 
_exptl_crystal.density_diffrn        ? 
_exptl_crystal.density_meas          ? 
_exptl_crystal.density_meas_temp     ? 
_exptl_crystal.density_percent_sol   44.99 
_exptl_crystal.size_max              ? 
_exptl_crystal.size_mid              ? 
_exptl_crystal.size_min              ? 
_exptl_crystal.size_rad              ? 
_exptl_crystal.description           ? 
# 
_exptl_crystal_grow.crystal_id      1 
_exptl_crystal_grow.method          'VAPOR DIFFUSION, SITTING DROP' 
_exptl_crystal_grow.pH              4.7 
_exptl_crystal_grow.temp            293 
_exptl_crystal_grow.pdbx_details    '36% PEG 8000, 0.1M acetate pH 4.7' 
_exptl_crystal_grow.temp_details    ? 
_exptl_crystal_grow.pdbx_pH_range   ? 
# 
_diffrn.id                     1 
_diffrn.ambient_temp           100 
_diffrn.crystal_id             1 
_diffrn.ambient_temp_details   ? 
# 
_diffrn_detector.detector               PIXEL 
_diffrn_detector.type                   'DECTRIS PILATUS 6M' 
_diffrn_detector.pdbx_collection_date   2023-02-09 
_diffrn_detector.diffrn_id              1 
_diffrn_detector.details                ? 
# 
_diffrn_radiation.diffrn_id                        1 
_diffrn_radiation.wavelength_id                    1 
_diffrn_radiation.pdbx_diffrn_protocol             'SINGLE WAVELENGTH' 
_diffrn_radiation.pdbx_monochromatic_or_laue_m_l   ? 
_diffrn_radiation.monochromator                    ? 
_diffrn_radiation.pdbx_scattering_type             x-ray 
# 
_diffrn_radiation_wavelength.id           1 
_diffrn_radiation_wavelength.wavelength   0.92124 
_diffrn_radiation_wavelength.wt           1.0 
# 
_diffrn_source.diffrn_id                   1 
_diffrn_source.source                      SYNCHROTRON 
_diffrn_source.type                        'DIAMOND BEAMLINE I04-1' 
_diffrn_source.pdbx_wavelength_list        0.92124 
_diffrn_source.pdbx_synchrotron_site       Diamond 
_diffrn_source.pdbx_synchrotron_beamline   I04-1 
_diffrn_source.pdbx_wavelength             ? 
# 
_reflns.entry_id                     7GAI 
_reflns.pdbx_diffrn_id               1 
_reflns.pdbx_ordinal                 1 
_reflns.observed_criterion_sigma_I   ? 
_reflns.observed_criterion_sigma_F   ? 
_reflns.d_resolution_low             61.000 
_reflns.d_resolution_high            1.970 
_reflns.number_obs                   9444 
_reflns.number_all                   ? 
_reflns.percent_possible_obs         99.900 
_reflns.pdbx_Rmerge_I_obs            0.076 
_reflns.pdbx_Rsym_value              ? 
_reflns.pdbx_netI_over_sigmaI        14.700 
_reflns.B_iso_Wilson_estimate        ? 
_reflns.pdbx_redundancy              13.600 
_reflns.pdbx_Rrim_I_all              0.079 
_reflns.pdbx_Rpim_I_all              0.022 
_reflns.pdbx_CC_half                 0.998 
_reflns.pdbx_netI_over_av_sigmaI     ? 
_reflns.pdbx_number_measured_all     128225 
_reflns.pdbx_scaling_rejects         0 
_reflns.pdbx_chi_squared             ? 
_reflns.Rmerge_F_all                 ? 
_reflns.Rmerge_F_obs                 ? 
_reflns.observed_criterion_F_max     ? 
_reflns.observed_criterion_F_min     ? 
_reflns.observed_criterion_I_max     ? 
_reflns.observed_criterion_I_min     ? 
_reflns.pdbx_d_res_high_opt          ? 
_reflns.pdbx_d_res_low_opt           ? 
_reflns.details                      ? 
_reflns.pdbx_CC_star                 ? 
# 
loop_
_reflns_shell.pdbx_diffrn_id 
_reflns_shell.pdbx_ordinal 
_reflns_shell.d_res_high 
_reflns_shell.d_res_low 
_reflns_shell.number_measured_obs 
_reflns_shell.number_measured_all 
_reflns_shell.number_unique_obs 
_reflns_shell.pdbx_rejects 
_reflns_shell.Rmerge_I_obs 
_reflns_shell.meanI_over_sigI_obs 
_reflns_shell.pdbx_Rsym_value 
_reflns_shell.pdbx_chi_squared 
_reflns_shell.pdbx_redundancy 
_reflns_shell.percent_possible_obs 
_reflns_shell.pdbx_netI_over_sigmaI_obs 
_reflns_shell.number_possible 
_reflns_shell.number_unique_all 
_reflns_shell.Rmerge_F_all 
_reflns_shell.Rmerge_F_obs 
_reflns_shell.Rmerge_I_all 
_reflns_shell.meanI_over_sigI_all 
_reflns_shell.percent_possible_all 
_reflns_shell.pdbx_Rrim_I_all 
_reflns_shell.pdbx_Rpim_I_all 
_reflns_shell.pdbx_CC_half 
_reflns_shell.pdbx_CC_star 
1 1 1.970 2.020  ? 9138 650 ? 2.872 ? ? ? 14.100 ? 0.400  ? ? ? ? ? ? 98.400 2.980 0.793 0.259 ? 
1 2 9.030 61.000 ? 1187 113 ? 0.053 ? ? ? 10.500 ? 51.600 ? ? ? ? ? ? 99.700 0.055 0.017 0.994 ? 
# 
_refine.entry_id                                 7GAI 
_refine.pdbx_refine_id                           'X-RAY DIFFRACTION' 
_refine.ls_d_res_high                            1.9700 
_refine.ls_d_res_low                             60.9800 
_refine.pdbx_ls_sigma_F                          0.000 
_refine.pdbx_data_cutoff_high_absF               ? 
_refine.pdbx_data_cutoff_low_absF                ? 
_refine.ls_percent_reflns_obs                    99.4100 
_refine.ls_number_reflns_obs                     9017 
_refine.ls_number_reflns_all                     ? 
_refine.pdbx_ls_cross_valid_method               THROUGHOUT 
_refine.ls_matrix_type                           ? 
_refine.pdbx_R_Free_selection_details            RANDOM 
_refine.details                                  
'HYDROGENS HAVE BEEN ADDED IN THE RIDING POSITIONS U VALUES      : REFINED INDIVIDUALLY' 
_refine.ls_R_factor_all                          ? 
_refine.ls_R_factor_obs                          0.2103 
_refine.ls_R_factor_R_work                       0.2074 
_refine.ls_wR_factor_R_work                      ? 
_refine.ls_R_factor_R_free                       0.2809 
_refine.ls_wR_factor_R_free                      ? 
_refine.ls_percent_reflns_R_free                 3.8000 
_refine.ls_number_reflns_R_free                  361 
_refine.ls_number_reflns_R_work                  ? 
_refine.ls_R_factor_R_free_error                 ? 
_refine.B_iso_mean                               62.2250 
_refine.solvent_model_param_bsol                 ? 
_refine.solvent_model_param_ksol                 ? 
_refine.pdbx_isotropic_thermal_model             ? 
_refine.aniso_B[1][1]                            -0.3500 
_refine.aniso_B[2][2]                            -0.3500 
_refine.aniso_B[3][3]                            0.7100 
_refine.aniso_B[1][2]                            0.0000 
_refine.aniso_B[1][3]                            0.0000 
_refine.aniso_B[2][3]                            0.0000 
_refine.correlation_coeff_Fo_to_Fc               0.9660 
_refine.correlation_coeff_Fo_to_Fc_free          0.9300 
_refine.overall_SU_R_Cruickshank_DPI             ? 
_refine.pdbx_overall_SU_R_free_Cruickshank_DPI   ? 
_refine.pdbx_overall_SU_R_Blow_DPI               ? 
_refine.pdbx_overall_SU_R_free_Blow_DPI          ? 
_refine.overall_SU_R_free                        ? 
_refine.pdbx_overall_ESU_R                       0.2390 
_refine.pdbx_overall_ESU_R_Free                  0.2120 
_refine.overall_SU_ML                            0.2610 
_refine.overall_SU_B                             10.2690 
_refine.solvent_model_details                    MASK 
_refine.pdbx_solvent_vdw_probe_radii             1.2000 
_refine.pdbx_solvent_ion_probe_radii             0.8000 
_refine.pdbx_solvent_shrinkage_radii             0.8000 
_refine.ls_number_parameters                     ? 
_refine.ls_number_restraints                     ? 
_refine.pdbx_starting_model                      8Q53 
_refine.pdbx_method_to_determine_struct          'FOURIER SYNTHESIS' 
_refine.pdbx_stereochemistry_target_values       'MAXIMUM LIKELIHOOD' 
_refine.pdbx_stereochem_target_val_spec_case     ? 
_refine.overall_FOM_work_R_set                   ? 
_refine.B_iso_max                                150.250 
_refine.B_iso_min                                36.290 
_refine.pdbx_overall_phase_error                 ? 
_refine.occupancy_max                            ? 
_refine.occupancy_min                            ? 
_refine.pdbx_diffrn_id                           1 
_refine.pdbx_TLS_residual_ADP_flag               ? 
_refine.pdbx_ls_sigma_I                          ? 
_refine.pdbx_data_cutoff_high_rms_absF           ? 
_refine.ls_R_factor_R_free_error_details         ? 
# 
_refine_hist.cycle_id                         final 
_refine_hist.pdbx_refine_id                   'X-RAY DIFFRACTION' 
_refine_hist.d_res_high                       1.9700 
_refine_hist.d_res_low                        60.9800 
_refine_hist.pdbx_number_atoms_ligand         47 
_refine_hist.number_atoms_solvent             93 
_refine_hist.number_atoms_total               1094 
_refine_hist.pdbx_number_residues_total       113 
_refine_hist.pdbx_B_iso_mean_ligand           90.67 
_refine_hist.pdbx_B_iso_mean_solvent          70.34 
_refine_hist.pdbx_number_atoms_protein        954 
_refine_hist.pdbx_number_atoms_nucleic_acid   0 
# 
loop_
_refine_ls_restr.pdbx_refine_id 
_refine_ls_restr.type 
_refine_ls_restr.number 
_refine_ls_restr.dev_ideal 
_refine_ls_restr.dev_ideal_target 
_refine_ls_restr.weight 
_refine_ls_restr.pdbx_restraint_function 
'X-RAY DIFFRACTION' r_bond_refined_d       1352 0.007  0.014  ? ? 
'X-RAY DIFFRACTION' r_bond_other_d         1225 0.001  0.014  ? ? 
'X-RAY DIFFRACTION' r_angle_refined_deg    1656 1.541  1.670  ? ? 
'X-RAY DIFFRACTION' r_angle_other_deg      2794 1.164  1.581  ? ? 
'X-RAY DIFFRACTION' r_dihedral_angle_1_deg 156  6.597  5.000  ? ? 
'X-RAY DIFFRACTION' r_dihedral_angle_2_deg 74   28.273 18.919 ? ? 
'X-RAY DIFFRACTION' r_dihedral_angle_3_deg 224  16.476 15.000 ? ? 
'X-RAY DIFFRACTION' r_dihedral_angle_4_deg 15   22.117 15.000 ? ? 
'X-RAY DIFFRACTION' r_chiral_restr         154  0.069  0.200  ? ? 
'X-RAY DIFFRACTION' r_gen_planes_refined   1431 0.006  0.020  ? ? 
'X-RAY DIFFRACTION' r_gen_planes_other     307  0.001  0.020  ? ? 
'X-RAY DIFFRACTION' r_mcbond_it            621  4.704  6.048  ? ? 
'X-RAY DIFFRACTION' r_mcbond_other         619  4.711  6.042  ? ? 
'X-RAY DIFFRACTION' r_mcangle_it           740  6.618  9.044  ? ? 
# 
_refine_ls_shell.d_res_high                       1.9710 
_refine_ls_shell.d_res_low                        2.0220 
_refine_ls_shell.pdbx_total_number_of_bins_used   20 
_refine_ls_shell.percent_reflns_obs               92.5200 
_refine_ls_shell.number_reflns_R_work             615 
_refine_ls_shell.R_factor_all                     ? 
_refine_ls_shell.R_factor_R_work                  0.3990 
_refine_ls_shell.R_factor_R_free                  0.5020 
_refine_ls_shell.percent_reflns_R_free            ? 
_refine_ls_shell.number_reflns_R_free             28 
_refine_ls_shell.R_factor_R_free_error            ? 
_refine_ls_shell.number_reflns_all                643 
_refine_ls_shell.number_reflns_obs                ? 
_refine_ls_shell.pdbx_refine_id                   'X-RAY DIFFRACTION' 
_refine_ls_shell.R_factor_obs                     ? 
# 
_struct.entry_id                  7GAI 
_struct.title                     'PanDDA analysis group deposition -- Crystal Structure of MAP1LC3B in complex with Z212122838' 
_struct.pdbx_model_details        ? 
_struct.pdbx_CASP_flag            ? 
_struct.pdbx_model_type_details   ? 
# 
_struct_keywords.entry_id        7GAI 
_struct_keywords.text            'SGC - Diamond I04-1 fragment screening, PanDDA, XChemExplorer, STRUCTURAL PROTEIN' 
_struct_keywords.pdbx_keywords   'STRUCTURAL PROTEIN' 
# 
loop_
_struct_asym.id 
_struct_asym.pdbx_blank_PDB_chainid_flag 
_struct_asym.pdbx_modified 
_struct_asym.entity_id 
_struct_asym.details 
A N N 1 ? 
B N N 2 ? 
C N N 3 ? 
D N N 3 ? 
E N N 3 ? 
F N N 3 ? 
G N N 3 ? 
H N N 3 ? 
I N N 3 ? 
J N N 3 ? 
K N N 4 ? 
L N N 5 ? 
# 
_struct_ref.id                         1 
_struct_ref.db_name                    UNP 
_struct_ref.db_code                    MLP3B_HUMAN 
_struct_ref.pdbx_db_accession          Q9GZQ8 
_struct_ref.pdbx_db_isoform            ? 
_struct_ref.entity_id                  1 
_struct_ref.pdbx_seq_one_letter_code   
;MPSEKTFKQRRTFEQRVEDVRLIREQHPTKIPVIIERYKGEKQLPVLDKTKFLVPDHVNMSELIKIIRRRLQLNANQAFF
LLVNGHSMVSVSTPISEVYESEKDEDGFLYMVYASQETFG
;
_struct_ref.pdbx_align_begin           1 
# 
_struct_ref_seq.align_id                      1 
_struct_ref_seq.ref_id                        1 
_struct_ref_seq.pdbx_PDB_id_code              7GAI 
_struct_ref_seq.pdbx_strand_id                A 
_struct_ref_seq.seq_align_beg                 2 
_struct_ref_seq.pdbx_seq_align_beg_ins_code   ? 
_struct_ref_seq.seq_align_end                 121 
_struct_ref_seq.pdbx_seq_align_end_ins_code   ? 
_struct_ref_seq.pdbx_db_accession             Q9GZQ8 
_struct_ref_seq.db_align_beg                  1 
_struct_ref_seq.pdbx_db_align_beg_ins_code    ? 
_struct_ref_seq.db_align_end                  120 
_struct_ref_seq.pdbx_db_align_end_ins_code    ? 
_struct_ref_seq.pdbx_auth_seq_align_beg       1 
_struct_ref_seq.pdbx_auth_seq_align_end       120 
# 
_struct_ref_seq_dif.align_id                     1 
_struct_ref_seq_dif.pdbx_pdb_id_code             7GAI 
_struct_ref_seq_dif.mon_id                       SER 
_struct_ref_seq_dif.pdbx_pdb_strand_id           A 
_struct_ref_seq_dif.seq_num                      1 
_struct_ref_seq_dif.pdbx_pdb_ins_code            ? 
_struct_ref_seq_dif.pdbx_seq_db_name             UNP 
_struct_ref_seq_dif.pdbx_seq_db_accession_code   Q9GZQ8 
_struct_ref_seq_dif.db_mon_id                    ? 
_struct_ref_seq_dif.pdbx_seq_db_seq_num          ? 
_struct_ref_seq_dif.details                      'expression tag' 
_struct_ref_seq_dif.pdbx_auth_seq_num            0 
_struct_ref_seq_dif.pdbx_ordinal                 1 
# 
_pdbx_struct_assembly.id                   1 
_pdbx_struct_assembly.details              author_and_software_defined_assembly 
_pdbx_struct_assembly.method_details       PISA 
_pdbx_struct_assembly.oligomeric_details   monomeric 
_pdbx_struct_assembly.oligomeric_count     1 
# 
_pdbx_struct_assembly_gen.assembly_id       1 
_pdbx_struct_assembly_gen.oper_expression   1 
_pdbx_struct_assembly_gen.asym_id_list      A,B,C,D,E,F,G,H,I,J,K,L 
# 
_pdbx_struct_oper_list.id                   1 
_pdbx_struct_oper_list.type                 'identity operation' 
_pdbx_struct_oper_list.name                 1_555 
_pdbx_struct_oper_list.symmetry_operation   x,y,z 
_pdbx_struct_oper_list.matrix[1][1]         1.0000000000 
_pdbx_struct_oper_list.matrix[1][2]         0.0000000000 
_pdbx_struct_oper_list.matrix[1][3]         0.0000000000 
_pdbx_struct_oper_list.vector[1]            0.0000000000 
_pdbx_struct_oper_list.matrix[2][1]         0.0000000000 
_pdbx_struct_oper_list.matrix[2][2]         1.0000000000 
_pdbx_struct_oper_list.matrix[2][3]         0.0000000000 
_pdbx_struct_oper_list.vector[2]            0.0000000000 
_pdbx_struct_oper_list.matrix[3][1]         0.0000000000 
_pdbx_struct_oper_list.matrix[3][2]         0.0000000000 
_pdbx_struct_oper_list.matrix[3][3]         1.0000000000 
_pdbx_struct_oper_list.vector[3]            0.0000000000 
# 
loop_
_struct_conf.conf_type_id 
_struct_conf.id 
_struct_conf.pdbx_PDB_helix_id 
_struct_conf.beg_label_comp_id 
_struct_conf.beg_label_asym_id 
_struct_conf.beg_label_seq_id 
_struct_conf.pdbx_beg_PDB_ins_code 
_struct_conf.end_label_comp_id 
_struct_conf.end_label_asym_id 
_struct_conf.end_label_seq_id 
_struct_conf.pdbx_end_PDB_ins_code 
_struct_conf.beg_auth_comp_id 
_struct_conf.beg_auth_asym_id 
_struct_conf.beg_auth_seq_id 
_struct_conf.end_auth_comp_id 
_struct_conf.end_auth_asym_id 
_struct_conf.end_auth_seq_id 
_struct_conf.pdbx_PDB_helix_class 
_struct_conf.details 
_struct_conf.pdbx_PDB_helix_length 
HELX_P HELX_P1 AA1 THR A 7  ? ARG A 12  ? THR A 6  ARG A 11  1 ? 6  
HELX_P HELX_P2 AA2 THR A 13 ? HIS A 28  ? THR A 12 HIS A 27  1 ? 16 
HELX_P HELX_P3 AA3 ASN A 60 ? LEU A 72  ? ASN A 59 LEU A 71  1 ? 13 
HELX_P HELX_P4 AA4 PRO A 95 ? LYS A 104 ? PRO A 94 LYS A 103 1 ? 10 
# 
_struct_conf_type.id          HELX_P 
_struct_conf_type.criteria    ? 
_struct_conf_type.reference   ? 
# 
_struct_sheet.id               AA1 
_struct_sheet.type             ? 
_struct_sheet.number_strands   5 
_struct_sheet.details          ? 
# 
loop_
_struct_sheet_order.sheet_id 
_struct_sheet_order.range_id_1 
_struct_sheet_order.range_id_2 
_struct_sheet_order.offset 
_struct_sheet_order.sense 
AA1 1 2 ? anti-parallel 
AA1 2 3 ? parallel      
AA1 3 4 ? anti-parallel 
AA1 4 5 ? anti-parallel 
# 
loop_
_struct_sheet_range.sheet_id 
_struct_sheet_range.id 
_struct_sheet_range.beg_label_comp_id 
_struct_sheet_range.beg_label_asym_id 
_struct_sheet_range.beg_label_seq_id 
_struct_sheet_range.pdbx_beg_PDB_ins_code 
_struct_sheet_range.end_label_comp_id 
_struct_sheet_range.end_label_asym_id 
_struct_sheet_range.end_label_seq_id 
_struct_sheet_range.pdbx_end_PDB_ins_code 
_struct_sheet_range.beg_auth_comp_id 
_struct_sheet_range.beg_auth_asym_id 
_struct_sheet_range.beg_auth_seq_id 
_struct_sheet_range.end_auth_comp_id 
_struct_sheet_range.end_auth_asym_id 
_struct_sheet_range.end_auth_seq_id 
AA1 1 LYS A 52  ? PRO A 56  ? LYS A 51  PRO A 55  
AA1 2 LYS A 31  ? ARG A 38  ? LYS A 30  ARG A 37  
AA1 3 LEU A 110 ? ALA A 115 ? LEU A 109 ALA A 114 
AA1 4 PHE A 81  ? VAL A 84  ? PHE A 80  VAL A 83  
AA1 5 HIS A 87  ? SER A 88  ? HIS A 86  SER A 87  
# 
loop_
_pdbx_struct_sheet_hbond.sheet_id 
_pdbx_struct_sheet_hbond.range_id_1 
_pdbx_struct_sheet_hbond.range_id_2 
_pdbx_struct_sheet_hbond.range_1_label_atom_id 
_pdbx_struct_sheet_hbond.range_1_label_comp_id 
_pdbx_struct_sheet_hbond.range_1_label_asym_id 
_pdbx_struct_sheet_hbond.range_1_label_seq_id 
_pdbx_struct_sheet_hbond.range_1_PDB_ins_code 
_pdbx_struct_sheet_hbond.range_1_auth_atom_id 
_pdbx_struct_sheet_hbond.range_1_auth_comp_id 
_pdbx_struct_sheet_hbond.range_1_auth_asym_id 
_pdbx_struct_sheet_hbond.range_1_auth_seq_id 
_pdbx_struct_sheet_hbond.range_2_label_atom_id 
_pdbx_struct_sheet_hbond.range_2_label_comp_id 
_pdbx_struct_sheet_hbond.range_2_label_asym_id 
_pdbx_struct_sheet_hbond.range_2_label_seq_id 
_pdbx_struct_sheet_hbond.range_2_PDB_ins_code 
_pdbx_struct_sheet_hbond.range_2_auth_atom_id 
_pdbx_struct_sheet_hbond.range_2_auth_comp_id 
_pdbx_struct_sheet_hbond.range_2_auth_asym_id 
_pdbx_struct_sheet_hbond.range_2_auth_seq_id 
AA1 1 2 O PHE A 53  ? O PHE A 52  N VAL A 34  ? N VAL A 33  
AA1 2 3 N ILE A 35  ? N ILE A 34  O MET A 112 ? O MET A 111 
AA1 3 4 O VAL A 113 ? O VAL A 112 N LEU A 83  ? N LEU A 82  
AA1 4 5 N VAL A 84  ? N VAL A 83  O HIS A 87  ? O HIS A 86  
# 
_pdbx_entry_details.entry_id                   7GAI 
_pdbx_entry_details.compound_details           ? 
_pdbx_entry_details.source_details             ? 
_pdbx_entry_details.nonpolymer_details         ? 
_pdbx_entry_details.sequence_details           ? 
_pdbx_entry_details.has_ligand_of_interest     Y 
_pdbx_entry_details.has_protein_modification   ? 
# 
loop_
_pdbx_validate_close_contact.id 
_pdbx_validate_close_contact.PDB_model_num 
_pdbx_validate_close_contact.auth_atom_id_1 
_pdbx_validate_close_contact.auth_asym_id_1 
_pdbx_validate_close_contact.auth_comp_id_1 
_pdbx_validate_close_contact.auth_seq_id_1 
_pdbx_validate_close_contact.PDB_ins_code_1 
_pdbx_validate_close_contact.label_alt_id_1 
_pdbx_validate_close_contact.auth_atom_id_2 
_pdbx_validate_close_contact.auth_asym_id_2 
_pdbx_validate_close_contact.auth_comp_id_2 
_pdbx_validate_close_contact.auth_seq_id_2 
_pdbx_validate_close_contact.PDB_ins_code_2 
_pdbx_validate_close_contact.label_alt_id_2 
_pdbx_validate_close_contact.dist 
1 1 OG1 A THR 6   ? ? O A HOH 301 ? ? 1.71 
2 1 O   A HOH 314 ? ? O A HOH 347 ? ? 1.93 
3 1 O   A HOH 349 ? ? O A HOH 357 ? ? 2.09 
4 1 NZ  A LYS 8   ? ? O A HOH 302 ? ? 2.09 
5 1 O   A HOH 335 ? ? O A HOH 353 ? ? 2.11 
6 1 O   A HOH 308 ? ? O A HOH 375 ? ? 2.13 
7 1 OE2 A GLU 97  ? ? O A HOH 303 ? ? 2.18 
# 
_pdbx_validate_symm_contact.id                1 
_pdbx_validate_symm_contact.PDB_model_num     1 
_pdbx_validate_symm_contact.auth_atom_id_1    O 
_pdbx_validate_symm_contact.auth_asym_id_1    A 
_pdbx_validate_symm_contact.auth_comp_id_1    HOH 
_pdbx_validate_symm_contact.auth_seq_id_1     368 
_pdbx_validate_symm_contact.PDB_ins_code_1    ? 
_pdbx_validate_symm_contact.label_alt_id_1    ? 
_pdbx_validate_symm_contact.site_symmetry_1   1_555 
_pdbx_validate_symm_contact.auth_atom_id_2    O 
_pdbx_validate_symm_contact.auth_asym_id_2    A 
_pdbx_validate_symm_contact.auth_comp_id_2    HOH 
_pdbx_validate_symm_contact.auth_seq_id_2     380 
_pdbx_validate_symm_contact.PDB_ins_code_2    ? 
_pdbx_validate_symm_contact.label_alt_id_2    ? 
_pdbx_validate_symm_contact.site_symmetry_2   1_554 
_pdbx_validate_symm_contact.dist              2.17 
# 
_phasing.method   MR 
# 
loop_
_pdbx_unobs_or_zero_occ_residues.id 
_pdbx_unobs_or_zero_occ_residues.PDB_model_num 
_pdbx_unobs_or_zero_occ_residues.polymer_flag 
_pdbx_unobs_or_zero_occ_residues.occupancy_flag 
_pdbx_unobs_or_zero_occ_residues.auth_asym_id 
_pdbx_unobs_or_zero_occ_residues.auth_comp_id 
_pdbx_unobs_or_zero_occ_residues.auth_seq_id 
_pdbx_unobs_or_zero_occ_residues.PDB_ins_code 
_pdbx_unobs_or_zero_occ_residues.label_asym_id 
_pdbx_unobs_or_zero_occ_residues.label_comp_id 
_pdbx_unobs_or_zero_occ_residues.label_seq_id 
1 1 Y 1 A SER 0   ? A SER 1   
2 1 Y 1 A MET 1   ? A MET 2   
3 1 Y 1 A PRO 2   ? A PRO 3   
4 1 Y 1 A SER 3   ? A SER 4   
5 1 Y 1 A GLU 4   ? A GLU 5   
6 1 Y 1 A GLY 120 ? A GLY 121 
# 
loop_
_chem_comp_atom.comp_id 
_chem_comp_atom.atom_id 
_chem_comp_atom.type_symbol 
_chem_comp_atom.pdbx_aromatic_flag 
_chem_comp_atom.pdbx_stereo_config 
_chem_comp_atom.pdbx_ordinal 
ALA N    N  N N 1   
ALA CA   C  N S 2   
ALA C    C  N N 3   
ALA O    O  N N 4   
ALA CB   C  N N 5   
ALA OXT  O  N N 6   
ALA H    H  N N 7   
ALA H2   H  N N 8   
ALA HA   H  N N 9   
ALA HB1  H  N N 10  
ALA HB2  H  N N 11  
ALA HB3  H  N N 12  
ALA HXT  H  N N 13  
ARG N    N  N N 14  
ARG CA   C  N S 15  
ARG C    C  N N 16  
ARG O    O  N N 17  
ARG CB   C  N N 18  
ARG CG   C  N N 19  
ARG CD   C  N N 20  
ARG NE   N  N N 21  
ARG CZ   C  N N 22  
ARG NH1  N  N N 23  
ARG NH2  N  N N 24  
ARG OXT  O  N N 25  
ARG H    H  N N 26  
ARG H2   H  N N 27  
ARG HA   H  N N 28  
ARG HB2  H  N N 29  
ARG HB3  H  N N 30  
ARG HG2  H  N N 31  
ARG HG3  H  N N 32  
ARG HD2  H  N N 33  
ARG HD3  H  N N 34  
ARG HE   H  N N 35  
ARG HH11 H  N N 36  
ARG HH12 H  N N 37  
ARG HH21 H  N N 38  
ARG HH22 H  N N 39  
ARG HXT  H  N N 40  
ASN N    N  N N 41  
ASN CA   C  N S 42  
ASN C    C  N N 43  
ASN O    O  N N 44  
ASN CB   C  N N 45  
ASN CG   C  N N 46  
ASN OD1  O  N N 47  
ASN ND2  N  N N 48  
ASN OXT  O  N N 49  
ASN H    H  N N 50  
ASN H2   H  N N 51  
ASN HA   H  N N 52  
ASN HB2  H  N N 53  
ASN HB3  H  N N 54  
ASN HD21 H  N N 55  
ASN HD22 H  N N 56  
ASN HXT  H  N N 57  
ASP N    N  N N 58  
ASP CA   C  N S 59  
ASP C    C  N N 60  
ASP O    O  N N 61  
ASP CB   C  N N 62  
ASP CG   C  N N 63  
ASP OD1  O  N N 64  
ASP OD2  O  N N 65  
ASP OXT  O  N N 66  
ASP H    H  N N 67  
ASP H2   H  N N 68  
ASP HA   H  N N 69  
ASP HB2  H  N N 70  
ASP HB3  H  N N 71  
ASP HD2  H  N N 72  
ASP HXT  H  N N 73  
CL  CL   CL N N 74  
EDO C1   C  N N 75  
EDO O1   O  N N 76  
EDO C2   C  N N 77  
EDO O2   O  N N 78  
EDO H11  H  N N 79  
EDO H12  H  N N 80  
EDO HO1  H  N N 81  
EDO H21  H  N N 82  
EDO H22  H  N N 83  
EDO HO2  H  N N 84  
GLN N    N  N N 85  
GLN CA   C  N S 86  
GLN C    C  N N 87  
GLN O    O  N N 88  
GLN CB   C  N N 89  
GLN CG   C  N N 90  
GLN CD   C  N N 91  
GLN OE1  O  N N 92  
GLN NE2  N  N N 93  
GLN OXT  O  N N 94  
GLN H    H  N N 95  
GLN H2   H  N N 96  
GLN HA   H  N N 97  
GLN HB2  H  N N 98  
GLN HB3  H  N N 99  
GLN HG2  H  N N 100 
GLN HG3  H  N N 101 
GLN HE21 H  N N 102 
GLN HE22 H  N N 103 
GLN HXT  H  N N 104 
GLU N    N  N N 105 
GLU CA   C  N S 106 
GLU C    C  N N 107 
GLU O    O  N N 108 
GLU CB   C  N N 109 
GLU CG   C  N N 110 
GLU CD   C  N N 111 
GLU OE1  O  N N 112 
GLU OE2  O  N N 113 
GLU OXT  O  N N 114 
GLU H    H  N N 115 
GLU H2   H  N N 116 
GLU HA   H  N N 117 
GLU HB2  H  N N 118 
GLU HB3  H  N N 119 
GLU HG2  H  N N 120 
GLU HG3  H  N N 121 
GLU HE2  H  N N 122 
GLU HXT  H  N N 123 
GLY N    N  N N 124 
GLY CA   C  N N 125 
GLY C    C  N N 126 
GLY O    O  N N 127 
GLY OXT  O  N N 128 
GLY H    H  N N 129 
GLY H2   H  N N 130 
GLY HA2  H  N N 131 
GLY HA3  H  N N 132 
GLY HXT  H  N N 133 
HIS N    N  N N 134 
HIS CA   C  N S 135 
HIS C    C  N N 136 
HIS O    O  N N 137 
HIS CB   C  N N 138 
HIS CG   C  Y N 139 
HIS ND1  N  Y N 140 
HIS CD2  C  Y N 141 
HIS CE1  C  Y N 142 
HIS NE2  N  Y N 143 
HIS OXT  O  N N 144 
HIS H    H  N N 145 
HIS H2   H  N N 146 
HIS HA   H  N N 147 
HIS HB2  H  N N 148 
HIS HB3  H  N N 149 
HIS HD1  H  N N 150 
HIS HD2  H  N N 151 
HIS HE1  H  N N 152 
HIS HE2  H  N N 153 
HIS HXT  H  N N 154 
HOH O    O  N N 155 
HOH H1   H  N N 156 
HOH H2   H  N N 157 
ILE N    N  N N 158 
ILE CA   C  N S 159 
ILE C    C  N N 160 
ILE O    O  N N 161 
ILE CB   C  N S 162 
ILE CG1  C  N N 163 
ILE CG2  C  N N 164 
ILE CD1  C  N N 165 
ILE OXT  O  N N 166 
ILE H    H  N N 167 
ILE H2   H  N N 168 
ILE HA   H  N N 169 
ILE HB   H  N N 170 
ILE HG12 H  N N 171 
ILE HG13 H  N N 172 
ILE HG21 H  N N 173 
ILE HG22 H  N N 174 
ILE HG23 H  N N 175 
ILE HD11 H  N N 176 
ILE HD12 H  N N 177 
ILE HD13 H  N N 178 
ILE HXT  H  N N 179 
K9N N1   N  N N 180 
K9N C4   C  Y N 181 
K9N C5   C  N N 182 
K9N C6   C  N N 183 
K9N C7   C  N N 184 
K9N C8   C  N N 185 
K9N C10  C  N N 186 
K9N C1   C  N N 187 
K9N C2   C  Y N 188 
K9N C3   C  Y N 189 
K9N C9   C  N N 190 
K9N N2   N  Y N 191 
K9N O1   O  N N 192 
K9N S1   S  Y N 193 
K9N H7   H  N N 194 
K9N H6   H  N N 195 
K9N H5   H  N N 196 
K9N H8   H  N N 197 
K9N H9   H  N N 198 
K9N H10  H  N N 199 
K9N H13  H  N N 200 
K9N H14  H  N N 201 
K9N H1   H  N N 202 
K9N H2   H  N N 203 
K9N H3   H  N N 204 
K9N H4   H  N N 205 
K9N H11  H  N N 206 
K9N H12  H  N N 207 
LEU N    N  N N 208 
LEU CA   C  N S 209 
LEU C    C  N N 210 
LEU O    O  N N 211 
LEU CB   C  N N 212 
LEU CG   C  N N 213 
LEU CD1  C  N N 214 
LEU CD2  C  N N 215 
LEU OXT  O  N N 216 
LEU H    H  N N 217 
LEU H2   H  N N 218 
LEU HA   H  N N 219 
LEU HB2  H  N N 220 
LEU HB3  H  N N 221 
LEU HG   H  N N 222 
LEU HD11 H  N N 223 
LEU HD12 H  N N 224 
LEU HD13 H  N N 225 
LEU HD21 H  N N 226 
LEU HD22 H  N N 227 
LEU HD23 H  N N 228 
LEU HXT  H  N N 229 
LYS N    N  N N 230 
LYS CA   C  N S 231 
LYS C    C  N N 232 
LYS O    O  N N 233 
LYS CB   C  N N 234 
LYS CG   C  N N 235 
LYS CD   C  N N 236 
LYS CE   C  N N 237 
LYS NZ   N  N N 238 
LYS OXT  O  N N 239 
LYS H    H  N N 240 
LYS H2   H  N N 241 
LYS HA   H  N N 242 
LYS HB2  H  N N 243 
LYS HB3  H  N N 244 
LYS HG2  H  N N 245 
LYS HG3  H  N N 246 
LYS HD2  H  N N 247 
LYS HD3  H  N N 248 
LYS HE2  H  N N 249 
LYS HE3  H  N N 250 
LYS HZ1  H  N N 251 
LYS HZ2  H  N N 252 
LYS HZ3  H  N N 253 
LYS HXT  H  N N 254 
MET N    N  N N 255 
MET CA   C  N S 256 
MET C    C  N N 257 
MET O    O  N N 258 
MET CB   C  N N 259 
MET CG   C  N N 260 
MET SD   S  N N 261 
MET CE   C  N N 262 
MET OXT  O  N N 263 
MET H    H  N N 264 
MET H2   H  N N 265 
MET HA   H  N N 266 
MET HB2  H  N N 267 
MET HB3  H  N N 268 
MET HG2  H  N N 269 
MET HG3  H  N N 270 
MET HE1  H  N N 271 
MET HE2  H  N N 272 
MET HE3  H  N N 273 
MET HXT  H  N N 274 
PHE N    N  N N 275 
PHE CA   C  N S 276 
PHE C    C  N N 277 
PHE O    O  N N 278 
PHE CB   C  N N 279 
PHE CG   C  Y N 280 
PHE CD1  C  Y N 281 
PHE CD2  C  Y N 282 
PHE CE1  C  Y N 283 
PHE CE2  C  Y N 284 
PHE CZ   C  Y N 285 
PHE OXT  O  N N 286 
PHE H    H  N N 287 
PHE H2   H  N N 288 
PHE HA   H  N N 289 
PHE HB2  H  N N 290 
PHE HB3  H  N N 291 
PHE HD1  H  N N 292 
PHE HD2  H  N N 293 
PHE HE1  H  N N 294 
PHE HE2  H  N N 295 
PHE HZ   H  N N 296 
PHE HXT  H  N N 297 
PRO N    N  N N 298 
PRO CA   C  N S 299 
PRO C    C  N N 300 
PRO O    O  N N 301 
PRO CB   C  N N 302 
PRO CG   C  N N 303 
PRO CD   C  N N 304 
PRO OXT  O  N N 305 
PRO H    H  N N 306 
PRO HA   H  N N 307 
PRO HB2  H  N N 308 
PRO HB3  H  N N 309 
PRO HG2  H  N N 310 
PRO HG3  H  N N 311 
PRO HD2  H  N N 312 
PRO HD3  H  N N 313 
PRO HXT  H  N N 314 
SER N    N  N N 315 
SER CA   C  N S 316 
SER C    C  N N 317 
SER O    O  N N 318 
SER CB   C  N N 319 
SER OG   O  N N 320 
SER OXT  O  N N 321 
SER H    H  N N 322 
SER H2   H  N N 323 
SER HA   H  N N 324 
SER HB2  H  N N 325 
SER HB3  H  N N 326 
SER HG   H  N N 327 
SER HXT  H  N N 328 
THR N    N  N N 329 
THR CA   C  N S 330 
THR C    C  N N 331 
THR O    O  N N 332 
THR CB   C  N R 333 
THR OG1  O  N N 334 
THR CG2  C  N N 335 
THR OXT  O  N N 336 
THR H    H  N N 337 
THR H2   H  N N 338 
THR HA   H  N N 339 
THR HB   H  N N 340 
THR HG1  H  N N 341 
THR HG21 H  N N 342 
THR HG22 H  N N 343 
THR HG23 H  N N 344 
THR HXT  H  N N 345 
TYR N    N  N N 346 
TYR CA   C  N S 347 
TYR C    C  N N 348 
TYR O    O  N N 349 
TYR CB   C  N N 350 
TYR CG   C  Y N 351 
TYR CD1  C  Y N 352 
TYR CD2  C  Y N 353 
TYR CE1  C  Y N 354 
TYR CE2  C  Y N 355 
TYR CZ   C  Y N 356 
TYR OH   O  N N 357 
TYR OXT  O  N N 358 
TYR H    H  N N 359 
TYR H2   H  N N 360 
TYR HA   H  N N 361 
TYR HB2  H  N N 362 
TYR HB3  H  N N 363 
TYR HD1  H  N N 364 
TYR HD2  H  N N 365 
TYR HE1  H  N N 366 
TYR HE2  H  N N 367 
TYR HH   H  N N 368 
TYR HXT  H  N N 369 
VAL N    N  N N 370 
VAL CA   C  N S 371 
VAL C    C  N N 372 
VAL O    O  N N 373 
VAL CB   C  N N 374 
VAL CG1  C  N N 375 
VAL CG2  C  N N 376 
VAL OXT  O  N N 377 
VAL H    H  N N 378 
VAL H2   H  N N 379 
VAL HA   H  N N 380 
VAL HB   H  N N 381 
VAL HG11 H  N N 382 
VAL HG12 H  N N 383 
VAL HG13 H  N N 384 
VAL HG21 H  N N 385 
VAL HG22 H  N N 386 
VAL HG23 H  N N 387 
VAL HXT  H  N N 388 
# 
loop_
_chem_comp_bond.comp_id 
_chem_comp_bond.atom_id_1 
_chem_comp_bond.atom_id_2 
_chem_comp_bond.value_order 
_chem_comp_bond.pdbx_aromatic_flag 
_chem_comp_bond.pdbx_stereo_config 
_chem_comp_bond.pdbx_ordinal 
ALA N   CA   sing N N 1   
ALA N   H    sing N N 2   
ALA N   H2   sing N N 3   
ALA CA  C    sing N N 4   
ALA CA  CB   sing N N 5   
ALA CA  HA   sing N N 6   
ALA C   O    doub N N 7   
ALA C   OXT  sing N N 8   
ALA CB  HB1  sing N N 9   
ALA CB  HB2  sing N N 10  
ALA CB  HB3  sing N N 11  
ALA OXT HXT  sing N N 12  
ARG N   CA   sing N N 13  
ARG N   H    sing N N 14  
ARG N   H2   sing N N 15  
ARG CA  C    sing N N 16  
ARG CA  CB   sing N N 17  
ARG CA  HA   sing N N 18  
ARG C   O    doub N N 19  
ARG C   OXT  sing N N 20  
ARG CB  CG   sing N N 21  
ARG CB  HB2  sing N N 22  
ARG CB  HB3  sing N N 23  
ARG CG  CD   sing N N 24  
ARG CG  HG2  sing N N 25  
ARG CG  HG3  sing N N 26  
ARG CD  NE   sing N N 27  
ARG CD  HD2  sing N N 28  
ARG CD  HD3  sing N N 29  
ARG NE  CZ   sing N N 30  
ARG NE  HE   sing N N 31  
ARG CZ  NH1  sing N N 32  
ARG CZ  NH2  doub N N 33  
ARG NH1 HH11 sing N N 34  
ARG NH1 HH12 sing N N 35  
ARG NH2 HH21 sing N N 36  
ARG NH2 HH22 sing N N 37  
ARG OXT HXT  sing N N 38  
ASN N   CA   sing N N 39  
ASN N   H    sing N N 40  
ASN N   H2   sing N N 41  
ASN CA  C    sing N N 42  
ASN CA  CB   sing N N 43  
ASN CA  HA   sing N N 44  
ASN C   O    doub N N 45  
ASN C   OXT  sing N N 46  
ASN CB  CG   sing N N 47  
ASN CB  HB2  sing N N 48  
ASN CB  HB3  sing N N 49  
ASN CG  OD1  doub N N 50  
ASN CG  ND2  sing N N 51  
ASN ND2 HD21 sing N N 52  
ASN ND2 HD22 sing N N 53  
ASN OXT HXT  sing N N 54  
ASP N   CA   sing N N 55  
ASP N   H    sing N N 56  
ASP N   H2   sing N N 57  
ASP CA  C    sing N N 58  
ASP CA  CB   sing N N 59  
ASP CA  HA   sing N N 60  
ASP C   O    doub N N 61  
ASP C   OXT  sing N N 62  
ASP CB  CG   sing N N 63  
ASP CB  HB2  sing N N 64  
ASP CB  HB3  sing N N 65  
ASP CG  OD1  doub N N 66  
ASP CG  OD2  sing N N 67  
ASP OD2 HD2  sing N N 68  
ASP OXT HXT  sing N N 69  
EDO C1  O1   sing N N 70  
EDO C1  C2   sing N N 71  
EDO C1  H11  sing N N 72  
EDO C1  H12  sing N N 73  
EDO O1  HO1  sing N N 74  
EDO C2  O2   sing N N 75  
EDO C2  H21  sing N N 76  
EDO C2  H22  sing N N 77  
EDO O2  HO2  sing N N 78  
GLN N   CA   sing N N 79  
GLN N   H    sing N N 80  
GLN N   H2   sing N N 81  
GLN CA  C    sing N N 82  
GLN CA  CB   sing N N 83  
GLN CA  HA   sing N N 84  
GLN C   O    doub N N 85  
GLN C   OXT  sing N N 86  
GLN CB  CG   sing N N 87  
GLN CB  HB2  sing N N 88  
GLN CB  HB3  sing N N 89  
GLN CG  CD   sing N N 90  
GLN CG  HG2  sing N N 91  
GLN CG  HG3  sing N N 92  
GLN CD  OE1  doub N N 93  
GLN CD  NE2  sing N N 94  
GLN NE2 HE21 sing N N 95  
GLN NE2 HE22 sing N N 96  
GLN OXT HXT  sing N N 97  
GLU N   CA   sing N N 98  
GLU N   H    sing N N 99  
GLU N   H2   sing N N 100 
GLU CA  C    sing N N 101 
GLU CA  CB   sing N N 102 
GLU CA  HA   sing N N 103 
GLU C   O    doub N N 104 
GLU C   OXT  sing N N 105 
GLU CB  CG   sing N N 106 
GLU CB  HB2  sing N N 107 
GLU CB  HB3  sing N N 108 
GLU CG  CD   sing N N 109 
GLU CG  HG2  sing N N 110 
GLU CG  HG3  sing N N 111 
GLU CD  OE1  doub N N 112 
GLU CD  OE2  sing N N 113 
GLU OE2 HE2  sing N N 114 
GLU OXT HXT  sing N N 115 
GLY N   CA   sing N N 116 
GLY N   H    sing N N 117 
GLY N   H2   sing N N 118 
GLY CA  C    sing N N 119 
GLY CA  HA2  sing N N 120 
GLY CA  HA3  sing N N 121 
GLY C   O    doub N N 122 
GLY C   OXT  sing N N 123 
GLY OXT HXT  sing N N 124 
HIS N   CA   sing N N 125 
HIS N   H    sing N N 126 
HIS N   H2   sing N N 127 
HIS CA  C    sing N N 128 
HIS CA  CB   sing N N 129 
HIS CA  HA   sing N N 130 
HIS C   O    doub N N 131 
HIS C   OXT  sing N N 132 
HIS CB  CG   sing N N 133 
HIS CB  HB2  sing N N 134 
HIS CB  HB3  sing N N 135 
HIS CG  ND1  sing Y N 136 
HIS CG  CD2  doub Y N 137 
HIS ND1 CE1  doub Y N 138 
HIS ND1 HD1  sing N N 139 
HIS CD2 NE2  sing Y N 140 
HIS CD2 HD2  sing N N 141 
HIS CE1 NE2  sing Y N 142 
HIS CE1 HE1  sing N N 143 
HIS NE2 HE2  sing N N 144 
HIS OXT HXT  sing N N 145 
HOH O   H1   sing N N 146 
HOH O   H2   sing N N 147 
ILE N   CA   sing N N 148 
ILE N   H    sing N N 149 
ILE N   H2   sing N N 150 
ILE CA  C    sing N N 151 
ILE CA  CB   sing N N 152 
ILE CA  HA   sing N N 153 
ILE C   O    doub N N 154 
ILE C   OXT  sing N N 155 
ILE CB  CG1  sing N N 156 
ILE CB  CG2  sing N N 157 
ILE CB  HB   sing N N 158 
ILE CG1 CD1  sing N N 159 
ILE CG1 HG12 sing N N 160 
ILE CG1 HG13 sing N N 161 
ILE CG2 HG21 sing N N 162 
ILE CG2 HG22 sing N N 163 
ILE CG2 HG23 sing N N 164 
ILE CD1 HD11 sing N N 165 
ILE CD1 HD12 sing N N 166 
ILE CD1 HD13 sing N N 167 
ILE OXT HXT  sing N N 168 
K9N C1  C2   sing N N 169 
K9N C2  C3   doub Y N 170 
K9N C3  S1   sing Y N 171 
K9N S1  C4   sing Y N 172 
K9N C4  C5   sing N N 173 
K9N C5  N1   sing N N 174 
K9N N1  C6   sing N N 175 
K9N C6  O1   doub N N 176 
K9N C6  C7   sing N N 177 
K9N C7  C8   sing N N 178 
K9N C8  C9   sing N N 179 
K9N C9  C10  sing N N 180 
K9N C4  N2   doub Y N 181 
K9N C2  N2   sing Y N 182 
K9N C7  C10  sing N N 183 
K9N N1  H7   sing N N 184 
K9N C5  H6   sing N N 185 
K9N C5  H5   sing N N 186 
K9N C7  H8   sing N N 187 
K9N C8  H9   sing N N 188 
K9N C8  H10  sing N N 189 
K9N C10 H13  sing N N 190 
K9N C10 H14  sing N N 191 
K9N C1  H1   sing N N 192 
K9N C1  H2   sing N N 193 
K9N C1  H3   sing N N 194 
K9N C3  H4   sing N N 195 
K9N C9  H11  sing N N 196 
K9N C9  H12  sing N N 197 
LEU N   CA   sing N N 198 
LEU N   H    sing N N 199 
LEU N   H2   sing N N 200 
LEU CA  C    sing N N 201 
LEU CA  CB   sing N N 202 
LEU CA  HA   sing N N 203 
LEU C   O    doub N N 204 
LEU C   OXT  sing N N 205 
LEU CB  CG   sing N N 206 
LEU CB  HB2  sing N N 207 
LEU CB  HB3  sing N N 208 
LEU CG  CD1  sing N N 209 
LEU CG  CD2  sing N N 210 
LEU CG  HG   sing N N 211 
LEU CD1 HD11 sing N N 212 
LEU CD1 HD12 sing N N 213 
LEU CD1 HD13 sing N N 214 
LEU CD2 HD21 sing N N 215 
LEU CD2 HD22 sing N N 216 
LEU CD2 HD23 sing N N 217 
LEU OXT HXT  sing N N 218 
LYS N   CA   sing N N 219 
LYS N   H    sing N N 220 
LYS N   H2   sing N N 221 
LYS CA  C    sing N N 222 
LYS CA  CB   sing N N 223 
LYS CA  HA   sing N N 224 
LYS C   O    doub N N 225 
LYS C   OXT  sing N N 226 
LYS CB  CG   sing N N 227 
LYS CB  HB2  sing N N 228 
LYS CB  HB3  sing N N 229 
LYS CG  CD   sing N N 230 
LYS CG  HG2  sing N N 231 
LYS CG  HG3  sing N N 232 
LYS CD  CE   sing N N 233 
LYS CD  HD2  sing N N 234 
LYS CD  HD3  sing N N 235 
LYS CE  NZ   sing N N 236 
LYS CE  HE2  sing N N 237 
LYS CE  HE3  sing N N 238 
LYS NZ  HZ1  sing N N 239 
LYS NZ  HZ2  sing N N 240 
LYS NZ  HZ3  sing N N 241 
LYS OXT HXT  sing N N 242 
MET N   CA   sing N N 243 
MET N   H    sing N N 244 
MET N   H2   sing N N 245 
MET CA  C    sing N N 246 
MET CA  CB   sing N N 247 
MET CA  HA   sing N N 248 
MET C   O    doub N N 249 
MET C   OXT  sing N N 250 
MET CB  CG   sing N N 251 
MET CB  HB2  sing N N 252 
MET CB  HB3  sing N N 253 
MET CG  SD   sing N N 254 
MET CG  HG2  sing N N 255 
MET CG  HG3  sing N N 256 
MET SD  CE   sing N N 257 
MET CE  HE1  sing N N 258 
MET CE  HE2  sing N N 259 
MET CE  HE3  sing N N 260 
MET OXT HXT  sing N N 261 
PHE N   CA   sing N N 262 
PHE N   H    sing N N 263 
PHE N   H2   sing N N 264 
PHE CA  C    sing N N 265 
PHE CA  CB   sing N N 266 
PHE CA  HA   sing N N 267 
PHE C   O    doub N N 268 
PHE C   OXT  sing N N 269 
PHE CB  CG   sing N N 270 
PHE CB  HB2  sing N N 271 
PHE CB  HB3  sing N N 272 
PHE CG  CD1  doub Y N 273 
PHE CG  CD2  sing Y N 274 
PHE CD1 CE1  sing Y N 275 
PHE CD1 HD1  sing N N 276 
PHE CD2 CE2  doub Y N 277 
PHE CD2 HD2  sing N N 278 
PHE CE1 CZ   doub Y N 279 
PHE CE1 HE1  sing N N 280 
PHE CE2 CZ   sing Y N 281 
PHE CE2 HE2  sing N N 282 
PHE CZ  HZ   sing N N 283 
PHE OXT HXT  sing N N 284 
PRO N   CA   sing N N 285 
PRO N   CD   sing N N 286 
PRO N   H    sing N N 287 
PRO CA  C    sing N N 288 
PRO CA  CB   sing N N 289 
PRO CA  HA   sing N N 290 
PRO C   O    doub N N 291 
PRO C   OXT  sing N N 292 
PRO CB  CG   sing N N 293 
PRO CB  HB2  sing N N 294 
PRO CB  HB3  sing N N 295 
PRO CG  CD   sing N N 296 
PRO CG  HG2  sing N N 297 
PRO CG  HG3  sing N N 298 
PRO CD  HD2  sing N N 299 
PRO CD  HD3  sing N N 300 
PRO OXT HXT  sing N N 301 
SER N   CA   sing N N 302 
SER N   H    sing N N 303 
SER N   H2   sing N N 304 
SER CA  C    sing N N 305 
SER CA  CB   sing N N 306 
SER CA  HA   sing N N 307 
SER C   O    doub N N 308 
SER C   OXT  sing N N 309 
SER CB  OG   sing N N 310 
SER CB  HB2  sing N N 311 
SER CB  HB3  sing N N 312 
SER OG  HG   sing N N 313 
SER OXT HXT  sing N N 314 
THR N   CA   sing N N 315 
THR N   H    sing N N 316 
THR N   H2   sing N N 317 
THR CA  C    sing N N 318 
THR CA  CB   sing N N 319 
THR CA  HA   sing N N 320 
THR C   O    doub N N 321 
THR C   OXT  sing N N 322 
THR CB  OG1  sing N N 323 
THR CB  CG2  sing N N 324 
THR CB  HB   sing N N 325 
THR OG1 HG1  sing N N 326 
THR CG2 HG21 sing N N 327 
THR CG2 HG22 sing N N 328 
THR CG2 HG23 sing N N 329 
THR OXT HXT  sing N N 330 
TYR N   CA   sing N N 331 
TYR N   H    sing N N 332 
TYR N   H2   sing N N 333 
TYR CA  C    sing N N 334 
TYR CA  CB   sing N N 335 
TYR CA  HA   sing N N 336 
TYR C   O    doub N N 337 
TYR C   OXT  sing N N 338 
TYR CB  CG   sing N N 339 
TYR CB  HB2  sing N N 340 
TYR CB  HB3  sing N N 341 
TYR CG  CD1  doub Y N 342 
TYR CG  CD2  sing Y N 343 
TYR CD1 CE1  sing Y N 344 
TYR CD1 HD1  sing N N 345 
TYR CD2 CE2  doub Y N 346 
TYR CD2 HD2  sing N N 347 
TYR CE1 CZ   doub Y N 348 
TYR CE1 HE1  sing N N 349 
TYR CE2 CZ   sing Y N 350 
TYR CE2 HE2  sing N N 351 
TYR CZ  OH   sing N N 352 
TYR OH  HH   sing N N 353 
TYR OXT HXT  sing N N 354 
VAL N   CA   sing N N 355 
VAL N   H    sing N N 356 
VAL N   H2   sing N N 357 
VAL CA  C    sing N N 358 
VAL CA  CB   sing N N 359 
VAL CA  HA   sing N N 360 
VAL C   O    doub N N 361 
VAL C   OXT  sing N N 362 
VAL CB  CG1  sing N N 363 
VAL CB  CG2  sing N N 364 
VAL CB  HB   sing N N 365 
VAL CG1 HG11 sing N N 366 
VAL CG1 HG12 sing N N 367 
VAL CG1 HG13 sing N N 368 
VAL CG2 HG21 sing N N 369 
VAL CG2 HG22 sing N N 370 
VAL CG2 HG23 sing N N 371 
VAL OXT HXT  sing N N 372 
# 
_pdbx_audit_support.ordinal                1 
_pdbx_audit_support.funding_organization   'European Union (EU)' 
_pdbx_audit_support.grant_number           875510 
_pdbx_audit_support.country                'European Union' 
# 
_pdbx_deposit_group.group_id            G_1002273 
_pdbx_deposit_group.group_description   
;MAP1LC3B screened against the DSi-poised Fragment Library by X-ray Crystallography at the XChem facility of Diamond Light Source beamline I04-1
;
_pdbx_deposit_group.group_title         'PanDDA analysis group deposition' 
_pdbx_deposit_group.group_type          'changed state' 
# 
_atom_sites.entry_id                    7GAI 
_atom_sites.fract_transf_matrix[1][1]   0.00698261 
_atom_sites.fract_transf_matrix[1][2]   0.01428452 
_atom_sites.fract_transf_matrix[1][3]   0.00401125 
_atom_sites.fract_transf_matrix[2][1]   0.00625040 
_atom_sites.fract_transf_matrix[2][2]   -0.00685271 
_atom_sites.fract_transf_matrix[2][3]   0.01352284 
_atom_sites.fract_transf_matrix[3][1]   0.02305809 
_atom_sites.fract_transf_matrix[3][2]   -0.00724725 
_atom_sites.fract_transf_matrix[3][3]   -0.01433024 
_atom_sites.fract_transf_vector[1]      0.186150 
_atom_sites.fract_transf_vector[2]      -0.380411 
_atom_sites.fract_transf_vector[3]      0.021340 
# 
loop_
_atom_type.symbol 
C  
CL 
N  
O  
S  
# 
loop_
_atom_site.group_PDB 
_atom_site.id 
_atom_site.type_symbol 
_atom_site.label_atom_id 
_atom_site.label_alt_id 
_atom_site.label_comp_id 
_atom_site.label_asym_id 
_atom_site.label_entity_id 
_atom_site.label_seq_id 
_atom_site.pdbx_PDB_ins_code 
_atom_site.Cartn_x 
_atom_site.Cartn_y 
_atom_site.Cartn_z 
_atom_site.occupancy 
_atom_site.B_iso_or_equiv 
_atom_site.pdbx_formal_charge 
_atom_site.auth_seq_id 
_atom_site.auth_comp_id 
_atom_site.auth_asym_id 
_atom_site.auth_atom_id 
_atom_site.pdbx_PDB_model_num 
ATOM   1    N  N   . LYS A 1 6   ? -10.915 -9.277  9.673   1.00 98.92  ? 5   LYS A N   1 
ATOM   2    C  CA  . LYS A 1 6   ? -9.466  -9.138  10.001  1.00 103.68 ? 5   LYS A CA  1 
ATOM   3    C  C   . LYS A 1 6   ? -8.794  -8.185  8.996   1.00 99.06  ? 5   LYS A C   1 
ATOM   4    O  O   . LYS A 1 6   ? -8.206  -7.186  9.449   1.00 91.48  ? 5   LYS A O   1 
ATOM   5    C  CB  . LYS A 1 6   ? -8.801  -10.519 10.046  1.00 101.08 ? 5   LYS A CB  1 
ATOM   6    C  CG  . LYS A 1 6   ? -8.503  -11.040 11.442  1.00 98.59  ? 5   LYS A CG  1 
ATOM   7    C  CD  . LYS A 1 6   ? -7.473  -10.208 12.178  1.00 100.93 ? 5   LYS A CD  1 
ATOM   8    C  CE  . LYS A 1 6   ? -6.427  -11.051 12.876  1.00 102.74 ? 5   LYS A CE  1 
ATOM   9    N  NZ  . LYS A 1 6   ? -7.044  -12.098 13.728  1.00 109.56 ? 5   LYS A NZ  1 
ATOM   10   N  N   . THR A 1 7   ? -8.878  -8.465  7.688   1.00 95.99  ? 6   THR A N   1 
ATOM   11   C  CA  . THR A 1 7   ? -8.321  -7.599  6.608   1.00 85.58  ? 6   THR A CA  1 
ATOM   12   C  C   . THR A 1 7   ? -9.280  -6.431  6.367   1.00 88.08  ? 6   THR A C   1 
ATOM   13   O  O   . THR A 1 7   ? -10.460 -6.534  6.790   1.00 79.48  ? 6   THR A O   1 
ATOM   14   C  CB  . THR A 1 7   ? -8.070  -8.332  5.281   1.00 92.60  ? 6   THR A CB  1 
ATOM   15   O  OG1 . THR A 1 7   ? -9.332  -8.591  4.661   1.00 74.76  ? 6   THR A OG1 1 
ATOM   16   C  CG2 . THR A 1 7   ? -7.285  -9.621  5.420   1.00 96.99  ? 6   THR A CG2 1 
ATOM   17   N  N   . PHE A 1 8   ? -8.784  -5.388  5.688   1.00 77.11  ? 7   PHE A N   1 
ATOM   18   C  CA  . PHE A 1 8   ? -9.473  -4.092  5.427   1.00 70.79  ? 7   PHE A CA  1 
ATOM   19   C  C   . PHE A 1 8   ? -10.763 -4.295  4.619   1.00 69.17  ? 7   PHE A C   1 
ATOM   20   O  O   . PHE A 1 8   ? -11.851 -3.757  4.999   1.00 67.46  ? 7   PHE A O   1 
ATOM   21   C  CB  . PHE A 1 8   ? -8.532  -3.127  4.687   1.00 68.69  ? 7   PHE A CB  1 
ATOM   22   C  CG  . PHE A 1 8   ? -9.110  -1.750  4.484   1.00 61.28  ? 7   PHE A CG  1 
ATOM   23   C  CD1 . PHE A 1 8   ? -9.163  -0.846  5.535   1.00 63.47  ? 7   PHE A CD1 1 
ATOM   24   C  CD2 . PHE A 1 8   ? -9.647  -1.379  3.264   1.00 55.81  ? 7   PHE A CD2 1 
ATOM   25   C  CE1 . PHE A 1 8   ? -9.707  0.416   5.359   1.00 58.78  ? 7   PHE A CE1 1 
ATOM   26   C  CE2 . PHE A 1 8   ? -10.197 -0.118  3.092   1.00 63.55  ? 7   PHE A CE2 1 
ATOM   27   C  CZ  . PHE A 1 8   ? -10.221 0.780   4.141   1.00 54.56  ? 7   PHE A CZ  1 
ATOM   28   N  N   . LYS A 1 9   ? -10.678 -5.037  3.512   1.00 72.84  ? 8   LYS A N   1 
ATOM   29   C  CA  . LYS A 1 9   ? -11.861 -5.273  2.645   1.00 69.64  ? 8   LYS A CA  1 
ATOM   30   C  C   . LYS A 1 9   ? -12.975 -5.925  3.484   1.00 76.07  ? 8   LYS A C   1 
ATOM   31   O  O   . LYS A 1 9   ? -14.177 -5.659  3.214   1.00 75.09  ? 8   LYS A O   1 
ATOM   32   C  CB  . LYS A 1 9   ? -11.474 -6.106  1.422   1.00 67.80  ? 8   LYS A CB  1 
ATOM   33   C  CG  . LYS A 1 9   ? -10.792 -5.322  0.318   1.00 70.54  ? 8   LYS A CG  1 
ATOM   34   C  CD  . LYS A 1 9   ? -10.899 -5.979  -1.028  1.00 68.29  ? 8   LYS A CD  1 
ATOM   35   C  CE  . LYS A 1 9   ? -10.190 -5.203  -2.115  1.00 74.78  ? 8   LYS A CE  1 
ATOM   36   N  NZ  . LYS A 1 9   ? -9.845  -6.060  -3.274  1.00 77.74  ? 8   LYS A NZ  1 
ATOM   37   N  N   . GLN A 1 10  ? -12.569 -6.736  4.466   1.00 72.31  ? 9   GLN A N   1 
ATOM   38   C  CA  . GLN A 1 10  ? -13.438 -7.532  5.371   1.00 75.60  ? 9   GLN A CA  1 
ATOM   39   C  C   . GLN A 1 10  ? -14.129 -6.644  6.406   1.00 71.07  ? 9   GLN A C   1 
ATOM   40   O  O   . GLN A 1 10  ? -15.285 -6.929  6.752   1.00 70.41  ? 9   GLN A O   1 
ATOM   41   C  CB  . GLN A 1 10  ? -12.609 -8.601  6.083   1.00 73.25  ? 9   GLN A CB  1 
ATOM   42   C  CG  . GLN A 1 10  ? -12.243 -9.759  5.172   1.00 76.86  ? 9   GLN A CG  1 
ATOM   43   C  CD  . GLN A 1 10  ? -11.245 -10.682 5.822   1.00 84.27  ? 9   GLN A CD  1 
ATOM   44   O  OE1 . GLN A 1 10  ? -10.735 -10.413 6.912   1.00 85.56  ? 9   GLN A OE1 1 
ATOM   45   N  NE2 . GLN A 1 10  ? -10.957 -11.782 5.148   1.00 85.65  ? 9   GLN A NE2 1 
ATOM   46   N  N   A ARG A 1 11  ? -13.429 -5.605  6.880   0.34 69.46  ? 10  ARG A N   1 
ATOM   47   N  N   B ARG A 1 11  ? -13.436 -5.602  6.877   0.17 69.65  ? 10  ARG A N   1 
ATOM   48   C  CA  A ARG A 1 11  ? -13.888 -4.682  7.954   0.34 67.42  ? 10  ARG A CA  1 
ATOM   49   C  CA  B ARG A 1 11  ? -13.903 -4.695  7.961   0.17 67.99  ? 10  ARG A CA  1 
ATOM   50   C  C   A ARG A 1 11  ? -14.910 -3.686  7.394   0.34 68.46  ? 10  ARG A C   1 
ATOM   51   C  C   B ARG A 1 11  ? -14.893 -3.662  7.404   0.17 68.11  ? 10  ARG A C   1 
ATOM   52   O  O   A ARG A 1 11  ? -15.798 -3.271  8.164   0.34 67.81  ? 10  ARG A O   1 
ATOM   53   O  O   B ARG A 1 11  ? -15.749 -3.204  8.187   0.17 67.26  ? 10  ARG A O   1 
ATOM   54   C  CB  A ARG A 1 11  ? -12.712 -3.904  8.555   0.34 68.37  ? 10  ARG A CB  1 
ATOM   55   C  CB  B ARG A 1 11  ? -12.710 -3.998  8.621   0.17 68.18  ? 10  ARG A CB  1 
ATOM   56   C  CG  A ARG A 1 11  ? -11.756 -4.734  9.399   0.34 72.18  ? 10  ARG A CG  1 
ATOM   57   C  CG  B ARG A 1 11  ? -11.881 -4.899  9.524   0.17 70.45  ? 10  ARG A CG  1 
ATOM   58   C  CD  A ARG A 1 11  ? -10.749 -3.881  10.149  0.34 77.47  ? 10  ARG A CD  1 
ATOM   59   C  CD  B ARG A 1 11  ? -10.639 -4.207  10.051  0.17 72.30  ? 10  ARG A CD  1 
ATOM   60   N  NE  A ARG A 1 11  ? -9.461  -3.743  9.475   0.34 79.77  ? 10  ARG A NE  1 
ATOM   61   N  NE  B ARG A 1 11  ? -9.445  -4.523  9.277   0.17 73.66  ? 10  ARG A NE  1 
ATOM   62   C  CZ  A ARG A 1 11  ? -8.924  -2.588  9.097   0.34 80.39  ? 10  ARG A CZ  1 
ATOM   63   C  CZ  B ARG A 1 11  ? -8.284  -3.887  9.387   0.17 71.16  ? 10  ARG A CZ  1 
ATOM   64   N  NH1 A ARG A 1 11  ? -9.565  -1.453  9.319   0.34 84.35  ? 10  ARG A NH1 1 
ATOM   65   N  NH1 B ARG A 1 11  ? -8.158  -2.881  10.236  0.17 72.34  ? 10  ARG A NH1 1 
ATOM   66   N  NH2 A ARG A 1 11  ? -7.745  -2.571  8.501   0.34 81.11  ? 10  ARG A NH2 1 
ATOM   67   N  NH2 B ARG A 1 11  ? -7.256  -4.254  8.645   0.17 72.91  ? 10  ARG A NH2 1 
ATOM   68   N  N   . ARG A 1 12  ? -14.776 -3.300  6.119   1.00 66.88  ? 11  ARG A N   1 
ATOM   69   C  CA  . ARG A 1 12  ? -15.598 -2.209  5.507   1.00 66.66  ? 11  ARG A CA  1 
ATOM   70   C  C   . ARG A 1 12  ? -16.322 -2.703  4.250   1.00 62.12  ? 11  ARG A C   1 
ATOM   71   O  O   . ARG A 1 12  ? -15.690 -3.405  3.434   1.00 58.87  ? 11  ARG A O   1 
ATOM   72   C  CB  . ARG A 1 12  ? -14.709 -1.007  5.145   1.00 70.18  ? 11  ARG A CB  1 
ATOM   73   C  CG  . ARG A 1 12  ? -13.788 -0.500  6.254   1.00 65.91  ? 11  ARG A CG  1 
ATOM   74   C  CD  . ARG A 1 12  ? -14.481 0.421   7.241   1.00 66.57  ? 11  ARG A CD  1 
ATOM   75   N  NE  . ARG A 1 12  ? -14.983 1.645   6.615   1.00 81.80  ? 11  ARG A NE  1 
ATOM   76   C  CZ  . ARG A 1 12  ? -15.821 2.518   7.183   1.00 86.14  ? 11  ARG A CZ  1 
ATOM   77   N  NH1 . ARG A 1 12  ? -16.286 2.316   8.407   1.00 85.02  ? 11  ARG A NH1 1 
ATOM   78   N  NH2 . ARG A 1 12  ? -16.188 3.604   6.521   1.00 92.87  ? 11  ARG A NH2 1 
ATOM   79   N  N   . THR A 1 13  ? -17.584 -2.296  4.073   1.00 56.98  ? 12  THR A N   1 
ATOM   80   C  CA  . THR A 1 13  ? -18.406 -2.672  2.895   1.00 56.63  ? 12  THR A CA  1 
ATOM   81   C  C   . THR A 1 13  ? -17.820 -1.980  1.641   1.00 58.87  ? 12  THR A C   1 
ATOM   82   O  O   . THR A 1 13  ? -17.283 -0.876  1.764   1.00 55.49  ? 12  THR A O   1 
ATOM   83   C  CB  . THR A 1 13  ? -19.901 -2.364  3.108   1.00 54.94  ? 12  THR A CB  1 
ATOM   84   O  OG1 . THR A 1 13  ? -20.145 -0.964  2.981   1.00 73.38  ? 12  THR A OG1 1 
ATOM   85   C  CG2 . THR A 1 13  ? -20.450 -2.813  4.446   1.00 62.67  ? 12  THR A CG2 1 
ATOM   86   N  N   . PHE A 1 14  ? -17.947 -2.579  0.463   1.00 52.06  ? 13  PHE A N   1 
ATOM   87   C  CA  . PHE A 1 14  ? -17.561 -1.949  -0.824  1.00 64.28  ? 13  PHE A CA  1 
ATOM   88   C  C   . PHE A 1 14  ? -18.082 -0.514  -0.796  1.00 71.32  ? 13  PHE A C   1 
ATOM   89   O  O   . PHE A 1 14  ? -17.363 0.399   -1.256  1.00 63.76  ? 13  PHE A O   1 
ATOM   90   C  CB  . PHE A 1 14  ? -18.126 -2.689  -2.041  1.00 59.82  ? 13  PHE A CB  1 
ATOM   91   C  CG  . PHE A 1 14  ? -17.711 -2.113  -3.377  1.00 51.66  ? 13  PHE A CG  1 
ATOM   92   C  CD1 . PHE A 1 14  ? -16.552 -2.542  -4.001  1.00 56.36  ? 13  PHE A CD1 1 
ATOM   93   C  CD2 . PHE A 1 14  ? -18.466 -1.135  -3.997  1.00 54.72  ? 13  PHE A CD2 1 
ATOM   94   C  CE1 . PHE A 1 14  ? -16.154 -2.008  -5.218  1.00 55.32  ? 13  PHE A CE1 1 
ATOM   95   C  CE2 . PHE A 1 14  ? -18.070 -0.591  -5.215  1.00 52.24  ? 13  PHE A CE2 1 
ATOM   96   C  CZ  . PHE A 1 14  ? -16.916 -1.034  -5.824  1.00 52.56  ? 13  PHE A CZ  1 
ATOM   97   N  N   . GLU A 1 15  ? -19.300 -0.346  -0.279  1.00 62.31  ? 14  GLU A N   1 
ATOM   98   C  CA  . GLU A 1 15  ? -20.016 0.950   -0.201  1.00 65.16  ? 14  GLU A CA  1 
ATOM   99   C  C   . GLU A 1 15  ? -19.203 1.946   0.637   1.00 59.13  ? 14  GLU A C   1 
ATOM   100  O  O   . GLU A 1 15  ? -19.127 3.139   0.266   1.00 54.03  ? 14  GLU A O   1 
ATOM   101  C  CB  . GLU A 1 15  ? -21.395 0.732   0.421   1.00 74.04  ? 14  GLU A CB  1 
ATOM   102  C  CG  . GLU A 1 15  ? -22.223 2.001   0.527   1.00 81.89  ? 14  GLU A CG  1 
ATOM   103  C  CD  . GLU A 1 15  ? -23.672 1.749   0.900   1.00 91.42  ? 14  GLU A CD  1 
ATOM   104  O  OE1 . GLU A 1 15  ? -23.955 0.649   1.439   1.00 94.97  ? 14  GLU A OE1 1 
ATOM   105  O  OE2 . GLU A 1 15  ? -24.508 2.647   0.644   1.00 90.41  ? 14  GLU A OE2 1 
ATOM   106  N  N   . GLN A 1 16  ? -18.666 1.473   1.756   1.00 56.19  ? 15  GLN A N   1 
ATOM   107  C  CA  . GLN A 1 16  ? -17.950 2.309   2.740   1.00 58.80  ? 15  GLN A CA  1 
ATOM   108  C  C   . GLN A 1 16  ? -16.583 2.710   2.181   1.00 64.63  ? 15  GLN A C   1 
ATOM   109  O  O   . GLN A 1 16  ? -16.196 3.891   2.321   1.00 61.83  ? 15  GLN A O   1 
ATOM   110  C  CB  . GLN A 1 16  ? -17.827 1.562   4.064   1.00 61.85  ? 15  GLN A CB  1 
ATOM   111  C  CG  . GLN A 1 16  ? -19.084 1.671   4.923   1.00 59.97  ? 15  GLN A CG  1 
ATOM   112  C  CD  . GLN A 1 16  ? -18.976 0.805   6.149   1.00 58.14  ? 15  GLN A CD  1 
ATOM   113  O  OE1 . GLN A 1 16  ? -18.193 -0.137  6.186   1.00 51.72  ? 15  GLN A OE1 1 
ATOM   114  N  NE2 . GLN A 1 16  ? -19.760 1.129   7.163   1.00 62.44  ? 15  GLN A NE2 1 
ATOM   115  N  N   A ARG A 1 17  ? -15.876 1.749   1.573   0.15 63.49  ? 16  ARG A N   1 
ATOM   116  N  N   B ARG A 1 17  ? -15.871 1.755   1.572   0.35 63.78  ? 16  ARG A N   1 
ATOM   117  C  CA  A ARG A 1 17  ? -14.539 1.944   0.949   0.15 63.55  ? 16  ARG A CA  1 
ATOM   118  C  CA  B ARG A 1 17  ? -14.535 1.973   0.956   0.35 63.67  ? 16  ARG A CA  1 
ATOM   119  C  C   A ARG A 1 17  ? -14.658 2.946   -0.207  0.15 61.96  ? 16  ARG A C   1 
ATOM   120  C  C   B ARG A 1 17  ? -14.672 2.974   -0.197  0.35 62.66  ? 16  ARG A C   1 
ATOM   121  O  O   A ARG A 1 17  ? -13.736 3.770   -0.366  0.15 62.38  ? 16  ARG A O   1 
ATOM   122  O  O   B ARG A 1 17  ? -13.788 3.843   -0.337  0.35 62.79  ? 16  ARG A O   1 
ATOM   123  C  CB  A ARG A 1 17  ? -13.961 0.603   0.485   0.15 63.76  ? 16  ARG A CB  1 
ATOM   124  C  CB  B ARG A 1 17  ? -13.929 0.638   0.511   0.35 61.41  ? 16  ARG A CB  1 
ATOM   125  C  CG  A ARG A 1 17  ? -13.848 -0.435  1.592   0.15 63.69  ? 16  ARG A CG  1 
ATOM   126  C  CG  B ARG A 1 17  ? -13.613 -0.300  1.666   0.35 58.84  ? 16  ARG A CG  1 
ATOM   127  C  CD  A ARG A 1 17  ? -12.996 -1.637  1.225   0.15 66.01  ? 16  ARG A CD  1 
ATOM   128  C  CD  B ARG A 1 17  ? -13.045 -1.639  1.232   0.35 62.18  ? 16  ARG A CD  1 
ATOM   129  N  NE  A ARG A 1 17  ? -13.378 -2.284  -0.023  0.15 70.40  ? 16  ARG A NE  1 
ATOM   130  N  NE  B ARG A 1 17  ? -14.030 -2.715  1.187   0.35 69.72  ? 16  ARG A NE  1 
ATOM   131  C  CZ  A ARG A 1 17  ? -13.989 -3.463  -0.118  0.15 71.10  ? 16  ARG A CZ  1 
ATOM   132  C  CZ  B ARG A 1 17  ? -14.509 -3.268  0.074   0.35 72.44  ? 16  ARG A CZ  1 
ATOM   133  N  NH1 A ARG A 1 17  ? -14.307 -4.139  0.973   0.15 70.73  ? 16  ARG A NH1 1 
ATOM   134  N  NH1 B ARG A 1 17  ? -14.100 -2.845  -1.110  0.35 72.92  ? 16  ARG A NH1 1 
ATOM   135  N  NH2 A ARG A 1 17  ? -14.282 -3.961  -1.306  0.15 72.70  ? 16  ARG A NH2 1 
ATOM   136  N  NH2 B ARG A 1 17  ? -15.404 -4.239  0.149   0.35 73.54  ? 16  ARG A NH2 1 
ATOM   137  N  N   . VAL A 1 18  ? -15.753 2.889   -0.971  1.00 58.06  ? 17  VAL A N   1 
ATOM   138  C  CA  . VAL A 1 18  ? -15.968 3.817   -2.122  1.00 56.49  ? 17  VAL A CA  1 
ATOM   139  C  C   . VAL A 1 18  ? -16.187 5.259   -1.627  1.00 68.29  ? 17  VAL A C   1 
ATOM   140  O  O   . VAL A 1 18  ? -15.579 6.208   -2.232  1.00 60.38  ? 17  VAL A O   1 
ATOM   141  C  CB  . VAL A 1 18  ? -17.113 3.341   -3.016  1.00 53.36  ? 17  VAL A CB  1 
ATOM   142  C  CG1 . VAL A 1 18  ? -17.695 4.472   -3.842  1.00 59.13  ? 17  VAL A CG1 1 
ATOM   143  C  CG2 . VAL A 1 18  ? -16.654 2.184   -3.896  1.00 61.73  ? 17  VAL A CG2 1 
ATOM   144  N  N   . GLU A 1 19  ? -17.039 5.437   -0.608  1.00 68.72  ? 18  GLU A N   1 
ATOM   145  C  CA  . GLU A 1 19  ? -17.392 6.776   -0.064  1.00 69.04  ? 18  GLU A CA  1 
ATOM   146  C  C   . GLU A 1 19  ? -16.149 7.398   0.567   1.00 55.78  ? 18  GLU A C   1 
ATOM   147  O  O   . GLU A 1 19  ? -15.962 8.632   0.436   1.00 66.81  ? 18  GLU A O   1 
ATOM   148  C  CB  . GLU A 1 19  ? -18.518 6.719   0.974   1.00 75.45  ? 18  GLU A CB  1 
ATOM   149  C  CG  . GLU A 1 19  ? -19.865 7.068   0.387   1.00 89.73  ? 18  GLU A CG  1 
ATOM   150  C  CD  . GLU A 1 19  ? -19.846 8.231   -0.590  1.00 104.93 ? 18  GLU A CD  1 
ATOM   151  O  OE1 . GLU A 1 19  ? -19.398 9.339   -0.196  1.00 110.31 ? 18  GLU A OE1 1 
ATOM   152  O  OE2 . GLU A 1 19  ? -20.251 8.013   -1.756  1.00 112.71 ? 18  GLU A OE2 1 
ATOM   153  N  N   . ASP A 1 20  ? -15.349 6.588   1.248   1.00 52.08  ? 19  ASP A N   1 
ATOM   154  C  CA  . ASP A 1 20  ? -14.103 7.074   1.876   1.00 54.36  ? 19  ASP A CA  1 
ATOM   155  C  C   . ASP A 1 20  ? -13.145 7.590   0.803   1.00 58.21  ? 19  ASP A C   1 
ATOM   156  O  O   . ASP A 1 20  ? -12.566 8.652   1.009   1.00 50.77  ? 19  ASP A O   1 
ATOM   157  C  CB  . ASP A 1 20  ? -13.440 6.022   2.749   1.00 59.82  ? 19  ASP A CB  1 
ATOM   158  C  CG  . ASP A 1 20  ? -12.453 6.679   3.696   1.00 77.28  ? 19  ASP A CG  1 
ATOM   159  O  OD1 . ASP A 1 20  ? -11.488 5.997   4.098   1.00 73.48  ? 19  ASP A OD1 1 
ATOM   160  O  OD2 . ASP A 1 20  ? -12.651 7.893   4.019   1.00 84.68  ? 19  ASP A OD2 1 
ATOM   161  N  N   . VAL A 1 21  ? -13.012 6.878   -0.318  1.00 51.06  ? 20  VAL A N   1 
ATOM   162  C  CA  . VAL A 1 21  ? -12.063 7.254   -1.395  1.00 50.80  ? 20  VAL A CA  1 
ATOM   163  C  C   . VAL A 1 21  ? -12.549 8.596   -1.942  1.00 56.17  ? 20  VAL A C   1 
ATOM   164  O  O   . VAL A 1 21  ? -11.673 9.455   -2.247  1.00 54.81  ? 20  VAL A O   1 
ATOM   165  C  CB  . VAL A 1 21  ? -11.945 6.144   -2.464  1.00 52.63  ? 20  VAL A CB  1 
ATOM   166  C  CG1 . VAL A 1 21  ? -11.324 6.622   -3.770  1.00 51.10  ? 20  VAL A CG1 1 
ATOM   167  C  CG2 . VAL A 1 21  ? -11.187 4.958   -1.918  1.00 46.94  ? 20  VAL A CG2 1 
ATOM   168  N  N   . ARG A 1 22  ? -13.876 8.791   -1.970  1.00 57.66  ? 21  ARG A N   1 
ATOM   169  C  CA  . ARG A 1 22  ? -14.546 9.989   -2.540  1.00 59.45  ? 21  ARG A CA  1 
ATOM   170  C  C   . ARG A 1 22  ? -14.255 11.223  -1.669  1.00 59.69  ? 21  ARG A C   1 
ATOM   171  O  O   . ARG A 1 22  ? -14.188 12.333  -2.250  1.00 51.36  ? 21  ARG A O   1 
ATOM   172  C  CB  . ARG A 1 22  ? -16.051 9.750   -2.698  1.00 68.81  ? 21  ARG A CB  1 
ATOM   173  C  CG  . ARG A 1 22  ? -16.429 8.934   -3.927  1.00 80.58  ? 21  ARG A CG  1 
ATOM   174  C  CD  . ARG A 1 22  ? -17.935 8.743   -4.036  1.00 86.12  ? 21  ARG A CD  1 
ATOM   175  N  NE  . ARG A 1 22  ? -18.359 7.848   -5.114  1.00 92.27  ? 21  ARG A NE  1 
ATOM   176  C  CZ  . ARG A 1 22  ? -19.620 7.466   -5.330  1.00 94.25  ? 21  ARG A CZ  1 
ATOM   177  N  NH1 . ARG A 1 22  ? -20.592 7.895   -4.544  1.00 100.46 ? 21  ARG A NH1 1 
ATOM   178  N  NH2 . ARG A 1 22  ? -19.913 6.657   -6.335  1.00 97.83  ? 21  ARG A NH2 1 
ATOM   179  N  N   . LEU A 1 23  ? -14.080 11.029  -0.357  1.00 56.50  ? 22  LEU A N   1 
ATOM   180  C  CA  . LEU A 1 23  ? -13.828 12.091  0.658   1.00 62.82  ? 22  LEU A CA  1 
ATOM   181  C  C   . LEU A 1 23  ? -12.354 12.533  0.615   1.00 58.45  ? 22  LEU A C   1 
ATOM   182  O  O   . LEU A 1 23  ? -12.100 13.746  0.598   1.00 60.40  ? 22  LEU A O   1 
ATOM   183  C  CB  . LEU A 1 23  ? -14.177 11.516  2.038   1.00 66.56  ? 22  LEU A CB  1 
ATOM   184  C  CG  . LEU A 1 23  ? -14.006 12.470  3.224   1.00 72.36  ? 22  LEU A CG  1 
ATOM   185  C  CD1 . LEU A 1 23  ? -15.022 13.604  3.150   1.00 68.45  ? 22  LEU A CD1 1 
ATOM   186  C  CD2 . LEU A 1 23  ? -14.104 11.725  4.548   1.00 69.64  ? 22  LEU A CD2 1 
ATOM   187  N  N   . ILE A 1 24  ? -11.427 11.575  0.641   1.00 52.76  ? 23  ILE A N   1 
ATOM   188  C  CA  . ILE A 1 24  ? -9.969  11.757  0.336   1.00 54.00  ? 23  ILE A CA  1 
ATOM   189  C  C   . ILE A 1 24  ? -9.817  12.579  -0.965  1.00 48.22  ? 23  ILE A C   1 
ATOM   190  O  O   . ILE A 1 24  ? -9.086  13.553  -0.983  1.00 47.74  ? 23  ILE A O   1 
ATOM   191  C  CB  . ILE A 1 24  ? -9.265  10.393  0.300   1.00 54.24  ? 23  ILE A CB  1 
ATOM   192  C  CG1 . ILE A 1 24  ? -9.576  9.590   1.571   1.00 54.63  ? 23  ILE A CG1 1 
ATOM   193  C  CG2 . ILE A 1 24  ? -7.762  10.550  0.094   1.00 57.98  ? 23  ILE A CG2 1 
ATOM   194  C  CD1 . ILE A 1 24  ? -8.776  8.320   1.719   1.00 55.33  ? 23  ILE A CD1 1 
ATOM   195  N  N   . ARG A 1 25  ? -10.538 12.261  -2.017  1.00 44.93  ? 24  ARG A N   1 
ATOM   196  C  CA  . ARG A 1 25  ? -10.565 13.084  -3.252  1.00 51.44  ? 24  ARG A CA  1 
ATOM   197  C  C   . ARG A 1 25  ? -10.958 14.526  -2.936  1.00 57.31  ? 24  ARG A C   1 
ATOM   198  O  O   . ARG A 1 25  ? -10.360 15.401  -3.518  1.00 57.73  ? 24  ARG A O   1 
ATOM   199  C  CB  . ARG A 1 25  ? -11.572 12.543  -4.265  1.00 54.34  ? 24  ARG A CB  1 
ATOM   200  C  CG  . ARG A 1 25  ? -10.968 11.472  -5.151  1.00 59.11  ? 24  ARG A CG  1 
ATOM   201  C  CD  . ARG A 1 25  ? -11.868 11.104  -6.300  1.00 68.94  ? 24  ARG A CD  1 
ATOM   202  N  NE  . ARG A 1 25  ? -11.667 9.688   -6.575  1.00 84.56  ? 24  ARG A NE  1 
ATOM   203  C  CZ  . ARG A 1 25  ? -12.631 8.830   -6.897  1.00 86.32  ? 24  ARG A CZ  1 
ATOM   204  N  NH1 . ARG A 1 25  ? -13.891 9.228   -6.996  1.00 91.43  ? 24  ARG A NH1 1 
ATOM   205  N  NH2 . ARG A 1 25  ? -12.326 7.563   -7.105  1.00 88.19  ? 24  ARG A NH2 1 
ATOM   206  N  N   . GLU A 1 26  ? -11.979 14.724  -2.098  1.00 59.76  ? 25  GLU A N   1 
ATOM   207  C  CA  . GLU A 1 26  ? -12.576 16.051  -1.801  1.00 60.12  ? 25  GLU A CA  1 
ATOM   208  C  C   . GLU A 1 26  ? -11.591 16.853  -0.935  1.00 47.68  ? 25  GLU A C   1 
ATOM   209  O  O   . GLU A 1 26  ? -11.382 18.040  -1.222  1.00 49.98  ? 25  GLU A O   1 
ATOM   210  C  CB  . GLU A 1 26  ? -13.945 15.848  -1.140  1.00 69.66  ? 25  GLU A CB  1 
ATOM   211  C  CG  . GLU A 1 26  ? -14.883 17.028  -1.271  1.00 84.46  ? 25  GLU A CG  1 
ATOM   212  C  CD  . GLU A 1 26  ? -15.526 17.186  -2.640  1.00 90.99  ? 25  GLU A CD  1 
ATOM   213  O  OE1 . GLU A 1 26  ? -15.171 16.418  -3.552  1.00 85.16  ? 25  GLU A OE1 1 
ATOM   214  O  OE2 . GLU A 1 26  ? -16.389 18.078  -2.789  1.00 101.98 ? 25  GLU A OE2 1 
ATOM   215  N  N   . GLN A 1 27  ? -10.980 16.201  0.048   1.00 41.99  ? 26  GLN A N   1 
ATOM   216  C  CA  . GLN A 1 27  ? -10.183 16.787  1.148   1.00 44.02  ? 26  GLN A CA  1 
ATOM   217  C  C   . GLN A 1 27  ? -8.671  16.651  0.939   1.00 56.52  ? 26  GLN A C   1 
ATOM   218  O  O   . GLN A 1 27  ? -7.938  17.439  1.540   1.00 47.97  ? 26  GLN A O   1 
ATOM   219  C  CB  . GLN A 1 27  ? -10.479 16.026  2.432   1.00 45.44  ? 26  GLN A CB  1 
ATOM   220  C  CG  . GLN A 1 27  ? -11.922 16.183  2.883   1.00 56.74  ? 26  GLN A CG  1 
ATOM   221  C  CD  . GLN A 1 27  ? -12.158 15.596  4.253   1.00 66.09  ? 26  GLN A CD  1 
ATOM   222  O  OE1 . GLN A 1 27  ? -11.378 14.778  4.751   1.00 68.58  ? 26  GLN A OE1 1 
ATOM   223  N  NE2 . GLN A 1 27  ? -13.245 16.029  4.879   1.00 77.51  ? 26  GLN A NE2 1 
ATOM   224  N  N   . HIS A 1 28  ? -8.195  15.602  0.262   1.00 48.38  ? 27  HIS A N   1 
ATOM   225  C  CA  . HIS A 1 28  ? -6.743  15.365  0.040   1.00 49.37  ? 27  HIS A CA  1 
ATOM   226  C  C   . HIS A 1 28  ? -6.546  15.023  -1.416  1.00 41.62  ? 27  HIS A C   1 
ATOM   227  O  O   . HIS A 1 28  ? -6.152  13.931  -1.773  1.00 45.90  ? 27  HIS A O   1 
ATOM   228  C  CB  . HIS A 1 28  ? -6.207  14.297  0.973   1.00 50.52  ? 27  HIS A CB  1 
ATOM   229  C  CG  . HIS A 1 28  ? -6.545  14.597  2.386   1.00 60.15  ? 27  HIS A CG  1 
ATOM   230  N  ND1 . HIS A 1 28  ? -5.869  15.558  3.104   1.00 56.16  ? 27  HIS A ND1 1 
ATOM   231  C  CD2 . HIS A 1 28  ? -7.505  14.099  3.197   1.00 58.00  ? 27  HIS A CD2 1 
ATOM   232  C  CE1 . HIS A 1 28  ? -6.370  15.602  4.319   1.00 61.55  ? 27  HIS A CE1 1 
ATOM   233  N  NE2 . HIS A 1 28  ? -7.380  14.728  4.399   1.00 60.70  ? 27  HIS A NE2 1 
ATOM   234  N  N   . PRO A 1 29  ? -6.903  15.979  -2.269  1.00 45.52  ? 28  PRO A N   1 
ATOM   235  C  CA  . PRO A 1 29  ? -6.949  15.773  -3.716  1.00 45.68  ? 28  PRO A CA  1 
ATOM   236  C  C   . PRO A 1 29  ? -5.612  15.407  -4.394  1.00 47.21  ? 28  PRO A C   1 
ATOM   237  O  O   . PRO A 1 29  ? -5.651  14.658  -5.378  1.00 46.34  ? 28  PRO A O   1 
ATOM   238  C  CB  . PRO A 1 29  ? -7.493  17.112  -4.196  1.00 47.60  ? 28  PRO A CB  1 
ATOM   239  C  CG  . PRO A 1 29  ? -7.077  18.078  -3.088  1.00 51.97  ? 28  PRO A CG  1 
ATOM   240  C  CD  . PRO A 1 29  ? -7.386  17.298  -1.851  1.00 53.09  ? 28  PRO A CD  1 
ATOM   241  N  N   . THR A 1 30  ? -4.474  15.779  -3.811  1.00 42.83  ? 29  THR A N   1 
ATOM   242  C  CA  . THR A 1 30  ? -3.126  15.442  -4.365  1.00 40.49  ? 29  THR A CA  1 
ATOM   243  C  C   . THR A 1 30  ? -2.563  14.131  -3.810  1.00 39.07  ? 29  THR A C   1 
ATOM   244  O  O   . THR A 1 30  ? -1.431  13.768  -4.229  1.00 40.07  ? 29  THR A O   1 
ATOM   245  C  CB  . THR A 1 30  ? -2.123  16.586  -4.152  1.00 36.29  ? 29  THR A CB  1 
ATOM   246  O  OG1 . THR A 1 30  ? -1.665  16.486  -2.811  1.00 39.88  ? 29  THR A OG1 1 
ATOM   247  C  CG2 . THR A 1 30  ? -2.689  17.946  -4.495  1.00 38.51  ? 29  THR A CG2 1 
ATOM   248  N  N   . LYS A 1 31  ? -3.306  13.401  -2.970  1.00 44.16  ? 30  LYS A N   1 
ATOM   249  C  CA  . LYS A 1 31  ? -2.805  12.166  -2.310  1.00 39.39  ? 30  LYS A CA  1 
ATOM   250  C  C   . LYS A 1 31  ? -3.400  10.906  -2.944  1.00 44.44  ? 30  LYS A C   1 
ATOM   251  O  O   . LYS A 1 31  ? -4.582  10.925  -3.335  1.00 40.94  ? 30  LYS A O   1 
ATOM   252  C  CB  . LYS A 1 31  ? -3.163  12.166  -0.828  1.00 41.33  ? 30  LYS A CB  1 
ATOM   253  C  CG  . LYS A 1 31  ? -2.600  13.335  -0.040  1.00 46.35  ? 30  LYS A CG  1 
ATOM   254  C  CD  . LYS A 1 31  ? -1.104  13.466  -0.248  1.00 45.58  ? 30  LYS A CD  1 
ATOM   255  C  CE  . LYS A 1 31  ? -0.515  14.728  0.345   1.00 52.00  ? 30  LYS A CE  1 
ATOM   256  N  NZ  . LYS A 1 31  ? -1.114  14.986  1.663   1.00 48.92  ? 30  LYS A NZ  1 
ATOM   257  N  N   . ILE A 1 32  ? -2.613  9.823   -2.958  1.00 43.51  ? 31  ILE A N   1 
ATOM   258  C  CA  . ILE A 1 32  ? -3.063  8.491   -3.455  1.00 46.75  ? 31  ILE A CA  1 
ATOM   259  C  C   . ILE A 1 32  ? -3.527  7.735   -2.213  1.00 45.54  ? 31  ILE A C   1 
ATOM   260  O  O   . ILE A 1 32  ? -2.773  7.646   -1.242  1.00 41.95  ? 31  ILE A O   1 
ATOM   261  C  CB  . ILE A 1 32  ? -1.951  7.749   -4.250  1.00 45.27  ? 31  ILE A CB  1 
ATOM   262  C  CG1 . ILE A 1 32  ? -1.517  8.500   -5.514  1.00 42.35  ? 31  ILE A CG1 1 
ATOM   263  C  CG2 . ILE A 1 32  ? -2.358  6.309   -4.584  1.00 43.95  ? 31  ILE A CG2 1 
ATOM   264  C  CD1 . ILE A 1 32  ? -2.626  9.039   -6.377  1.00 40.35  ? 31  ILE A CD1 1 
ATOM   265  N  N   . PRO A 1 33  ? -4.766  7.199   -2.201  1.00 42.10  ? 32  PRO A N   1 
ATOM   266  C  CA  . PRO A 1 33  ? -5.265  6.436   -1.056  1.00 47.12  ? 32  PRO A CA  1 
ATOM   267  C  C   . PRO A 1 33  ? -4.715  5.011   -1.119  1.00 43.94  ? 32  PRO A C   1 
ATOM   268  O  O   . PRO A 1 33  ? -5.080  4.276   -2.046  1.00 46.85  ? 32  PRO A O   1 
ATOM   269  C  CB  . PRO A 1 33  ? -6.784  6.528   -1.238  1.00 43.52  ? 32  PRO A CB  1 
ATOM   270  C  CG  . PRO A 1 33  ? -6.993  6.615   -2.725  1.00 50.28  ? 32  PRO A CG  1 
ATOM   271  C  CD  . PRO A 1 33  ? -5.754  7.291   -3.283  1.00 45.90  ? 32  PRO A CD  1 
ATOM   272  N  N   . VAL A 1 34  ? -3.794  4.669   -0.216  1.00 44.65  ? 33  VAL A N   1 
ATOM   273  C  CA  . VAL A 1 34  ? -3.103  3.353   -0.237  1.00 43.84  ? 33  VAL A CA  1 
ATOM   274  C  C   . VAL A 1 34  ? -3.513  2.555   1.009   1.00 53.74  ? 33  VAL A C   1 
ATOM   275  O  O   . VAL A 1 34  ? -3.529  3.149   2.129   1.00 50.11  ? 33  VAL A O   1 
ATOM   276  C  CB  . VAL A 1 34  ? -1.576  3.531   -0.332  1.00 46.22  ? 33  VAL A CB  1 
ATOM   277  C  CG1 . VAL A 1 34  ? -0.863  2.201   -0.462  1.00 50.75  ? 33  VAL A CG1 1 
ATOM   278  C  CG2 . VAL A 1 34  ? -1.189  4.421   -1.491  1.00 44.33  ? 33  VAL A CG2 1 
ATOM   279  N  N   . ILE A 1 35  ? -3.826  1.266   0.805   1.00 59.47  ? 34  ILE A N   1 
ATOM   280  C  CA  . ILE A 1 35  ? -3.964  0.218   1.861   1.00 50.25  ? 34  ILE A CA  1 
ATOM   281  C  C   . ILE A 1 35  ? -2.708  -0.637  1.850   1.00 46.65  ? 34  ILE A C   1 
ATOM   282  O  O   . ILE A 1 35  ? -2.373  -1.193  0.799   1.00 49.38  ? 34  ILE A O   1 
ATOM   283  C  CB  . ILE A 1 35  ? -5.190  -0.667  1.613   1.00 58.58  ? 34  ILE A CB  1 
ATOM   284  C  CG1 . ILE A 1 35  ? -6.470  0.153   1.431   1.00 55.75  ? 34  ILE A CG1 1 
ATOM   285  C  CG2 . ILE A 1 35  ? -5.296  -1.716  2.713   1.00 59.31  ? 34  ILE A CG2 1 
ATOM   286  C  CD1 . ILE A 1 35  ? -6.820  1.055   2.590   1.00 62.08  ? 34  ILE A CD1 1 
ATOM   287  N  N   . ILE A 1 36  ? -2.029  -0.702  2.981   1.00 46.63  ? 35  ILE A N   1 
ATOM   288  C  CA  . ILE A 1 36  ? -0.761  -1.459  3.131   1.00 50.03  ? 35  ILE A CA  1 
ATOM   289  C  C   . ILE A 1 36  ? -0.978  -2.397  4.308   1.00 60.08  ? 35  ILE A C   1 
ATOM   290  O  O   . ILE A 1 36  ? -1.310  -1.889  5.394   1.00 58.05  ? 35  ILE A O   1 
ATOM   291  C  CB  . ILE A 1 36  ? 0.439   -0.543  3.399   1.00 52.76  ? 35  ILE A CB  1 
ATOM   292  C  CG1 . ILE A 1 36  ? 0.502   0.632   2.409   1.00 50.88  ? 35  ILE A CG1 1 
ATOM   293  C  CG2 . ILE A 1 36  ? 1.709   -1.377  3.418   1.00 51.03  ? 35  ILE A CG2 1 
ATOM   294  C  CD1 . ILE A 1 36  ? 1.671   1.566   2.645   1.00 50.46  ? 35  ILE A CD1 1 
ATOM   295  N  N   . GLU A 1 37  ? -0.801  -3.693  4.057   1.00 69.16  ? 36  GLU A N   1 
ATOM   296  C  CA  . GLU A 1 37  ? -1.138  -4.808  4.974   1.00 69.97  ? 36  GLU A CA  1 
ATOM   297  C  C   . GLU A 1 37  ? 0.049   -5.769  5.019   1.00 68.21  ? 36  GLU A C   1 
ATOM   298  O  O   . GLU A 1 37  ? 0.741   -5.929  3.994   1.00 54.86  ? 36  GLU A O   1 
ATOM   299  C  CB  . GLU A 1 37  ? -2.446  -5.463  4.517   1.00 62.37  ? 36  GLU A CB  1 
ATOM   300  C  CG  . GLU A 1 37  ? -3.635  -4.555  4.783   1.00 66.59  ? 36  GLU A CG  1 
ATOM   301  C  CD  . GLU A 1 37  ? -5.022  -5.151  4.670   1.00 66.92  ? 36  GLU A CD  1 
ATOM   302  O  OE1 . GLU A 1 37  ? -5.445  -5.459  3.533   1.00 74.30  ? 36  GLU A OE1 1 
ATOM   303  O  OE2 . GLU A 1 37  ? -5.689  -5.274  5.723   1.00 71.03  ? 36  GLU A OE2 1 
ATOM   304  N  N   . ARG A 1 38  ? 0.290   -6.360  6.186   1.00 73.82  ? 37  ARG A N   1 
ATOM   305  C  CA  . ARG A 1 38  ? 1.271   -7.460  6.320   1.00 72.38  ? 37  ARG A CA  1 
ATOM   306  C  C   . ARG A 1 38  ? 0.658   -8.727  5.726   1.00 74.63  ? 37  ARG A C   1 
ATOM   307  O  O   . ARG A 1 38  ? -0.588  -8.902  5.813   1.00 73.52  ? 37  ARG A O   1 
ATOM   308  C  CB  . ARG A 1 38  ? 1.685   -7.679  7.774   1.00 73.14  ? 37  ARG A CB  1 
ATOM   309  C  CG  . ARG A 1 38  ? 2.905   -8.578  7.883   1.00 78.64  ? 37  ARG A CG  1 
ATOM   310  C  CD  . ARG A 1 38  ? 3.512   -8.586  9.264   1.00 84.02  ? 37  ARG A CD  1 
ATOM   311  N  NE  . ARG A 1 38  ? 2.609   -9.220  10.209  1.00 93.39  ? 37  ARG A NE  1 
ATOM   312  C  CZ  . ARG A 1 38  ? 2.980   -9.803  11.340  1.00 94.67  ? 37  ARG A CZ  1 
ATOM   313  N  NH1 . ARG A 1 38  ? 4.255   -9.861  11.689  1.00 90.67  ? 37  ARG A NH1 1 
ATOM   314  N  NH2 . ARG A 1 38  ? 2.059   -10.339 12.120  1.00 98.77  ? 37  ARG A NH2 1 
ATOM   315  N  N   . TYR A 1 39  ? 1.508   -9.542  5.097   1.00 71.80  ? 38  TYR A N   1 
ATOM   316  C  CA  . TYR A 1 39  ? 1.161   -10.866 4.526   1.00 72.63  ? 38  TYR A CA  1 
ATOM   317  C  C   . TYR A 1 39  ? 0.658   -11.740 5.683   1.00 76.85  ? 38  TYR A C   1 
ATOM   318  O  O   . TYR A 1 39  ? 1.216   -11.626 6.791   1.00 59.13  ? 38  TYR A O   1 
ATOM   319  C  CB  . TYR A 1 39  ? 2.382   -11.418 3.790   1.00 83.98  ? 38  TYR A CB  1 
ATOM   320  C  CG  . TYR A 1 39  ? 2.281   -12.870 3.415   1.00 93.01  ? 38  TYR A CG  1 
ATOM   321  C  CD1 . TYR A 1 39  ? 1.295   -13.316 2.547   1.00 93.87  ? 38  TYR A CD1 1 
ATOM   322  C  CD2 . TYR A 1 39  ? 3.184   -13.792 3.917   1.00 94.38  ? 38  TYR A CD2 1 
ATOM   323  C  CE1 . TYR A 1 39  ? 1.195   -14.652 2.207   1.00 101.56 ? 38  TYR A CE1 1 
ATOM   324  C  CE2 . TYR A 1 39  ? 3.106   -15.130 3.576   1.00 104.03 ? 38  TYR A CE2 1 
ATOM   325  C  CZ  . TYR A 1 39  ? 2.104   -15.559 2.725   1.00 105.20 ? 38  TYR A CZ  1 
ATOM   326  O  OH  . TYR A 1 39  ? 2.026   -16.876 2.391   1.00 129.71 ? 38  TYR A OH  1 
ATOM   327  N  N   . LYS A 1 40  ? -0.410  -12.520 5.488   1.00 87.46  ? 39  LYS A N   1 
ATOM   328  C  CA  . LYS A 1 40  ? -1.053  -13.252 6.616   1.00 89.75  ? 39  LYS A CA  1 
ATOM   329  C  C   . LYS A 1 40  ? -0.090  -14.344 7.096   1.00 80.61  ? 39  LYS A C   1 
ATOM   330  O  O   . LYS A 1 40  ? -0.133  -14.629 8.286   1.00 86.97  ? 39  LYS A O   1 
ATOM   331  C  CB  . LYS A 1 40  ? -2.444  -13.778 6.252   1.00 98.39  ? 39  LYS A CB  1 
ATOM   332  C  CG  . LYS A 1 40  ? -2.479  -15.091 5.481   1.00 113.42 ? 39  LYS A CG  1 
ATOM   333  C  CD  . LYS A 1 40  ? -3.835  -15.383 4.865   1.00 124.39 ? 39  LYS A CD  1 
ATOM   334  C  CE  . LYS A 1 40  ? -5.001  -15.156 5.809   1.00 133.78 ? 39  LYS A CE  1 
ATOM   335  N  NZ  . LYS A 1 40  ? -4.913  -16.015 7.013   1.00 137.32 ? 39  LYS A NZ  1 
ATOM   336  N  N   . GLY A 1 41  ? 0.794   -14.861 6.229   1.00 80.04  ? 40  GLY A N   1 
ATOM   337  C  CA  . GLY A 1 41  ? 1.876   -15.802 6.601   1.00 79.34  ? 40  GLY A CA  1 
ATOM   338  C  C   . GLY A 1 41  ? 3.021   -15.177 7.411   1.00 88.83  ? 40  GLY A C   1 
ATOM   339  O  O   . GLY A 1 41  ? 3.745   -15.943 8.112   1.00 86.81  ? 40  GLY A O   1 
ATOM   340  N  N   . GLU A 1 42  ? 3.189   -13.848 7.364   1.00 89.19  ? 41  GLU A N   1 
ATOM   341  C  CA  . GLU A 1 42  ? 4.431   -13.130 7.781   1.00 84.75  ? 41  GLU A CA  1 
ATOM   342  C  C   . GLU A 1 42  ? 4.754   -13.337 9.269   1.00 87.11  ? 41  GLU A C   1 
ATOM   343  O  O   . GLU A 1 42  ? 3.867   -13.133 10.118  1.00 80.86  ? 41  GLU A O   1 
ATOM   344  C  CB  . GLU A 1 42  ? 4.327   -11.632 7.489   1.00 80.23  ? 41  GLU A CB  1 
ATOM   345  C  CG  . GLU A 1 42  ? 5.584   -10.855 7.848   1.00 71.77  ? 41  GLU A CG  1 
ATOM   346  C  CD  . GLU A 1 42  ? 6.856   -11.320 7.164   1.00 62.30  ? 41  GLU A CD  1 
ATOM   347  O  OE1 . GLU A 1 42  ? 6.802   -11.676 5.975   1.00 58.02  ? 41  GLU A OE1 1 
ATOM   348  O  OE2 . GLU A 1 42  ? 7.912   -11.294 7.821   1.00 62.10  ? 41  GLU A OE2 1 
ATOM   349  N  N   . LYS A 1 43  ? 6.020   -13.666 9.548   1.00 92.13  ? 42  LYS A N   1 
ATOM   350  C  CA  . LYS A 1 43  ? 6.559   -13.991 10.894  1.00 101.42 ? 42  LYS A CA  1 
ATOM   351  C  C   . LYS A 1 43  ? 7.500   -12.880 11.355  1.00 96.49  ? 42  LYS A C   1 
ATOM   352  O  O   . LYS A 1 43  ? 7.404   -12.478 12.529  1.00 96.17  ? 42  LYS A O   1 
ATOM   353  C  CB  . LYS A 1 43  ? 7.291   -15.338 10.842  1.00 104.82 ? 42  LYS A CB  1 
ATOM   354  C  CG  . LYS A 1 43  ? 6.414   -16.521 10.456  1.00 114.90 ? 42  LYS A CG  1 
ATOM   355  C  CD  . LYS A 1 43  ? 5.014   -16.433 11.040  1.00 116.59 ? 42  LYS A CD  1 
ATOM   356  C  CE  . LYS A 1 43  ? 4.226   -17.717 10.931  1.00 116.87 ? 42  LYS A CE  1 
ATOM   357  N  NZ  . LYS A 1 43  ? 3.108   -17.720 11.902  1.00 128.28 ? 42  LYS A NZ  1 
ATOM   358  N  N   . GLN A 1 44  ? 8.355   -12.392 10.454  1.00 93.60  ? 43  GLN A N   1 
ATOM   359  C  CA  . GLN A 1 44  ? 9.569   -11.606 10.793  1.00 91.90  ? 43  GLN A CA  1 
ATOM   360  C  C   . GLN A 1 44  ? 9.224   -10.114 10.961  1.00 86.23  ? 43  GLN A C   1 
ATOM   361  O  O   . GLN A 1 44  ? 9.608   -9.552  11.998  1.00 83.64  ? 43  GLN A O   1 
ATOM   362  C  CB  . GLN A 1 44  ? 10.658  -11.833 9.735   1.00 109.90 ? 43  GLN A CB  1 
ATOM   363  C  CG  . GLN A 1 44  ? 10.862  -13.296 9.340   1.00 122.67 ? 43  GLN A CG  1 
ATOM   364  C  CD  . GLN A 1 44  ? 10.980  -14.230 10.521  1.00 134.45 ? 43  GLN A CD  1 
ATOM   365  O  OE1 . GLN A 1 44  ? 11.509  -13.876 11.573  1.00 145.31 ? 43  GLN A OE1 1 
ATOM   366  N  NE2 . GLN A 1 44  ? 10.488  -15.449 10.357  1.00 141.53 ? 43  GLN A NE2 1 
ATOM   367  N  N   . LEU A 1 45  ? 8.557   -9.476  9.993   1.00 72.63  ? 44  LEU A N   1 
ATOM   368  C  CA  . LEU A 1 45  ? 8.337   -8.002  10.010  1.00 71.49  ? 44  LEU A CA  1 
ATOM   369  C  C   . LEU A 1 45  ? 7.180   -7.664  10.949  1.00 67.37  ? 44  LEU A C   1 
ATOM   370  O  O   . LEU A 1 45  ? 6.227   -8.432  11.065  1.00 68.72  ? 44  LEU A O   1 
ATOM   371  C  CB  . LEU A 1 45  ? 8.027   -7.508  8.592   1.00 77.00  ? 44  LEU A CB  1 
ATOM   372  C  CG  . LEU A 1 45  ? 9.079   -7.791  7.522   1.00 74.78  ? 44  LEU A CG  1 
ATOM   373  C  CD1 . LEU A 1 45  ? 8.526   -7.485  6.143   1.00 75.50  ? 44  LEU A CD1 1 
ATOM   374  C  CD2 . LEU A 1 45  ? 10.362  -7.013  7.778   1.00 75.74  ? 44  LEU A CD2 1 
ATOM   375  N  N   . PRO A 1 46  ? 7.208   -6.496  11.628  1.00 64.56  ? 45  PRO A N   1 
ATOM   376  C  CA  . PRO A 1 46  ? 6.085   -6.046  12.443  1.00 67.21  ? 45  PRO A CA  1 
ATOM   377  C  C   . PRO A 1 46  ? 4.875   -5.583  11.623  1.00 74.62  ? 45  PRO A C   1 
ATOM   378  O  O   . PRO A 1 46  ? 5.037   -5.264  10.457  1.00 77.54  ? 45  PRO A O   1 
ATOM   379  C  CB  . PRO A 1 46  ? 6.593   -4.828  13.231  1.00 63.69  ? 45  PRO A CB  1 
ATOM   380  C  CG  . PRO A 1 46  ? 8.000   -4.536  12.724  1.00 60.83  ? 45  PRO A CG  1 
ATOM   381  C  CD  . PRO A 1 46  ? 8.341   -5.561  11.661  1.00 65.69  ? 45  PRO A CD  1 
ATOM   382  N  N   . VAL A 1 47  ? 3.710   -5.501  12.274  1.00 75.61  ? 46  VAL A N   1 
ATOM   383  C  CA  . VAL A 1 47  ? 2.503   -4.808  11.727  1.00 77.17  ? 46  VAL A CA  1 
ATOM   384  C  C   . VAL A 1 47  ? 2.717   -3.294  11.832  1.00 75.80  ? 46  VAL A C   1 
ATOM   385  O  O   . VAL A 1 47  ? 3.375   -2.847  12.796  1.00 69.72  ? 46  VAL A O   1 
ATOM   386  C  CB  . VAL A 1 47  ? 1.189   -5.224  12.415  1.00 78.16  ? 46  VAL A CB  1 
ATOM   387  C  CG1 . VAL A 1 47  ? 0.950   -6.722  12.310  1.00 73.39  ? 46  VAL A CG1 1 
ATOM   388  C  CG2 . VAL A 1 47  ? 1.098   -4.730  13.854  1.00 81.90  ? 46  VAL A CG2 1 
ATOM   389  N  N   . LEU A 1 48  ? 2.177   -2.550  10.860  1.00 69.54  ? 47  LEU A N   1 
ATOM   390  C  CA  . LEU A 1 48  ? 2.158   -1.065  10.831  1.00 71.20  ? 47  LEU A CA  1 
ATOM   391  C  C   . LEU A 1 48  ? 1.225   -0.553  11.927  1.00 68.25  ? 47  LEU A C   1 
ATOM   392  O  O   . LEU A 1 48  ? 0.317   -1.290  12.331  1.00 67.87  ? 47  LEU A O   1 
ATOM   393  C  CB  . LEU A 1 48  ? 1.660   -0.580  9.467   1.00 72.72  ? 47  LEU A CB  1 
ATOM   394  C  CG  . LEU A 1 48  ? 2.587   -0.854  8.282   1.00 71.90  ? 47  LEU A CG  1 
ATOM   395  C  CD1 . LEU A 1 48  ? 1.858   -0.631  6.971   1.00 70.60  ? 47  LEU A CD1 1 
ATOM   396  C  CD2 . LEU A 1 48  ? 3.819   0.027   8.353   1.00 72.57  ? 47  LEU A CD2 1 
ATOM   397  N  N   . ASP A 1 49  ? 1.449   0.687   12.353  1.00 71.08  ? 48  ASP A N   1 
ATOM   398  C  CA  . ASP A 1 49  ? 0.611   1.393   13.348  1.00 63.36  ? 48  ASP A CA  1 
ATOM   399  C  C   . ASP A 1 49  ? -0.751  1.705   12.713  1.00 72.05  ? 48  ASP A C   1 
ATOM   400  O  O   . ASP A 1 49  ? -1.679  2.009   13.478  1.00 64.76  ? 48  ASP A O   1 
ATOM   401  C  CB  . ASP A 1 49  ? 1.359   2.612   13.887  1.00 75.87  ? 48  ASP A CB  1 
ATOM   402  C  CG  . ASP A 1 49  ? 1.811   3.581   12.805  1.00 87.44  ? 48  ASP A CG  1 
ATOM   403  O  OD1 . ASP A 1 49  ? 1.287   4.713   12.801  1.00 89.85  ? 48  ASP A OD1 1 
ATOM   404  O  OD2 . ASP A 1 49  ? 2.686   3.195   11.971  1.00 81.21  ? 48  ASP A OD2 1 
ATOM   405  N  N   . LYS A 1 50  ? -0.891  1.624   11.379  1.00 67.11  ? 49  LYS A N   1 
ATOM   406  C  CA  . LYS A 1 50  ? -2.190  1.873   10.697  1.00 64.30  ? 49  LYS A CA  1 
ATOM   407  C  C   . LYS A 1 50  ? -2.206  1.133   9.355   1.00 58.87  ? 49  LYS A C   1 
ATOM   408  O  O   . LYS A 1 50  ? -1.184  0.531   8.995   1.00 57.97  ? 49  LYS A O   1 
ATOM   409  C  CB  . LYS A 1 50  ? -2.455  3.380   10.585  1.00 64.83  ? 49  LYS A CB  1 
ATOM   410  C  CG  . LYS A 1 50  ? -1.604  4.138   9.574   1.00 68.28  ? 49  LYS A CG  1 
ATOM   411  C  CD  . LYS A 1 50  ? -1.848  5.637   9.575   1.00 72.05  ? 49  LYS A CD  1 
ATOM   412  C  CE  . LYS A 1 50  ? -1.075  6.350   8.480   1.00 75.15  ? 49  LYS A CE  1 
ATOM   413  N  NZ  . LYS A 1 50  ? -1.649  7.681   8.190   1.00 73.38  ? 49  LYS A NZ  1 
ATOM   414  N  N   A THR A 1 51  ? -3.334  1.174   8.637   0.06 58.37  ? 50  THR A N   1 
ATOM   415  N  N   B THR A 1 51  ? -3.356  1.191   8.671   0.45 58.24  ? 50  THR A N   1 
ATOM   416  C  CA  A THR A 1 51  ? -3.541  0.440   7.355   0.06 58.21  ? 50  THR A CA  1 
ATOM   417  C  CA  B THR A 1 51  ? -3.691  0.447   7.420   0.45 63.67  ? 50  THR A CA  1 
ATOM   418  C  C   A THR A 1 51  ? -3.772  1.413   6.186   0.06 57.00  ? 50  THR A C   1 
ATOM   419  C  C   B THR A 1 51  ? -3.800  1.397   6.216   0.45 56.80  ? 50  THR A C   1 
ATOM   420  O  O   A THR A 1 51  ? -3.304  1.087   5.078   0.06 56.94  ? 50  THR A O   1 
ATOM   421  O  O   B THR A 1 51  ? -3.339  1.025   5.118   0.45 54.86  ? 50  THR A O   1 
ATOM   422  C  CB  A THR A 1 51  ? -4.671  -0.590  7.486   0.06 57.82  ? 50  THR A CB  1 
ATOM   423  C  CB  B THR A 1 51  ? -5.030  -0.289  7.567   0.45 64.67  ? 50  THR A CB  1 
ATOM   424  O  OG1 A THR A 1 51  ? -4.784  -1.284  6.243   0.06 57.08  ? 50  THR A OG1 1 
ATOM   425  O  OG1 B THR A 1 51  ? -4.971  -1.136  8.714   0.45 75.83  ? 50  THR A OG1 1 
ATOM   426  C  CG2 A THR A 1 51  ? -6.004  0.023   7.852   0.06 58.00  ? 50  THR A CG2 1 
ATOM   427  C  CG2 B THR A 1 51  ? -5.390  -1.112  6.349   0.45 63.57  ? 50  THR A CG2 1 
ATOM   428  N  N   . LYS A 1 52  ? -4.453  2.546   6.408   1.00 57.02  ? 51  LYS A N   1 
ATOM   429  C  CA  . LYS A 1 52  ? -4.774  3.522   5.331   1.00 54.69  ? 51  LYS A CA  1 
ATOM   430  C  C   . LYS A 1 52  ? -3.781  4.710   5.300   1.00 57.37  ? 51  LYS A C   1 
ATOM   431  O  O   . LYS A 1 52  ? -3.613  5.401   6.331   1.00 54.81  ? 51  LYS A O   1 
ATOM   432  C  CB  . LYS A 1 52  ? -6.211  3.975   5.562   1.00 53.55  ? 51  LYS A CB  1 
ATOM   433  C  CG  . LYS A 1 52  ? -6.763  4.879   4.481   1.00 60.48  ? 51  LYS A CG  1 
ATOM   434  C  CD  . LYS A 1 52  ? -8.168  5.295   4.770   1.00 65.74  ? 51  LYS A CD  1 
ATOM   435  C  CE  . LYS A 1 52  ? -8.292  6.355   5.844   1.00 61.53  ? 51  LYS A CE  1 
ATOM   436  N  NZ  . LYS A 1 52  ? -9.631  6.975   5.768   1.00 59.83  ? 51  LYS A NZ  1 
ATOM   437  N  N   . PHE A 1 53  ? -3.143  4.939   4.146   1.00 52.26  ? 52  PHE A N   1 
ATOM   438  C  CA  . PHE A 1 53  ? -2.061  5.938   3.947   1.00 48.14  ? 52  PHE A CA  1 
ATOM   439  C  C   . PHE A 1 53  ? -2.471  6.913   2.837   1.00 46.58  ? 52  PHE A C   1 
ATOM   440  O  O   . PHE A 1 53  ? -3.053  6.474   1.813   1.00 48.16  ? 52  PHE A O   1 
ATOM   441  C  CB  . PHE A 1 53  ? -0.751  5.214   3.639   1.00 51.13  ? 52  PHE A CB  1 
ATOM   442  C  CG  . PHE A 1 53  ? -0.279  4.394   4.807   1.00 52.79  ? 52  PHE A CG  1 
ATOM   443  C  CD1 . PHE A 1 53  ? -0.780  3.121   5.024   1.00 58.81  ? 52  PHE A CD1 1 
ATOM   444  C  CD2 . PHE A 1 53  ? 0.598   4.930   5.734   1.00 58.52  ? 52  PHE A CD2 1 
ATOM   445  C  CE1 . PHE A 1 53  ? -0.389  2.386   6.136   1.00 55.69  ? 52  PHE A CE1 1 
ATOM   446  C  CE2 . PHE A 1 53  ? 0.981   4.197   6.849   1.00 63.20  ? 52  PHE A CE2 1 
ATOM   447  C  CZ  . PHE A 1 53  ? 0.465   2.936   7.057   1.00 51.23  ? 52  PHE A CZ  1 
ATOM   448  N  N   . LEU A 1 54  ? -2.173  8.200   3.019   1.00 44.76  ? 53  LEU A N   1 
ATOM   449  C  CA  . LEU A 1 54  ? -2.253  9.210   1.931   1.00 44.52  ? 53  LEU A CA  1 
ATOM   450  C  C   . LEU A 1 54  ? -0.836  9.485   1.390   1.00 40.97  ? 53  LEU A C   1 
ATOM   451  O  O   . LEU A 1 54  ? -0.085  10.246  1.992   1.00 49.67  ? 53  LEU A O   1 
ATOM   452  C  CB  . LEU A 1 54  ? -2.976  10.463  2.441   1.00 46.32  ? 53  LEU A CB  1 
ATOM   453  C  CG  . LEU A 1 54  ? -4.296  10.255  3.188   1.00 48.92  ? 53  LEU A CG  1 
ATOM   454  C  CD1 . LEU A 1 54  ? -4.952  11.592  3.494   1.00 61.65  ? 53  LEU A CD1 1 
ATOM   455  C  CD2 . LEU A 1 54  ? -5.251  9.369   2.402   1.00 53.49  ? 53  LEU A CD2 1 
ATOM   456  N  N   . VAL A 1 55  ? -0.510  8.917   0.228   1.00 42.99  ? 54  VAL A N   1 
ATOM   457  C  CA  . VAL A 1 55  ? 0.830   9.037   -0.428  1.00 44.13  ? 54  VAL A CA  1 
ATOM   458  C  C   . VAL A 1 55  ? 0.809   10.139  -1.495  1.00 42.53  ? 54  VAL A C   1 
ATOM   459  O  O   . VAL A 1 55  ? 0.015   10.120  -2.423  1.00 47.28  ? 54  VAL A O   1 
ATOM   460  C  CB  . VAL A 1 55  ? 1.284   7.663   -0.945  1.00 41.32  ? 54  VAL A CB  1 
ATOM   461  C  CG1 . VAL A 1 55  ? 2.722   7.668   -1.446  1.00 39.55  ? 54  VAL A CG1 1 
ATOM   462  C  CG2 . VAL A 1 55  ? 1.102   6.586   0.123   1.00 50.85  ? 54  VAL A CG2 1 
ATOM   463  N  N   . PRO A 1 56  ? 1.684   11.156  -1.368  1.00 48.29  ? 55  PRO A N   1 
ATOM   464  C  CA  . PRO A 1 56  ? 1.891   12.199  -2.372  1.00 45.52  ? 55  PRO A CA  1 
ATOM   465  C  C   . PRO A 1 56  ? 2.076   11.576  -3.754  1.00 40.22  ? 55  PRO A C   1 
ATOM   466  O  O   . PRO A 1 56  ? 2.892   10.640  -3.898  1.00 38.83  ? 55  PRO A O   1 
ATOM   467  C  CB  . PRO A 1 56  ? 3.199   12.917  -1.981  1.00 45.40  ? 55  PRO A CB  1 
ATOM   468  C  CG  . PRO A 1 56  ? 3.466   12.508  -0.540  1.00 52.26  ? 55  PRO A CG  1 
ATOM   469  C  CD  . PRO A 1 56  ? 2.679   11.245  -0.303  1.00 51.11  ? 55  PRO A CD  1 
ATOM   470  N  N   . ASP A 1 57  ? 1.283   12.049  -4.724  1.00 43.82  ? 56  ASP A N   1 
ATOM   471  C  CA  . ASP A 1 57  ? 1.101   11.371  -6.029  1.00 40.09  ? 56  ASP A CA  1 
ATOM   472  C  C   . ASP A 1 57  ? 2.372   11.450  -6.897  1.00 42.48  ? 56  ASP A C   1 
ATOM   473  O  O   . ASP A 1 57  ? 2.392   10.784  -7.998  1.00 47.74  ? 56  ASP A O   1 
ATOM   474  C  CB  . ASP A 1 57  ? -0.176  11.857  -6.717  1.00 42.64  ? 56  ASP A CB  1 
ATOM   475  C  CG  . ASP A 1 57  ? -0.066  13.198  -7.409  1.00 43.84  ? 56  ASP A CG  1 
ATOM   476  O  OD1 . ASP A 1 57  ? 0.876   13.919  -7.103  1.00 46.42  ? 56  ASP A OD1 1 
ATOM   477  O  OD2 . ASP A 1 57  ? -0.944  13.480  -8.256  1.00 44.56  ? 56  ASP A OD2 1 
ATOM   478  N  N   . HIS A 1 58  ? 3.417   12.117  -6.421  1.00 40.89  ? 57  HIS A N   1 
ATOM   479  C  CA  . HIS A 1 58  ? 4.654   12.391  -7.201  1.00 46.56  ? 57  HIS A CA  1 
ATOM   480  C  C   . HIS A 1 58  ? 5.759   11.444  -6.768  1.00 46.37  ? 57  HIS A C   1 
ATOM   481  O  O   . HIS A 1 58  ? 6.781   11.390  -7.496  1.00 46.06  ? 57  HIS A O   1 
ATOM   482  C  CB  . HIS A 1 58  ? 5.147   13.844  -7.036  1.00 49.52  ? 57  HIS A CB  1 
ATOM   483  C  CG  . HIS A 1 58  ? 5.540   14.188  -5.646  1.00 48.26  ? 57  HIS A CG  1 
ATOM   484  N  ND1 . HIS A 1 58  ? 6.821   13.967  -5.168  1.00 53.57  ? 57  HIS A ND1 1 
ATOM   485  C  CD2 . HIS A 1 58  ? 4.833   14.721  -4.623  1.00 50.50  ? 57  HIS A CD2 1 
ATOM   486  C  CE1 . HIS A 1 58  ? 6.888   14.349  -3.902  1.00 57.89  ? 57  HIS A CE1 1 
ATOM   487  N  NE2 . HIS A 1 58  ? 5.682   14.810  -3.552  1.00 57.94  ? 57  HIS A NE2 1 
ATOM   488  N  N   . VAL A 1 59  ? 5.602   10.699  -5.669  1.00 43.21  ? 58  VAL A N   1 
ATOM   489  C  CA  . VAL A 1 59  ? 6.736   9.817   -5.233  1.00 46.90  ? 58  VAL A CA  1 
ATOM   490  C  C   . VAL A 1 59  ? 6.740   8.545   -6.107  1.00 47.00  ? 58  VAL A C   1 
ATOM   491  O  O   . VAL A 1 59  ? 5.682   8.020   -6.422  1.00 45.26  ? 58  VAL A O   1 
ATOM   492  C  CB  . VAL A 1 59  ? 6.690   9.499   -3.723  1.00 53.23  ? 58  VAL A CB  1 
ATOM   493  C  CG1 . VAL A 1 59  ? 6.500   10.756  -2.874  1.00 49.62  ? 58  VAL A CG1 1 
ATOM   494  C  CG2 . VAL A 1 59  ? 5.616   8.482   -3.433  1.00 54.29  ? 58  VAL A CG2 1 
ATOM   495  N  N   . ASN A 1 60  ? 7.901   8.011   -6.450  1.00 49.00  ? 59  ASN A N   1 
ATOM   496  C  CA  . ASN A 1 60  ? 7.959   6.739   -7.208  1.00 49.83  ? 59  ASN A CA  1 
ATOM   497  C  C   . ASN A 1 60  ? 7.981   5.559   -6.224  1.00 54.77  ? 59  ASN A C   1 
ATOM   498  O  O   . ASN A 1 60  ? 8.075   5.810   -5.001  1.00 42.73  ? 59  ASN A O   1 
ATOM   499  C  CB  . ASN A 1 60  ? 9.094   6.780   -8.217  1.00 52.13  ? 59  ASN A CB  1 
ATOM   500  C  CG  . ASN A 1 60  ? 10.458  6.686   -7.588  1.00 51.78  ? 59  ASN A CG  1 
ATOM   501  O  OD1 . ASN A 1 60  ? 10.639  6.107   -6.518  1.00 60.39  ? 59  ASN A OD1 1 
ATOM   502  N  ND2 . ASN A 1 60  ? 11.429  7.202   -8.297  1.00 51.37  ? 59  ASN A ND2 1 
ATOM   503  N  N   . MET A 1 61  ? 7.758   4.327   -6.708  1.00 49.09  ? 60  MET A N   1 
ATOM   504  C  CA  . MET A 1 61  ? 7.623   3.135   -5.827  1.00 50.09  ? 60  MET A CA  1 
ATOM   505  C  C   . MET A 1 61  ? 8.896   2.897   -5.002  1.00 48.52  ? 60  MET A C   1 
ATOM   506  O  O   . MET A 1 61  ? 8.793   2.424   -3.862  1.00 48.01  ? 60  MET A O   1 
ATOM   507  C  CB  . MET A 1 61  ? 7.290   1.866   -6.620  1.00 59.79  ? 60  MET A CB  1 
ATOM   508  C  CG  . MET A 1 61  ? 5.931   1.916   -7.272  1.00 59.47  ? 60  MET A CG  1 
ATOM   509  S  SD  . MET A 1 61  ? 4.610   2.363   -6.134  1.00 65.13  ? 60  MET A SD  1 
ATOM   510  C  CE  . MET A 1 61  ? 4.645   0.988   -4.991  1.00 60.80  ? 60  MET A CE  1 
ATOM   511  N  N   A SER A 1 62  ? 10.065  3.196   -5.575  0.47 46.73  ? 61  SER A N   1 
ATOM   512  N  N   B SER A 1 62  ? 10.063  3.207   -5.577  0.04 47.93  ? 61  SER A N   1 
ATOM   513  C  CA  A SER A 1 62  ? 11.380  3.057   -4.909  0.47 52.09  ? 61  SER A CA  1 
ATOM   514  C  CA  B SER A 1 62  ? 11.393  3.077   -4.923  0.04 47.86  ? 61  SER A CA  1 
ATOM   515  C  C   A SER A 1 62  ? 11.378  3.896   -3.622  0.47 51.33  ? 61  SER A C   1 
ATOM   516  C  C   B SER A 1 62  ? 11.414  3.910   -3.637  0.04 47.69  ? 61  SER A C   1 
ATOM   517  O  O   A SER A 1 62  ? 11.782  3.370   -2.583  0.47 49.61  ? 61  SER A O   1 
ATOM   518  O  O   B SER A 1 62  ? 11.904  3.396   -2.615  0.04 47.79  ? 61  SER A O   1 
ATOM   519  C  CB  A SER A 1 62  ? 12.489  3.454   -5.836  0.47 56.67  ? 61  SER A CB  1 
ATOM   520  C  CB  B SER A 1 62  ? 12.510  3.474   -5.857  0.04 47.94  ? 61  SER A CB  1 
ATOM   521  O  OG  A SER A 1 62  ? 13.660  3.756   -5.103  0.47 61.99  ? 61  SER A OG  1 
ATOM   522  O  OG  B SER A 1 62  ? 12.702  4.880   -5.857  0.04 47.43  ? 61  SER A OG  1 
ATOM   523  N  N   . GLU A 1 63  ? 10.887  5.140   -3.687  1.00 47.03  ? 62  GLU A N   1 
ATOM   524  C  CA  . GLU A 1 63  ? 10.797  6.021   -2.486  1.00 45.70  ? 62  GLU A CA  1 
ATOM   525  C  C   . GLU A 1 63  ? 9.670   5.527   -1.571  1.00 41.29  ? 62  GLU A C   1 
ATOM   526  O  O   . GLU A 1 63  ? 9.820   5.670   -0.387  1.00 43.73  ? 62  GLU A O   1 
ATOM   527  C  CB  . GLU A 1 63  ? 10.640  7.484   -2.907  1.00 45.39  ? 62  GLU A CB  1 
ATOM   528  C  CG  . GLU A 1 63  ? 10.322  8.436   -1.768  1.00 41.54  ? 62  GLU A CG  1 
ATOM   529  C  CD  . GLU A 1 63  ? 11.388  8.540   -0.683  1.00 47.02  ? 62  GLU A CD  1 
ATOM   530  O  OE1 . GLU A 1 63  ? 12.583  8.223   -0.974  1.00 45.71  ? 62  GLU A OE1 1 
ATOM   531  O  OE2 . GLU A 1 63  ? 11.025  8.919   0.470   1.00 43.72  ? 62  GLU A OE2 1 
ATOM   532  N  N   . LEU A 1 64  ? 8.551   4.987   -2.071  1.00 46.45  ? 63  LEU A N   1 
ATOM   533  C  CA  . LEU A 1 64  ? 7.496   4.457   -1.170  1.00 45.61  ? 63  LEU A CA  1 
ATOM   534  C  C   . LEU A 1 64  ? 8.032   3.261   -0.374  1.00 50.23  ? 63  LEU A C   1 
ATOM   535  O  O   . LEU A 1 64  ? 7.653   3.093   0.826   1.00 51.73  ? 63  LEU A O   1 
ATOM   536  C  CB  . LEU A 1 64  ? 6.227   4.052   -1.912  1.00 45.48  ? 63  LEU A CB  1 
ATOM   537  C  CG  . LEU A 1 64  ? 5.119   3.582   -0.966  1.00 49.24  ? 63  LEU A CG  1 
ATOM   538  C  CD1 . LEU A 1 64  ? 4.915   4.569   0.187   1.00 50.28  ? 63  LEU A CD1 1 
ATOM   539  C  CD2 . LEU A 1 64  ? 3.812   3.321   -1.702  1.00 52.15  ? 63  LEU A CD2 1 
ATOM   540  N  N   . ILE A 1 65  ? 8.864   2.433   -0.985  1.00 54.87  ? 64  ILE A N   1 
ATOM   541  C  CA  . ILE A 1 65  ? 9.511   1.301   -0.255  1.00 56.65  ? 64  ILE A CA  1 
ATOM   542  C  C   . ILE A 1 65  ? 10.399  1.894   0.843   1.00 51.74  ? 64  ILE A C   1 
ATOM   543  O  O   . ILE A 1 65  ? 10.350  1.392   1.970   1.00 51.98  ? 64  ILE A O   1 
ATOM   544  C  CB  . ILE A 1 65  ? 10.306  0.377   -1.206  1.00 57.62  ? 64  ILE A CB  1 
ATOM   545  C  CG1 . ILE A 1 65  ? 9.380   -0.377  -2.171  1.00 60.43  ? 64  ILE A CG1 1 
ATOM   546  C  CG2 . ILE A 1 65  ? 11.214  -0.572  -0.415  1.00 61.23  ? 64  ILE A CG2 1 
ATOM   547  C  CD1 . ILE A 1 65  ? 10.045  -0.787  -3.475  1.00 62.76  ? 64  ILE A CD1 1 
ATOM   548  N  N   . LYS A 1 66  ? 11.188  2.926   0.536   1.00 56.52  ? 65  LYS A N   1 
ATOM   549  C  CA  . LYS A 1 66  ? 12.060  3.584   1.547   1.00 49.48  ? 65  LYS A CA  1 
ATOM   550  C  C   . LYS A 1 66  ? 11.211  4.075   2.724   1.00 52.98  ? 65  LYS A C   1 
ATOM   551  O  O   . LYS A 1 66  ? 11.595  3.869   3.885   1.00 47.40  ? 65  LYS A O   1 
ATOM   552  C  CB  . LYS A 1 66  ? 12.855  4.696   0.871   1.00 57.95  ? 65  LYS A CB  1 
ATOM   553  C  CG  . LYS A 1 66  ? 13.997  4.153   0.038   1.00 49.43  ? 65  LYS A CG  1 
ATOM   554  C  CD  . LYS A 1 66  ? 14.957  5.165   -0.483  1.00 55.86  ? 65  LYS A CD  1 
ATOM   555  C  CE  . LYS A 1 66  ? 15.936  4.509   -1.438  1.00 62.24  ? 65  LYS A CE  1 
ATOM   556  N  NZ  . LYS A 1 66  ? 16.032  5.256   -2.709  1.00 72.67  ? 65  LYS A NZ  1 
ATOM   557  N  N   . ILE A 1 67  ? 10.089  4.700   2.423   1.00 48.67  ? 66  ILE A N   1 
ATOM   558  C  CA  . ILE A 1 67  ? 9.165   5.289   3.429   1.00 47.36  ? 66  ILE A CA  1 
ATOM   559  C  C   . ILE A 1 67  ? 8.658   4.205   4.395   1.00 48.56  ? 66  ILE A C   1 
ATOM   560  O  O   . ILE A 1 67  ? 8.703   4.425   5.569   1.00 44.08  ? 66  ILE A O   1 
ATOM   561  C  CB  . ILE A 1 67  ? 8.008   6.021   2.719   1.00 44.72  ? 66  ILE A CB  1 
ATOM   562  C  CG1 . ILE A 1 67  ? 8.478   7.305   2.033   1.00 48.75  ? 66  ILE A CG1 1 
ATOM   563  C  CG2 . ILE A 1 67  ? 6.849   6.289   3.671   1.00 46.95  ? 66  ILE A CG2 1 
ATOM   564  C  CD1 . ILE A 1 67  ? 7.442   7.945   1.108   1.00 48.46  ? 66  ILE A CD1 1 
ATOM   565  N  N   A ILE A 1 68  ? 8.161   3.080   3.872   0.17 51.69  ? 67  ILE A N   1 
ATOM   566  N  N   B ILE A 1 68  ? 8.149   3.087   3.868   0.34 52.85  ? 67  ILE A N   1 
ATOM   567  C  CA  A ILE A 1 68  ? 7.551   1.985   4.688   0.17 53.73  ? 67  ILE A CA  1 
ATOM   568  C  CA  B ILE A 1 68  ? 7.554   1.976   4.672   0.34 54.85  ? 67  ILE A CA  1 
ATOM   569  C  C   A ILE A 1 68  ? 8.645   1.277   5.503   0.17 56.37  ? 67  ILE A C   1 
ATOM   570  C  C   B ILE A 1 68  ? 8.650   1.299   5.509   0.34 58.85  ? 67  ILE A C   1 
ATOM   571  O  O   A ILE A 1 68  ? 8.351   0.891   6.654   0.17 56.87  ? 67  ILE A O   1 
ATOM   572  O  O   B ILE A 1 68  ? 8.366   0.958   6.679   0.34 59.08  ? 67  ILE A O   1 
ATOM   573  C  CB  A ILE A 1 68  ? 6.761   0.998   3.808   0.17 55.13  ? 67  ILE A CB  1 
ATOM   574  C  CB  B ILE A 1 68  ? 6.828   0.962   3.772   0.34 57.22  ? 67  ILE A CB  1 
ATOM   575  C  CG1 A ILE A 1 68  ? 5.575   1.675   3.116   0.17 54.84  ? 67  ILE A CG1 1 
ATOM   576  C  CG1 B ILE A 1 68  ? 5.700   1.613   2.970   0.34 56.40  ? 67  ILE A CG1 1 
ATOM   577  C  CG2 A ILE A 1 68  ? 6.320   -0.203  4.632   0.17 57.72  ? 67  ILE A CG2 1 
ATOM   578  C  CG2 B ILE A 1 68  ? 6.327   -0.206  4.610   0.34 62.22  ? 67  ILE A CG2 1 
ATOM   579  C  CD1 A ILE A 1 68  ? 4.609   2.349   4.063   0.17 54.65  ? 67  ILE A CD1 1 
ATOM   580  C  CD1 B ILE A 1 68  ? 5.339   0.871   1.702   0.34 55.63  ? 67  ILE A CD1 1 
ATOM   581  N  N   . ARG A 1 69  ? 9.850   1.119   4.937   1.00 56.19  ? 68  ARG A N   1 
ATOM   582  C  CA  . ARG A 1 69  ? 11.029  0.562   5.661   1.00 53.40  ? 68  ARG A CA  1 
ATOM   583  C  C   . ARG A 1 69  ? 11.346  1.453   6.863   1.00 53.83  ? 68  ARG A C   1 
ATOM   584  O  O   . ARG A 1 69  ? 11.591  0.917   7.962   1.00 61.90  ? 68  ARG A O   1 
ATOM   585  C  CB  . ARG A 1 69  ? 12.270  0.475   4.766   1.00 49.91  ? 68  ARG A CB  1 
ATOM   586  C  CG  . ARG A 1 69  ? 12.272  -0.696  3.788   1.00 51.56  ? 68  ARG A CG  1 
ATOM   587  C  CD  . ARG A 1 69  ? 13.552  -0.791  2.956   1.00 51.49  ? 68  ARG A CD  1 
ATOM   588  N  NE  . ARG A 1 69  ? 14.676  -1.173  3.801   1.00 56.31  ? 68  ARG A NE  1 
ATOM   589  C  CZ  . ARG A 1 69  ? 15.002  -2.428  4.148   1.00 62.81  ? 68  ARG A CZ  1 
ATOM   590  N  NH1 . ARG A 1 69  ? 14.323  -3.474  3.686   1.00 57.48  ? 68  ARG A NH1 1 
ATOM   591  N  NH2 . ARG A 1 69  ? 16.029  -2.623  4.959   1.00 61.92  ? 68  ARG A NH2 1 
ATOM   592  N  N   . ARG A 1 70  ? 11.293  2.768   6.679   1.00 48.95  ? 69  ARG A N   1 
ATOM   593  C  CA  . ARG A 1 70  ? 11.477  3.740   7.790   1.00 47.98  ? 69  ARG A CA  1 
ATOM   594  C  C   . ARG A 1 70  ? 10.304  3.651   8.772   1.00 48.65  ? 69  ARG A C   1 
ATOM   595  O  O   . ARG A 1 70  ? 10.558  3.761   9.962   1.00 55.69  ? 69  ARG A O   1 
ATOM   596  C  CB  . ARG A 1 70  ? 11.654  5.168   7.270   1.00 49.21  ? 69  ARG A CB  1 
ATOM   597  C  CG  . ARG A 1 70  ? 13.027  5.458   6.666   1.00 48.07  ? 69  ARG A CG  1 
ATOM   598  C  CD  . ARG A 1 70  ? 13.303  6.933   6.390   1.00 46.03  ? 69  ARG A CD  1 
ATOM   599  N  NE  . ARG A 1 70  ? 12.498  7.625   5.362   1.00 45.47  ? 69  ARG A NE  1 
ATOM   600  C  CZ  . ARG A 1 70  ? 12.840  7.804   4.086   1.00 43.82  ? 69  ARG A CZ  1 
ATOM   601  N  NH1 . ARG A 1 70  ? 13.954  7.268   3.611   1.00 44.26  ? 69  ARG A NH1 1 
ATOM   602  N  NH2 . ARG A 1 70  ? 12.035  8.468   3.262   1.00 40.35  ? 69  ARG A NH2 1 
ATOM   603  N  N   . ARG A 1 71  ? 9.069   3.470   8.300   1.00 50.55  ? 70  ARG A N   1 
ATOM   604  C  CA  . ARG A 1 71  ? 7.884   3.366   9.184   1.00 52.30  ? 70  ARG A CA  1 
ATOM   605  C  C   . ARG A 1 71  ? 8.010   2.093   10.040  1.00 64.09  ? 70  ARG A C   1 
ATOM   606  O  O   . ARG A 1 71  ? 7.674   2.172   11.243  1.00 64.03  ? 70  ARG A O   1 
ATOM   607  C  CB  . ARG A 1 71  ? 6.593   3.433   8.371   1.00 59.76  ? 70  ARG A CB  1 
ATOM   608  C  CG  . ARG A 1 71  ? 5.333   3.527   9.217   1.00 67.26  ? 70  ARG A CG  1 
ATOM   609  C  CD  . ARG A 1 71  ? 4.261   4.419   8.617   1.00 73.67  ? 70  ARG A CD  1 
ATOM   610  N  NE  . ARG A 1 71  ? 3.295   4.883   9.618   1.00 75.34  ? 70  ARG A NE  1 
ATOM   611  C  CZ  . ARG A 1 71  ? 2.751   6.104   9.657   1.00 76.00  ? 70  ARG A CZ  1 
ATOM   612  N  NH1 . ARG A 1 71  ? 3.078   7.020   8.754   1.00 62.47  ? 70  ARG A NH1 1 
ATOM   613  N  NH2 . ARG A 1 71  ? 1.892   6.415   10.623  1.00 75.34  ? 70  ARG A NH2 1 
ATOM   614  N  N   . LEU A 1 72  ? 8.511   0.990   9.469   1.00 62.66  ? 71  LEU A N   1 
ATOM   615  C  CA  . LEU A 1 72  ? 8.715   -0.303  10.183  1.00 60.31  ? 71  LEU A CA  1 
ATOM   616  C  C   . LEU A 1 72  ? 10.005  -0.257  11.020  1.00 67.40  ? 71  LEU A C   1 
ATOM   617  O  O   . LEU A 1 72  ? 10.210  -1.191  11.826  1.00 62.83  ? 71  LEU A O   1 
ATOM   618  C  CB  . LEU A 1 72  ? 8.774   -1.452  9.175   1.00 58.17  ? 71  LEU A CB  1 
ATOM   619  C  CG  . LEU A 1 72  ? 7.467   -1.774  8.456   1.00 62.64  ? 71  LEU A CG  1 
ATOM   620  C  CD1 . LEU A 1 72  ? 7.717   -2.746  7.304   1.00 59.85  ? 71  LEU A CD1 1 
ATOM   621  C  CD2 . LEU A 1 72  ? 6.426   -2.310  9.424   1.00 64.54  ? 71  LEU A CD2 1 
ATOM   622  N  N   . GLN A 1 73  ? 10.821  0.790   10.857  1.00 67.50  ? 72  GLN A N   1 
ATOM   623  C  CA  . GLN A 1 73  ? 12.102  0.994   11.583  1.00 65.45  ? 72  GLN A CA  1 
ATOM   624  C  C   . GLN A 1 73  ? 13.028  -0.207  11.313  1.00 69.42  ? 72  GLN A C   1 
ATOM   625  O  O   . GLN A 1 73  ? 13.721  -0.657  12.245  1.00 70.96  ? 72  GLN A O   1 
ATOM   626  C  CB  . GLN A 1 73  ? 11.821  1.231   13.075  1.00 76.41  ? 72  GLN A CB  1 
ATOM   627  C  CG  . GLN A 1 73  ? 11.498  2.675   13.443  1.00 80.58  ? 72  GLN A CG  1 
ATOM   628  C  CD  . GLN A 1 73  ? 12.625  3.661   13.180  1.00 97.43  ? 72  GLN A CD  1 
ATOM   629  O  OE1 . GLN A 1 73  ? 13.395  4.005   14.079  1.00 88.91  ? 72  GLN A OE1 1 
ATOM   630  N  NE2 . GLN A 1 73  ? 12.728  4.155   11.946  1.00 94.63  ? 72  GLN A NE2 1 
ATOM   631  N  N   . LEU A 1 74  ? 13.036  -0.717  10.077  1.00 68.44  ? 73  LEU A N   1 
ATOM   632  C  CA  . LEU A 1 74  ? 13.930  -1.827  9.617   1.00 65.57  ? 73  LEU A CA  1 
ATOM   633  C  C   . LEU A 1 74  ? 15.396  -1.390  9.690   1.00 59.53  ? 73  LEU A C   1 
ATOM   634  O  O   . LEU A 1 74  ? 15.659  -0.206  9.937   1.00 68.41  ? 73  LEU A O   1 
ATOM   635  C  CB  . LEU A 1 74  ? 13.575  -2.235  8.174   1.00 62.82  ? 73  LEU A CB  1 
ATOM   636  C  CG  . LEU A 1 74  ? 12.152  -2.757  7.932   1.00 57.64  ? 73  LEU A CG  1 
ATOM   637  C  CD1 . LEU A 1 74  ? 12.092  -3.586  6.666   1.00 59.78  ? 73  LEU A CD1 1 
ATOM   638  C  CD2 . LEU A 1 74  ? 11.650  -3.586  9.108   1.00 64.03  ? 73  LEU A CD2 1 
ATOM   639  N  N   . ASN A 1 75  ? 16.315  -2.341  9.509   1.00 71.83  ? 74  ASN A N   1 
ATOM   640  C  CA  . ASN A 1 75  ? 17.775  -2.106  9.320   1.00 68.57  ? 74  ASN A CA  1 
ATOM   641  C  C   . ASN A 1 75  ? 18.169  -2.658  7.946   1.00 62.35  ? 74  ASN A C   1 
ATOM   642  O  O   . ASN A 1 75  ? 17.317  -3.333  7.306   1.00 61.71  ? 74  ASN A O   1 
ATOM   643  C  CB  . ASN A 1 75  ? 18.625  -2.688  10.455  1.00 79.07  ? 74  ASN A CB  1 
ATOM   644  C  CG  . ASN A 1 75  ? 18.303  -4.138  10.762  1.00 81.96  ? 74  ASN A CG  1 
ATOM   645  O  OD1 . ASN A 1 75  ? 18.474  -5.022  9.912   1.00 72.18  ? 74  ASN A OD1 1 
ATOM   646  N  ND2 . ASN A 1 75  ? 17.825  -4.388  11.973  1.00 81.56  ? 74  ASN A ND2 1 
ATOM   647  N  N   . ALA A 1 76  ? 19.408  -2.386  7.534   1.00 65.07  ? 75  ALA A N   1 
ATOM   648  C  CA  . ALA A 1 76  ? 19.900  -2.519  6.147   1.00 75.82  ? 75  ALA A CA  1 
ATOM   649  C  C   . ALA A 1 76  ? 19.658  -3.948  5.658   1.00 89.12  ? 75  ALA A C   1 
ATOM   650  O  O   . ALA A 1 76  ? 19.211  -4.106  4.512   1.00 108.09 ? 75  ALA A O   1 
ATOM   651  C  CB  . ALA A 1 76  ? 21.360  -2.142  6.082   1.00 81.36  ? 75  ALA A CB  1 
ATOM   652  N  N   . ASN A 1 77  ? 19.901  -4.951  6.503   1.00 97.61  ? 76  ASN A N   1 
ATOM   653  C  CA  . ASN A 1 77  ? 19.878  -6.376  6.073   1.00 102.41 ? 76  ASN A CA  1 
ATOM   654  C  C   . ASN A 1 77  ? 18.659  -7.082  6.684   1.00 93.38  ? 76  ASN A C   1 
ATOM   655  O  O   . ASN A 1 77  ? 18.807  -8.252  7.086   1.00 99.08  ? 76  ASN A O   1 
ATOM   656  C  CB  . ASN A 1 77  ? 21.208  -7.069  6.378   1.00 109.83 ? 76  ASN A CB  1 
ATOM   657  C  CG  . ASN A 1 77  ? 21.656  -6.863  7.807   1.00 117.41 ? 76  ASN A CG  1 
ATOM   658  O  OD1 . ASN A 1 77  ? 21.039  -6.099  8.549   1.00 120.88 ? 76  ASN A OD1 1 
ATOM   659  N  ND2 . ASN A 1 77  ? 22.731  -7.530  8.192   1.00 122.59 ? 76  ASN A ND2 1 
ATOM   660  N  N   . GLN A 1 78  ? 17.509  -6.395  6.749   1.00 79.99  ? 77  GLN A N   1 
ATOM   661  C  CA  . GLN A 1 78  ? 16.157  -7.019  6.784   1.00 73.16  ? 77  GLN A CA  1 
ATOM   662  C  C   . GLN A 1 78  ? 15.592  -6.929  5.369   1.00 72.47  ? 77  GLN A C   1 
ATOM   663  O  O   . GLN A 1 78  ? 15.812  -5.893  4.710   1.00 72.93  ? 77  GLN A O   1 
ATOM   664  C  CB  . GLN A 1 78  ? 15.231  -6.350  7.804   1.00 71.68  ? 77  GLN A CB  1 
ATOM   665  C  CG  . GLN A 1 78  ? 15.580  -6.694  9.246   1.00 77.42  ? 77  GLN A CG  1 
ATOM   666  C  CD  . GLN A 1 78  ? 15.037  -5.703  10.250  1.00 78.69  ? 77  GLN A CD  1 
ATOM   667  O  OE1 . GLN A 1 78  ? 15.686  -4.724  10.599  1.00 80.44  ? 77  GLN A OE1 1 
ATOM   668  N  NE2 . GLN A 1 78  ? 13.831  -5.945  10.732  1.00 75.63  ? 77  GLN A NE2 1 
ATOM   669  N  N   . ALA A 1 79  ? 14.953  -7.999  4.900   1.00 70.40  ? 78  ALA A N   1 
ATOM   670  C  CA  . ALA A 1 79  ? 14.363  -8.086  3.551   1.00 70.40  ? 78  ALA A CA  1 
ATOM   671  C  C   . ALA A 1 79  ? 12.948  -7.514  3.616   1.00 70.56  ? 78  ALA A C   1 
ATOM   672  O  O   . ALA A 1 79  ? 12.302  -7.622  4.682   1.00 78.28  ? 78  ALA A O   1 
ATOM   673  C  CB  . ALA A 1 79  ? 14.358  -9.502  3.027   1.00 78.37  ? 78  ALA A CB  1 
ATOM   674  N  N   . PHE A 1 80  ? 12.520  -6.900  2.512   1.00 60.05  ? 79  PHE A N   1 
ATOM   675  C  CA  . PHE A 1 80  ? 11.197  -6.262  2.356   1.00 63.13  ? 79  PHE A CA  1 
ATOM   676  C  C   . PHE A 1 80  ? 10.800  -6.401  0.889   1.00 68.62  ? 79  PHE A C   1 
ATOM   677  O  O   . PHE A 1 80  ? 11.618  -6.050  -0.007  1.00 66.44  ? 79  PHE A O   1 
ATOM   678  C  CB  . PHE A 1 80  ? 11.241  -4.819  2.868   1.00 59.94  ? 79  PHE A CB  1 
ATOM   679  C  CG  . PHE A 1 80  ? 9.928   -4.101  2.773   1.00 55.91  ? 79  PHE A CG  1 
ATOM   680  C  CD1 . PHE A 1 80  ? 8.988   -4.206  3.777   1.00 58.06  ? 79  PHE A CD1 1 
ATOM   681  C  CD2 . PHE A 1 80  ? 9.625   -3.341  1.655   1.00 56.96  ? 79  PHE A CD2 1 
ATOM   682  C  CE1 . PHE A 1 80  ? 7.781   -3.539  3.689   1.00 61.93  ? 79  PHE A CE1 1 
ATOM   683  C  CE2 . PHE A 1 80  ? 8.412   -2.682  1.563   1.00 55.26  ? 79  PHE A CE2 1 
ATOM   684  C  CZ  . PHE A 1 80  ? 7.489   -2.782  2.576   1.00 60.93  ? 79  PHE A CZ  1 
ATOM   685  N  N   . PHE A 1 81  ? 9.621   -6.991  0.669   1.00 65.33  ? 80  PHE A N   1 
ATOM   686  C  CA  . PHE A 1 81  ? 8.994   -7.187  -0.662  1.00 63.63  ? 80  PHE A CA  1 
ATOM   687  C  C   . PHE A 1 81  ? 7.600   -6.581  -0.567  1.00 61.34  ? 80  PHE A C   1 
ATOM   688  O  O   . PHE A 1 81  ? 6.926   -6.719  0.480   1.00 57.79  ? 80  PHE A O   1 
ATOM   689  C  CB  . PHE A 1 81  ? 9.054   -8.664  -1.071  1.00 68.40  ? 80  PHE A CB  1 
ATOM   690  C  CG  . PHE A 1 81  ? 10.461  -9.207  -1.078  1.00 62.59  ? 80  PHE A CG  1 
ATOM   691  C  CD1 . PHE A 1 81  ? 10.960  -9.911  0.016   1.00 74.76  ? 80  PHE A CD1 1 
ATOM   692  C  CD2 . PHE A 1 81  ? 11.319  -8.932  -2.138  1.00 62.77  ? 80  PHE A CD2 1 
ATOM   693  C  CE1 . PHE A 1 81  ? 12.273  -10.375 0.024   1.00 70.50  ? 80  PHE A CE1 1 
ATOM   694  C  CE2 . PHE A 1 81  ? 12.629  -9.399  -2.135  1.00 62.42  ? 80  PHE A CE2 1 
ATOM   695  C  CZ  . PHE A 1 81  ? 13.100  -10.123 -1.054  1.00 73.11  ? 80  PHE A CZ  1 
ATOM   696  N  N   . LEU A 1 82  ? 7.231   -5.849  -1.609  1.00 58.51  ? 81  LEU A N   1 
ATOM   697  C  CA  . LEU A 1 82  ? 5.951   -5.126  -1.698  1.00 58.33  ? 81  LEU A CA  1 
ATOM   698  C  C   . LEU A 1 82  ? 5.224   -5.600  -2.944  1.00 61.90  ? 81  LEU A C   1 
ATOM   699  O  O   . LEU A 1 82  ? 5.751   -5.401  -4.054  1.00 63.31  ? 81  LEU A O   1 
ATOM   700  C  CB  . LEU A 1 82  ? 6.229   -3.625  -1.769  1.00 65.06  ? 81  LEU A CB  1 
ATOM   701  C  CG  . LEU A 1 82  ? 5.015   -2.727  -1.557  1.00 63.58  ? 81  LEU A CG  1 
ATOM   702  C  CD1 . LEU A 1 82  ? 4.514   -2.815  -0.117  1.00 56.83  ? 81  LEU A CD1 1 
ATOM   703  C  CD2 . LEU A 1 82  ? 5.358   -1.290  -1.930  1.00 65.96  ? 81  LEU A CD2 1 
ATOM   704  N  N   . LEU A 1 83  ? 4.067   -6.222  -2.746  1.00 60.56  ? 82  LEU A N   1 
ATOM   705  C  CA  . LEU A 1 83  ? 3.127   -6.540  -3.839  1.00 60.14  ? 82  LEU A CA  1 
ATOM   706  C  C   . LEU A 1 83  ? 2.129   -5.398  -3.981  1.00 59.38  ? 82  LEU A C   1 
ATOM   707  O  O   . LEU A 1 83  ? 1.634   -4.885  -2.950  1.00 56.90  ? 82  LEU A O   1 
ATOM   708  C  CB  . LEU A 1 83  ? 2.400   -7.839  -3.496  1.00 63.88  ? 82  LEU A CB  1 
ATOM   709  C  CG  . LEU A 1 83  ? 3.287   -9.073  -3.375  1.00 66.25  ? 82  LEU A CG  1 
ATOM   710  C  CD1 . LEU A 1 83  ? 2.425   -10.299 -3.149  1.00 72.71  ? 82  LEU A CD1 1 
ATOM   711  C  CD2 . LEU A 1 83  ? 4.160   -9.254  -4.612  1.00 66.52  ? 82  LEU A CD2 1 
ATOM   712  N  N   . VAL A 1 84  ? 1.810   -5.058  -5.223  1.00 53.07  ? 83  VAL A N   1 
ATOM   713  C  CA  . VAL A 1 84  ? 0.781   -4.043  -5.550  1.00 55.18  ? 83  VAL A CA  1 
ATOM   714  C  C   . VAL A 1 84  ? -0.282  -4.772  -6.377  1.00 53.59  ? 83  VAL A C   1 
ATOM   715  O  O   . VAL A 1 84  ? 0.106   -5.402  -7.361  1.00 50.43  ? 83  VAL A O   1 
ATOM   716  C  CB  . VAL A 1 84  ? 1.416   -2.853  -6.301  1.00 56.47  ? 83  VAL A CB  1 
ATOM   717  C  CG1 . VAL A 1 84  ? 0.407   -1.751  -6.539  1.00 65.27  ? 83  VAL A CG1 1 
ATOM   718  C  CG2 . VAL A 1 84  ? 2.647   -2.306  -5.583  1.00 57.84  ? 83  VAL A CG2 1 
ATOM   719  N  N   . ASN A 1 85  ? -1.555  -4.654  -5.987  1.00 46.03  ? 84  ASN A N   1 
ATOM   720  C  CA  . ASN A 1 85  ? -2.729  -5.261  -6.661  1.00 51.12  ? 84  ASN A CA  1 
ATOM   721  C  C   . ASN A 1 85  ? -2.489  -6.777  -6.788  1.00 52.41  ? 84  ASN A C   1 
ATOM   722  O  O   . ASN A 1 85  ? -2.793  -7.337  -7.843  1.00 65.02  ? 84  ASN A O   1 
ATOM   723  C  CB  . ASN A 1 85  ? -2.991  -4.532  -7.983  1.00 57.64  ? 84  ASN A CB  1 
ATOM   724  C  CG  . ASN A 1 85  ? -4.273  -4.938  -8.685  1.00 58.94  ? 84  ASN A CG  1 
ATOM   725  O  OD1 . ASN A 1 85  ? -5.289  -5.197  -8.052  1.00 61.95  ? 84  ASN A OD1 1 
ATOM   726  N  ND2 . ASN A 1 85  ? -4.257  -4.943  -10.006 1.00 59.29  ? 84  ASN A ND2 1 
ATOM   727  N  N   . GLY A 1 86  ? -1.871  -7.385  -5.773  1.00 52.61  ? 85  GLY A N   1 
ATOM   728  C  CA  . GLY A 1 86  ? -1.668  -8.836  -5.677  1.00 58.93  ? 85  GLY A CA  1 
ATOM   729  C  C   . GLY A 1 86  ? -0.427  -9.355  -6.388  1.00 65.56  ? 85  GLY A C   1 
ATOM   730  O  O   . GLY A 1 86  ? -0.254  -10.564 -6.321  1.00 63.10  ? 85  GLY A O   1 
ATOM   731  N  N   . HIS A 1 87  ? 0.378   -8.532  -7.083  1.00 57.07  ? 86  HIS A N   1 
ATOM   732  C  CA  . HIS A 1 87  ? 1.525   -9.010  -7.906  1.00 53.41  ? 86  HIS A CA  1 
ATOM   733  C  C   . HIS A 1 87  ? 2.762   -8.123  -7.718  1.00 59.82  ? 86  HIS A C   1 
ATOM   734  O  O   . HIS A 1 87  ? 2.636   -7.024  -7.166  1.00 51.34  ? 86  HIS A O   1 
ATOM   735  C  CB  . HIS A 1 87  ? 1.175   -9.051  -9.398  1.00 57.14  ? 86  HIS A CB  1 
ATOM   736  C  CG  . HIS A 1 87  ? 0.656   -7.777  -9.969  1.00 56.17  ? 86  HIS A CG  1 
ATOM   737  N  ND1 . HIS A 1 87  ? 1.492   -6.793  -10.477 1.00 65.99  ? 86  HIS A ND1 1 
ATOM   738  C  CD2 . HIS A 1 87  ? -0.602  -7.327  -10.131 1.00 56.91  ? 86  HIS A CD2 1 
ATOM   739  C  CE1 . HIS A 1 87  ? 0.761   -5.795  -10.921 1.00 64.50  ? 86  HIS A CE1 1 
ATOM   740  N  NE2 . HIS A 1 87  ? -0.531  -6.117  -10.746 1.00 57.54  ? 86  HIS A NE2 1 
ATOM   741  N  N   A SER A 1 88  ? 3.922   -8.611  -8.168  0.06 57.10  ? 87  SER A N   1 
ATOM   742  N  N   B SER A 1 88  ? 3.922   -8.620  -8.169  0.44 56.24  ? 87  SER A N   1 
ATOM   743  C  CA  A SER A 1 88  ? 5.223   -7.897  -8.117  0.06 58.62  ? 87  SER A CA  1 
ATOM   744  C  CA  B SER A 1 88  ? 5.226   -7.907  -8.214  0.44 64.10  ? 87  SER A CA  1 
ATOM   745  C  C   A SER A 1 88  ? 5.151   -6.643  -8.993  0.06 59.13  ? 87  SER A C   1 
ATOM   746  C  C   B SER A 1 88  ? 5.077   -6.592  -8.974  0.44 58.57  ? 87  SER A C   1 
ATOM   747  O  O   A SER A 1 88  ? 4.431   -6.666  -10.009 0.06 59.36  ? 87  SER A O   1 
ATOM   748  O  O   B SER A 1 88  ? 4.259   -6.544  -9.919  0.44 61.45  ? 87  SER A O   1 
ATOM   749  C  CB  A SER A 1 88  ? 6.356   -8.799  -8.538  0.06 58.10  ? 87  SER A CB  1 
ATOM   750  C  CB  B SER A 1 88  ? 6.284   -8.739  -8.880  0.44 67.09  ? 87  SER A CB  1 
ATOM   751  O  OG  A SER A 1 88  ? 6.244   -9.149  -9.909  0.06 56.18  ? 87  SER A OG  1 
ATOM   752  O  OG  B SER A 1 88  ? 6.967   -9.535  -7.933  0.44 71.69  ? 87  SER A OG  1 
ATOM   753  N  N   . MET A 1 89  ? 5.871   -5.591  -8.594  1.00 60.08  ? 88  MET A N   1 
ATOM   754  C  CA  . MET A 1 89  ? 5.953   -4.313  -9.333  1.00 66.54  ? 88  MET A CA  1 
ATOM   755  C  C   . MET A 1 89  ? 6.872   -4.540  -10.538 1.00 67.30  ? 88  MET A C   1 
ATOM   756  O  O   . MET A 1 89  ? 7.960   -5.104  -10.347 1.00 66.05  ? 88  MET A O   1 
ATOM   757  C  CB  . MET A 1 89  ? 6.535   -3.245  -8.408  1.00 76.61  ? 88  MET A CB  1 
ATOM   758  C  CG  . MET A 1 89  ? 5.580   -2.856  -7.290  1.00 82.27  ? 88  MET A CG  1 
ATOM   759  S  SD  . MET A 1 89  ? 6.444   -2.157  -5.868  1.00 90.02  ? 88  MET A SD  1 
ATOM   760  C  CE  . MET A 1 89  ? 7.960   -1.566  -6.617  1.00 77.60  ? 88  MET A CE  1 
ATOM   761  N  N   . VAL A 1 90  ? 6.448   -4.195  -11.750 1.00 70.95  ? 89  VAL A N   1 
ATOM   762  C  CA  . VAL A 1 90  ? 7.330   -4.378  -12.937 1.00 72.21  ? 89  VAL A CA  1 
ATOM   763  C  C   . VAL A 1 90  ? 8.516   -3.416  -12.795 1.00 70.34  ? 89  VAL A C   1 
ATOM   764  O  O   . VAL A 1 90  ? 9.606   -3.833  -13.220 1.00 51.51  ? 89  VAL A O   1 
ATOM   765  C  CB  . VAL A 1 90  ? 6.589   -4.182  -14.270 1.00 84.57  ? 89  VAL A CB  1 
ATOM   766  C  CG1 . VAL A 1 90  ? 7.563   -4.186  -15.440 1.00 83.73  ? 89  VAL A CG1 1 
ATOM   767  C  CG2 . VAL A 1 90  ? 5.507   -5.232  -14.464 1.00 91.01  ? 89  VAL A CG2 1 
ATOM   768  N  N   . SER A 1 91  ? 8.296   -2.212  -12.216 1.00 65.50  ? 90  SER A N   1 
ATOM   769  C  CA  . SER A 1 91  ? 9.319   -1.156  -11.944 1.00 71.75  ? 90  SER A CA  1 
ATOM   770  C  C   . SER A 1 91  ? 8.987   -0.320  -10.694 1.00 61.11  ? 90  SER A C   1 
ATOM   771  O  O   . SER A 1 91  ? 7.812   0.057   -10.500 1.00 71.84  ? 90  SER A O   1 
ATOM   772  C  CB  . SER A 1 91  ? 9.498   -0.227  -13.128 1.00 71.30  ? 90  SER A CB  1 
ATOM   773  O  OG  . SER A 1 91  ? 10.630  0.614   -12.931 1.00 79.79  ? 90  SER A OG  1 
ATOM   774  N  N   . VAL A 1 92  ? 10.033  0.046   -9.955  1.00 64.61  ? 91  VAL A N   1 
ATOM   775  C  CA  . VAL A 1 92  ? 9.986   0.888   -8.724  1.00 70.59  ? 91  VAL A CA  1 
ATOM   776  C  C   . VAL A 1 92  ? 10.172  2.366   -9.110  1.00 61.34  ? 91  VAL A C   1 
ATOM   777  O  O   . VAL A 1 92  ? 10.001  3.220   -8.245  1.00 68.23  ? 91  VAL A O   1 
ATOM   778  C  CB  . VAL A 1 92  ? 11.032  0.413   -7.694  1.00 75.65  ? 91  VAL A CB  1 
ATOM   779  C  CG1 . VAL A 1 92  ? 10.846  -1.056  -7.346  1.00 80.66  ? 91  VAL A CG1 1 
ATOM   780  C  CG2 . VAL A 1 92  ? 12.469  0.660   -8.144  1.00 75.53  ? 91  VAL A CG2 1 
ATOM   781  N  N   . SER A 1 93  ? 10.472  2.665   -10.370 1.00 53.51  ? 92  SER A N   1 
ATOM   782  C  CA  . SER A 1 93  ? 10.811  4.033   -10.819 1.00 56.57  ? 92  SER A CA  1 
ATOM   783  C  C   . SER A 1 93  ? 9.556   4.766   -11.316 1.00 55.05  ? 92  SER A C   1 
ATOM   784  O  O   . SER A 1 93  ? 9.636   5.960   -11.617 1.00 63.23  ? 92  SER A O   1 
ATOM   785  C  CB  . SER A 1 93  ? 11.849  3.970   -11.888 1.00 68.21  ? 92  SER A CB  1 
ATOM   786  O  OG  . SER A 1 93  ? 11.232  4.038   -13.167 1.00 69.75  ? 92  SER A OG  1 
ATOM   787  N  N   . THR A 1 94  ? 8.435   4.074   -11.460 1.00 52.29  ? 93  THR A N   1 
ATOM   788  C  CA  . THR A 1 94  ? 7.167   4.671   -11.943 1.00 57.26  ? 93  THR A CA  1 
ATOM   789  C  C   . THR A 1 94  ? 6.624   5.591   -10.854 1.00 56.18  ? 93  THR A C   1 
ATOM   790  O  O   . THR A 1 94  ? 6.670   5.229   -9.683  1.00 53.91  ? 93  THR A O   1 
ATOM   791  C  CB  . THR A 1 94  ? 6.141   3.579   -12.249 1.00 62.63  ? 93  THR A CB  1 
ATOM   792  O  OG1 . THR A 1 94  ? 6.850   2.458   -12.792 1.00 70.01  ? 93  THR A OG1 1 
ATOM   793  C  CG2 . THR A 1 94  ? 5.052   4.055   -13.179 1.00 61.37  ? 93  THR A CG2 1 
ATOM   794  N  N   . PRO A 1 95  ? 6.113   6.788   -11.210 1.00 53.72  ? 94  PRO A N   1 
ATOM   795  C  CA  . PRO A 1 95  ? 5.390   7.653   -10.280 1.00 54.72  ? 94  PRO A CA  1 
ATOM   796  C  C   . PRO A 1 95  ? 4.088   7.006   -9.811  1.00 56.86  ? 94  PRO A C   1 
ATOM   797  O  O   . PRO A 1 95  ? 3.438   6.353   -10.615 1.00 56.67  ? 94  PRO A O   1 
ATOM   798  C  CB  . PRO A 1 95  ? 5.018   8.911   -11.069 1.00 54.12  ? 94  PRO A CB  1 
ATOM   799  C  CG  . PRO A 1 95  ? 5.940   8.868   -12.279 1.00 56.89  ? 94  PRO A CG  1 
ATOM   800  C  CD  . PRO A 1 95  ? 6.226   7.400   -12.542 1.00 59.10  ? 94  PRO A CD  1 
ATOM   801  N  N   . ILE A 1 96  ? 3.746   7.194   -8.538  1.00 49.17  ? 95  ILE A N   1 
ATOM   802  C  CA  . ILE A 1 96  ? 2.606   6.455   -7.923  1.00 45.72  ? 95  ILE A CA  1 
ATOM   803  C  C   . ILE A 1 96  ? 1.315   6.971   -8.565  1.00 43.50  ? 95  ILE A C   1 
ATOM   804  O  O   . ILE A 1 96  ? 0.350   6.227   -8.595  1.00 44.45  ? 95  ILE A O   1 
ATOM   805  C  CB  . ILE A 1 96  ? 2.636   6.455   -6.363  1.00 49.19  ? 95  ILE A CB  1 
ATOM   806  C  CG1 . ILE A 1 96  ? 1.765   5.338   -5.783  1.00 45.96  ? 95  ILE A CG1 1 
ATOM   807  C  CG2 . ILE A 1 96  ? 2.251   7.792   -5.761  1.00 46.60  ? 95  ILE A CG2 1 
ATOM   808  C  CD1 . ILE A 1 96  ? 1.560   5.429   -4.287  1.00 51.31  ? 95  ILE A CD1 1 
ATOM   809  N  N   . SER A 1 97  ? 1.259   8.177   -9.132  1.00 45.09  ? 96  SER A N   1 
ATOM   810  C  CA  . SER A 1 97  ? 0.033   8.636   -9.855  1.00 42.17  ? 96  SER A CA  1 
ATOM   811  C  C   . SER A 1 97  ? -0.304  7.666   -11.019 1.00 53.75  ? 96  SER A C   1 
ATOM   812  O  O   . SER A 1 97  ? -1.518  7.338   -11.196 1.00 43.94  ? 96  SER A O   1 
ATOM   813  C  CB  . SER A 1 97  ? 0.226   10.023  -10.397 1.00 42.62  ? 96  SER A CB  1 
ATOM   814  O  OG  . SER A 1 97  ? 1.532   10.111  -10.974 1.00 40.07  ? 96  SER A OG  1 
ATOM   815  N  N   . GLU A 1 98  ? 0.727   7.284   -11.800 1.00 50.28  ? 97  GLU A N   1 
ATOM   816  C  CA  . GLU A 1 98  ? 0.694   6.336   -12.962 1.00 52.04  ? 97  GLU A CA  1 
ATOM   817  C  C   . GLU A 1 98  ? 0.330   4.936   -12.474 1.00 53.47  ? 97  GLU A C   1 
ATOM   818  O  O   . GLU A 1 98  ? -0.555  4.294   -13.097 1.00 56.70  ? 97  GLU A O   1 
ATOM   819  C  CB  . GLU A 1 98  ? 2.067   6.189   -13.632 1.00 51.01  ? 97  GLU A CB  1 
ATOM   820  C  CG  . GLU A 1 98  ? 2.312   7.161   -14.775 1.00 68.67  ? 97  GLU A CG  1 
ATOM   821  C  CD  . GLU A 1 98  ? 3.723   7.108   -15.363 1.00 70.23  ? 97  GLU A CD  1 
ATOM   822  O  OE1 . GLU A 1 98  ? 4.368   8.166   -15.462 1.00 71.19  ? 97  GLU A OE1 1 
ATOM   823  O  OE2 . GLU A 1 98  ? 4.185   6.003   -15.697 1.00 77.74  ? 97  GLU A OE2 1 
ATOM   824  N  N   . VAL A 1 99  ? 1.043   4.455   -11.441 1.00 44.34  ? 98  VAL A N   1 
ATOM   825  C  CA  . VAL A 1 99  ? 0.783   3.116   -10.838 1.00 46.44  ? 98  VAL A CA  1 
ATOM   826  C  C   . VAL A 1 99  ? -0.675  3.060   -10.362 1.00 49.44  ? 98  VAL A C   1 
ATOM   827  O  O   . VAL A 1 99  ? -1.348  2.015   -10.597 1.00 51.23  ? 98  VAL A O   1 
ATOM   828  C  CB  . VAL A 1 99  ? 1.764   2.791   -9.705  1.00 48.91  ? 98  VAL A CB  1 
ATOM   829  C  CG1 . VAL A 1 99  ? 1.407   1.492   -8.993  1.00 51.54  ? 98  VAL A CG1 1 
ATOM   830  C  CG2 . VAL A 1 99  ? 3.183   2.750   -10.222 1.00 54.73  ? 98  VAL A CG2 1 
ATOM   831  N  N   . TYR A 1 100 ? -1.187  4.111   -9.721  1.00 41.86  ? 99  TYR A N   1 
ATOM   832  C  CA  . TYR A 1 100 ? -2.609  4.134   -9.274  1.00 46.45  ? 99  TYR A CA  1 
ATOM   833  C  C   . TYR A 1 100 ? -3.547  3.860   -10.458 1.00 49.19  ? 99  TYR A C   1 
ATOM   834  O  O   . TYR A 1 100 ? -4.456  3.017   -10.324 1.00 52.33  ? 99  TYR A O   1 
ATOM   835  C  CB  . TYR A 1 100 ? -2.970  5.444   -8.580  1.00 41.79  ? 99  TYR A CB  1 
ATOM   836  C  CG  . TYR A 1 100 ? -4.402  5.540   -8.117  1.00 39.25  ? 99  TYR A CG  1 
ATOM   837  C  CD1 . TYR A 1 100 ? -4.838  4.938   -6.949  1.00 42.59  ? 99  TYR A CD1 1 
ATOM   838  C  CD2 . TYR A 1 100 ? -5.313  6.329   -8.794  1.00 39.76  ? 99  TYR A CD2 1 
ATOM   839  C  CE1 . TYR A 1 100 ? -6.148  5.076   -6.508  1.00 40.94  ? 99  TYR A CE1 1 
ATOM   840  C  CE2 . TYR A 1 100 ? -6.632  6.467   -8.374  1.00 40.61  ? 99  TYR A CE2 1 
ATOM   841  C  CZ  . TYR A 1 100 ? -7.055  5.836   -7.217  1.00 43.24  ? 99  TYR A CZ  1 
ATOM   842  O  OH  . TYR A 1 100 ? -8.371  5.960   -6.838  1.00 48.41  ? 99  TYR A OH  1 
ATOM   843  N  N   . GLU A 1 101 ? -3.392  4.601   -11.563 1.00 47.98  ? 100 GLU A N   1 
ATOM   844  C  CA  . GLU A 1 101 ? -4.334  4.567   -12.708 1.00 51.35  ? 100 GLU A CA  1 
ATOM   845  C  C   . GLU A 1 101 ? -4.429  3.176   -13.342 1.00 46.92  ? 100 GLU A C   1 
ATOM   846  O  O   . GLU A 1 101 ? -5.495  2.886   -13.884 1.00 44.83  ? 100 GLU A O   1 
ATOM   847  C  CB  . GLU A 1 101 ? -3.952  5.561   -13.800 1.00 51.85  ? 100 GLU A CB  1 
ATOM   848  C  CG  . GLU A 1 101 ? -4.386  6.968   -13.480 1.00 62.48  ? 100 GLU A CG  1 
ATOM   849  C  CD  . GLU A 1 101 ? -4.835  7.748   -14.699 1.00 70.53  ? 100 GLU A CD  1 
ATOM   850  O  OE1 . GLU A 1 101 ? -4.481  7.329   -15.820 1.00 64.48  ? 100 GLU A OE1 1 
ATOM   851  O  OE2 . GLU A 1 101 ? -5.557  8.742   -14.516 1.00 81.29  ? 100 GLU A OE2 1 
ATOM   852  N  N   . SER A 1 102 ? -3.381  2.368   -13.272 1.00 49.91  ? 101 SER A N   1 
ATOM   853  C  CA  . SER A 1 102 ? -3.388  1.021   -13.885 1.00 51.35  ? 101 SER A CA  1 
ATOM   854  C  C   . SER A 1 102 ? -3.694  -0.038  -12.814 1.00 57.44  ? 101 SER A C   1 
ATOM   855  O  O   . SER A 1 102 ? -4.415  -0.981  -13.174 1.00 65.84  ? 101 SER A O   1 
ATOM   856  C  CB  . SER A 1 102 ? -2.134  0.790   -14.676 1.00 49.21  ? 101 SER A CB  1 
ATOM   857  O  OG  . SER A 1 102 ? -1.077  0.393   -13.850 1.00 72.26  ? 101 SER A OG  1 
ATOM   858  N  N   . GLU A 1 103 ? -3.308  0.142   -11.536 1.00 47.08  ? 102 GLU A N   1 
ATOM   859  C  CA  . GLU A 1 103 ? -3.365  -0.943  -10.519 1.00 45.48  ? 102 GLU A CA  1 
ATOM   860  C  C   . GLU A 1 103 ? -4.413  -0.684  -9.437  1.00 48.60  ? 102 GLU A C   1 
ATOM   861  O  O   . GLU A 1 103 ? -4.546  -1.529  -8.531  1.00 53.76  ? 102 GLU A O   1 
ATOM   862  C  CB  . GLU A 1 103 ? -2.025  -1.188  -9.844  1.00 47.32  ? 102 GLU A CB  1 
ATOM   863  C  CG  . GLU A 1 103 ? -0.917  -1.605  -10.783 1.00 53.23  ? 102 GLU A CG  1 
ATOM   864  C  CD  . GLU A 1 103 ? -1.125  -2.934  -11.488 1.00 59.53  ? 102 GLU A CD  1 
ATOM   865  O  OE1 . GLU A 1 103 ? -1.896  -3.770  -10.990 1.00 57.35  ? 102 GLU A OE1 1 
ATOM   866  O  OE2 . GLU A 1 103 ? -0.534  -3.105  -12.545 1.00 61.09  ? 102 GLU A OE2 1 
ATOM   867  N  N   . LYS A 1 104 ? -5.162  0.402   -9.510  1.00 47.51  ? 103 LYS A N   1 
ATOM   868  C  CA  . LYS A 1 104 ? -6.189  0.689   -8.485  1.00 46.49  ? 103 LYS A CA  1 
ATOM   869  C  C   . LYS A 1 104 ? -7.217  -0.447  -8.462  1.00 57.00  ? 103 LYS A C   1 
ATOM   870  O  O   . LYS A 1 104 ? -7.434  -1.033  -9.519  1.00 53.15  ? 103 LYS A O   1 
ATOM   871  C  CB  . LYS A 1 104 ? -6.934  1.985   -8.796  1.00 48.46  ? 103 LYS A CB  1 
ATOM   872  C  CG  . LYS A 1 104 ? -7.649  2.044   -10.123 1.00 49.11  ? 103 LYS A CG  1 
ATOM   873  C  CD  . LYS A 1 104 ? -8.063  3.436   -10.517 1.00 49.85  ? 103 LYS A CD  1 
ATOM   874  C  CE  . LYS A 1 104 ? -8.927  3.409   -11.752 1.00 57.78  ? 103 LYS A CE  1 
ATOM   875  N  NZ  . LYS A 1 104 ? -8.126  3.213   -12.984 1.00 70.57  ? 103 LYS A NZ  1 
ATOM   876  N  N   . ASP A 1 105 ? -7.828  -0.693  -7.300  1.00 56.29  ? 104 ASP A N   1 
ATOM   877  C  CA  . ASP A 1 105 ? -9.041  -1.530  -7.094  1.00 59.04  ? 104 ASP A CA  1 
ATOM   878  C  C   . ASP A 1 105 ? -10.288 -0.834  -7.658  1.00 63.35  ? 104 ASP A C   1 
ATOM   879  O  O   . ASP A 1 105 ? -10.282 0.425   -7.870  1.00 52.43  ? 104 ASP A O   1 
ATOM   880  C  CB  . ASP A 1 105 ? -9.229  -1.809  -5.601  1.00 63.42  ? 104 ASP A CB  1 
ATOM   881  C  CG  . ASP A 1 105 ? -10.168 -2.961  -5.290  1.00 62.94  ? 104 ASP A CG  1 
ATOM   882  O  OD1 . ASP A 1 105 ? -9.688  -4.101  -5.285  1.00 61.31  ? 104 ASP A OD1 1 
ATOM   883  O  OD2 . ASP A 1 105 ? -11.362 -2.697  -5.060  1.00 58.67  ? 104 ASP A OD2 1 
ATOM   884  N  N   . GLU A 1 106 ? -11.364 -1.603  -7.856  1.00 59.30  ? 105 GLU A N   1 
ATOM   885  C  CA  . GLU A 1 106 ? -12.681 -1.051  -8.286  1.00 57.99  ? 105 GLU A CA  1 
ATOM   886  C  C   . GLU A 1 106 ? -13.253 -0.150  -7.194  1.00 47.48  ? 105 GLU A C   1 
ATOM   887  O  O   . GLU A 1 106 ? -14.002 0.745   -7.584  1.00 54.94  ? 105 GLU A O   1 
ATOM   888  C  CB  . GLU A 1 106 ? -13.738 -2.118  -8.607  1.00 64.76  ? 105 GLU A CB  1 
ATOM   889  C  CG  . GLU A 1 106 ? -13.676 -2.633  -10.032 1.00 72.79  ? 105 GLU A CG  1 
ATOM   890  C  CD  . GLU A 1 106 ? -14.918 -3.323  -10.612 1.00 82.27  ? 105 GLU A CD  1 
ATOM   891  O  OE1 . GLU A 1 106 ? -15.988 -3.410  -9.934  1.00 61.06  ? 105 GLU A OE1 1 
ATOM   892  O  OE2 . GLU A 1 106 ? -14.824 -3.741  -11.788 1.00 77.96  ? 105 GLU A OE2 1 
ATOM   893  N  N   . ASP A 1 107 ? -12.939 -0.377  -5.906  1.00 53.30  ? 106 ASP A N   1 
ATOM   894  C  CA  . ASP A 1 107 ? -13.384 0.510   -4.774  1.00 62.15  ? 106 ASP A CA  1 
ATOM   895  C  C   . ASP A 1 107 ? -12.610 1.845   -4.734  1.00 62.30  ? 106 ASP A C   1 
ATOM   896  O  O   . ASP A 1 107 ? -13.148 2.848   -4.156  1.00 59.99  ? 106 ASP A O   1 
ATOM   897  C  CB  . ASP A 1 107 ? -13.307 -0.197  -3.419  1.00 59.32  ? 106 ASP A CB  1 
ATOM   898  C  CG  . ASP A 1 107 ? -11.909 -0.430  -2.879  1.00 63.27  ? 106 ASP A CG  1 
ATOM   899  O  OD1 . ASP A 1 107 ? -10.963 0.120   -3.470  1.00 57.55  ? 106 ASP A OD1 1 
ATOM   900  O  OD2 . ASP A 1 107 ? -11.787 -1.153  -1.846  1.00 57.74  ? 106 ASP A OD2 1 
ATOM   901  N  N   . GLY A 1 108 ? -11.387 1.869   -5.282  1.00 58.75  ? 107 GLY A N   1 
ATOM   902  C  CA  . GLY A 1 108 ? -10.629 3.111   -5.560  1.00 59.27  ? 107 GLY A CA  1 
ATOM   903  C  C   . GLY A 1 108 ? -9.379  3.254   -4.706  1.00 53.59  ? 107 GLY A C   1 
ATOM   904  O  O   . GLY A 1 108 ? -8.604  4.230   -4.911  1.00 51.63  ? 107 GLY A O   1 
ATOM   905  N  N   . PHE A 1 109 ? -9.175  2.329   -3.777  1.00 44.57  ? 108 PHE A N   1 
ATOM   906  C  CA  . PHE A 1 109 ? -7.897  2.159   -3.045  1.00 50.21  ? 108 PHE A CA  1 
ATOM   907  C  C   . PHE A 1 109 ? -6.883  1.513   -3.991  1.00 52.17  ? 108 PHE A C   1 
ATOM   908  O  O   . PHE A 1 109 ? -7.284  0.901   -5.011  1.00 50.80  ? 108 PHE A O   1 
ATOM   909  C  CB  . PHE A 1 109 ? -8.123  1.386   -1.736  1.00 49.43  ? 108 PHE A CB  1 
ATOM   910  C  CG  . PHE A 1 109 ? -8.706  2.232   -0.632  1.00 60.31  ? 108 PHE A CG  1 
ATOM   911  C  CD1 . PHE A 1 109 ? -7.928  3.173   0.026   1.00 57.30  ? 108 PHE A CD1 1 
ATOM   912  C  CD2 . PHE A 1 109 ? -10.048 2.134   -0.289  1.00 58.79  ? 108 PHE A CD2 1 
ATOM   913  C  CE1 . PHE A 1 109 ? -8.482  3.986   1.008   1.00 62.05  ? 108 PHE A CE1 1 
ATOM   914  C  CE2 . PHE A 1 109 ? -10.593 2.941   0.703   1.00 63.69  ? 108 PHE A CE2 1 
ATOM   915  C  CZ  . PHE A 1 109 ? -9.812  3.870   1.346   1.00 58.73  ? 108 PHE A CZ  1 
ATOM   916  N  N   . LEU A 1 110 ? -5.609  1.689   -3.660  1.00 46.56  ? 109 LEU A N   1 
ATOM   917  C  CA  . LEU A 1 110 ? -4.460  0.925   -4.209  1.00 52.51  ? 109 LEU A CA  1 
ATOM   918  C  C   . LEU A 1 110 ? -3.972  -0.004  -3.088  1.00 50.22  ? 109 LEU A C   1 
ATOM   919  O  O   . LEU A 1 110 ? -3.623  0.525   -2.031  1.00 48.68  ? 109 LEU A O   1 
ATOM   920  C  CB  . LEU A 1 110 ? -3.394  1.941   -4.651  1.00 50.76  ? 109 LEU A CB  1 
ATOM   921  C  CG  . LEU A 1 110 ? -2.154  1.397   -5.358  1.00 53.79  ? 109 LEU A CG  1 
ATOM   922  C  CD1 . LEU A 1 110 ? -2.531  0.569   -6.600  1.00 52.12  ? 109 LEU A CD1 1 
ATOM   923  C  CD2 . LEU A 1 110 ? -1.212  2.554   -5.723  1.00 46.09  ? 109 LEU A CD2 1 
ATOM   924  N  N   . TYR A 1 111 ? -3.972  -1.327  -3.311  1.00 50.50  ? 110 TYR A N   1 
ATOM   925  C  CA  . TYR A 1 111 ? -3.774  -2.382  -2.281  1.00 53.32  ? 110 TYR A CA  1 
ATOM   926  C  C   . TYR A 1 111 ? -2.350  -2.933  -2.406  1.00 54.37  ? 110 TYR A C   1 
ATOM   927  O  O   . TYR A 1 111 ? -1.908  -3.352  -3.497  1.00 55.67  ? 110 TYR A O   1 
ATOM   928  C  CB  . TYR A 1 111 ? -4.834  -3.494  -2.387  1.00 54.31  ? 110 TYR A CB  1 
ATOM   929  C  CG  . TYR A 1 111 ? -6.215  -3.103  -1.903  1.00 47.94  ? 110 TYR A CG  1 
ATOM   930  C  CD1 . TYR A 1 111 ? -7.101  -2.456  -2.737  1.00 46.84  ? 110 TYR A CD1 1 
ATOM   931  C  CD2 . TYR A 1 111 ? -6.633  -3.357  -0.602  1.00 46.94  ? 110 TYR A CD2 1 
ATOM   932  C  CE1 . TYR A 1 111 ? -8.347  -2.046  -2.293  1.00 45.80  ? 110 TYR A CE1 1 
ATOM   933  C  CE2 . TYR A 1 111 ? -7.887  -2.967  -0.147  1.00 49.00  ? 110 TYR A CE2 1 
ATOM   934  C  CZ  . TYR A 1 111 ? -8.763  -2.332  -1.007  1.00 44.39  ? 110 TYR A CZ  1 
ATOM   935  O  OH  . TYR A 1 111 ? -9.991  -1.901  -0.579  1.00 48.61  ? 110 TYR A OH  1 
ATOM   936  N  N   . MET A 1 112 ? -1.645  -2.928  -1.283  1.00 49.92  ? 111 MET A N   1 
ATOM   937  C  CA  . MET A 1 112 ? -0.254  -3.408  -1.190  1.00 57.19  ? 111 MET A CA  1 
ATOM   938  C  C   . MET A 1 112 ? -0.136  -4.369  -0.013  1.00 55.27  ? 111 MET A C   1 
ATOM   939  O  O   . MET A 1 112 ? -0.871  -4.208  0.991   1.00 55.85  ? 111 MET A O   1 
ATOM   940  C  CB  . MET A 1 112 ? 0.689   -2.233  -0.953  1.00 54.64  ? 111 MET A CB  1 
ATOM   941  C  CG  . MET A 1 112 ? 0.453   -1.141  -1.940  1.00 60.77  ? 111 MET A CG  1 
ATOM   942  S  SD  . MET A 1 112 ? 1.822   -0.017  -2.032  1.00 60.70  ? 111 MET A SD  1 
ATOM   943  C  CE  . MET A 1 112 ? 1.212   1.051   -3.337  1.00 56.63  ? 111 MET A CE  1 
ATOM   944  N  N   A VAL A 1 113 ? 0.794   -5.317  -0.133  0.41 53.95  ? 112 VAL A N   1 
ATOM   945  N  N   B VAL A 1 113 ? 0.738   -5.370  -0.136  0.10 54.63  ? 112 VAL A N   1 
ATOM   946  C  CA  A VAL A 1 113 ? 1.104   -6.355  0.894   0.41 56.84  ? 112 VAL A CA  1 
ATOM   947  C  CA  B VAL A 1 113 ? 1.081   -6.314  0.970   0.10 54.66  ? 112 VAL A CA  1 
ATOM   948  C  C   A VAL A 1 113 ? 2.622   -6.535  0.936   0.41 56.90  ? 112 VAL A C   1 
ATOM   949  C  C   B VAL A 1 113 ? 2.593   -6.557  0.950   0.10 55.42  ? 112 VAL A C   1 
ATOM   950  O  O   A VAL A 1 113 ? 3.232   -6.590  -0.153  0.41 53.73  ? 112 VAL A O   1 
ATOM   951  O  O   B VAL A 1 113 ? 3.163   -6.667  -0.156  0.10 54.64  ? 112 VAL A O   1 
ATOM   952  C  CB  A VAL A 1 113 ? 0.399   -7.691  0.579   0.41 59.73  ? 112 VAL A CB  1 
ATOM   953  C  CB  B VAL A 1 113 ? 0.289   -7.636  0.890   0.10 54.44  ? 112 VAL A CB  1 
ATOM   954  C  CG1 A VAL A 1 113 ? 0.617   -8.701  1.693   0.41 63.31  ? 112 VAL A CG1 1 
ATOM   955  C  CG1 B VAL A 1 113 ? -1.190  -7.425  1.175   0.10 53.66  ? 112 VAL A CG1 1 
ATOM   956  C  CG2 A VAL A 1 113 ? -1.086  -7.504  0.299   0.41 58.94  ? 112 VAL A CG2 1 
ATOM   957  C  CG2 B VAL A 1 113 ? 0.484   -8.346  -0.439  0.10 54.04  ? 112 VAL A CG2 1 
ATOM   958  N  N   . TYR A 1 114 ? 3.197   -6.632  2.138   1.00 55.07  ? 113 TYR A N   1 
ATOM   959  C  CA  . TYR A 1 114 ? 4.658   -6.784  2.330   1.00 58.79  ? 113 TYR A CA  1 
ATOM   960  C  C   . TYR A 1 114 ? 4.983   -8.090  3.069   1.00 61.57  ? 113 TYR A C   1 
ATOM   961  O  O   . TYR A 1 114 ? 4.173   -8.571  3.890   1.00 67.54  ? 113 TYR A O   1 
ATOM   962  C  CB  . TYR A 1 114 ? 5.201   -5.564  3.078   1.00 62.09  ? 113 TYR A CB  1 
ATOM   963  C  CG  . TYR A 1 114 ? 4.679   -5.338  4.474   1.00 57.04  ? 113 TYR A CG  1 
ATOM   964  C  CD1 . TYR A 1 114 ? 3.554   -4.568  4.726   1.00 60.38  ? 113 TYR A CD1 1 
ATOM   965  C  CD2 . TYR A 1 114 ? 5.362   -5.845  5.563   1.00 58.88  ? 113 TYR A CD2 1 
ATOM   966  C  CE1 . TYR A 1 114 ? 3.106   -4.348  6.023   1.00 63.24  ? 113 TYR A CE1 1 
ATOM   967  C  CE2 . TYR A 1 114 ? 4.940   -5.620  6.861   1.00 56.97  ? 113 TYR A CE2 1 
ATOM   968  C  CZ  . TYR A 1 114 ? 3.807   -4.874  7.101   1.00 66.16  ? 113 TYR A CZ  1 
ATOM   969  O  OH  . TYR A 1 114 ? 3.430   -4.678  8.405   1.00 66.22  ? 113 TYR A OH  1 
ATOM   970  N  N   . ALA A 1 115 ? 6.175   -8.611  2.792   1.00 59.65  ? 114 ALA A N   1 
ATOM   971  C  CA  . ALA A 1 115 ? 6.726   -9.852  3.373   1.00 73.61  ? 114 ALA A CA  1 
ATOM   972  C  C   . ALA A 1 115 ? 8.259   -9.827  3.327   1.00 71.81  ? 114 ALA A C   1 
ATOM   973  O  O   . ALA A 1 115 ? 8.811   -9.057  2.508   1.00 68.08  ? 114 ALA A O   1 
ATOM   974  C  CB  . ALA A 1 115 ? 6.174   -11.030 2.609   1.00 75.10  ? 114 ALA A CB  1 
ATOM   975  N  N   . SER A 1 116 ? 8.907   -10.672 4.142   1.00 77.75  ? 115 SER A N   1 
ATOM   976  C  CA  . SER A 1 116 ? 10.388  -10.818 4.215   1.00 78.86  ? 115 SER A CA  1 
ATOM   977  C  C   . SER A 1 116 ? 10.885  -11.782 3.132   1.00 82.49  ? 115 SER A C   1 
ATOM   978  O  O   . SER A 1 116 ? 12.116  -11.803 2.910   1.00 89.04  ? 115 SER A O   1 
ATOM   979  C  CB  . SER A 1 116 ? 10.862  -11.222 5.592   1.00 75.89  ? 115 SER A CB  1 
ATOM   980  O  OG  . SER A 1 116 ? 9.767   -11.549 6.428   1.00 74.76  ? 115 SER A OG  1 
ATOM   981  N  N   . GLN A 1 117 ? 9.980   -12.520 2.467   1.00 76.84  ? 116 GLN A N   1 
ATOM   982  C  CA  . GLN A 1 117 ? 10.327  -13.385 1.303   1.00 82.11  ? 116 GLN A CA  1 
ATOM   983  C  C   . GLN A 1 117 ? 9.487   -12.969 0.087   1.00 83.13  ? 116 GLN A C   1 
ATOM   984  O  O   . GLN A 1 117 ? 8.323   -12.565 0.289   1.00 88.17  ? 116 GLN A O   1 
ATOM   985  C  CB  . GLN A 1 117 ? 10.129  -14.863 1.646   1.00 77.60  ? 116 GLN A CB  1 
ATOM   986  N  N   . GLU A 1 118 ? 10.079  -13.051 -1.113  1.00 84.45  ? 117 GLU A N   1 
ATOM   987  C  CA  . GLU A 1 118 ? 9.407   -12.935 -2.442  1.00 96.46  ? 117 GLU A CA  1 
ATOM   988  C  C   . GLU A 1 118 ? 8.337   -14.019 -2.630  1.00 108.27 ? 117 GLU A C   1 
ATOM   989  O  O   . GLU A 1 118 ? 7.408   -13.788 -3.431  1.00 115.11 ? 117 GLU A O   1 
ATOM   990  C  CB  . GLU A 1 118 ? 10.402  -13.133 -3.581  1.00 100.71 ? 117 GLU A CB  1 
ATOM   991  C  CG  . GLU A 1 118 ? 10.932  -11.842 -4.152  1.00 108.43 ? 117 GLU A CG  1 
ATOM   992  C  CD  . GLU A 1 118 ? 12.301  -11.982 -4.793  1.00 118.45 ? 117 GLU A CD  1 
ATOM   993  O  OE1 . GLU A 1 118 ? 13.237  -12.418 -4.088  1.00 118.26 ? 117 GLU A OE1 1 
ATOM   994  O  OE2 . GLU A 1 118 ? 12.422  -11.669 -5.992  1.00 124.64 ? 117 GLU A OE2 1 
ATOM   995  N  N   . THR A 1 119 ? 8.528   -15.188 -2.008  1.00 125.21 ? 118 THR A N   1 
ATOM   996  C  CA  . THR A 1 119 ? 7.499   -16.253 -1.856  1.00 133.87 ? 118 THR A CA  1 
ATOM   997  C  C   . THR A 1 119 ? 6.479   -15.791 -0.800  1.00 140.47 ? 118 THR A C   1 
ATOM   998  O  O   . THR A 1 119 ? 6.709   -16.047 0.405   1.00 150.25 ? 118 THR A O   1 
ATOM   999  C  CB  . THR A 1 119 ? 8.154   -17.602 -1.519  1.00 122.64 ? 118 THR A CB  1 
ATOM   1000 N  N   . PHE A 1 120 ? 5.418   -15.097 -1.242  1.00 138.29 ? 119 PHE A N   1 
ATOM   1001 C  CA  . PHE A 1 120 ? 4.273   -14.629 -0.414  1.00 131.00 ? 119 PHE A CA  1 
ATOM   1002 C  C   . PHE A 1 120 ? 3.313   -15.799 -0.185  1.00 133.96 ? 119 PHE A C   1 
ATOM   1003 O  O   . PHE A 1 120 ? 2.248   -15.856 -0.797  1.00 132.93 ? 119 PHE A O   1 
ATOM   1004 C  CB  . PHE A 1 120 ? 3.546   -13.457 -1.086  1.00 131.02 ? 119 PHE A CB  1 
ATOM   1005 C  CG  . PHE A 1 120 ? 4.216   -12.117 -0.903  1.00 133.93 ? 119 PHE A CG  1 
ATOM   1006 C  CD1 . PHE A 1 120 ? 5.401   -11.823 -1.564  1.00 128.34 ? 119 PHE A CD1 1 
ATOM   1007 C  CD2 . PHE A 1 120 ? 3.664   -11.151 -0.072  1.00 125.36 ? 119 PHE A CD2 1 
ATOM   1008 C  CE1 . PHE A 1 120 ? 6.023   -10.596 -1.397  1.00 124.35 ? 119 PHE A CE1 1 
ATOM   1009 C  CE2 . PHE A 1 120 ? 4.289   -9.924  0.097   1.00 121.55 ? 119 PHE A CE2 1 
ATOM   1010 C  CZ  . PHE A 1 120 ? 5.466   -9.650  -0.563  1.00 126.20 ? 119 PHE A CZ  1 
HETATM 1011 N  N1  . K9N B 2 .   ? -0.036  9.397   5.618   0.82 79.49  ? 201 K9N A N1  1 
HETATM 1012 C  C4  . K9N B 2 .   ? 2.242   9.402   4.868   0.82 89.16  ? 201 K9N A C4  1 
HETATM 1013 C  C5  . K9N B 2 .   ? 1.282   9.941   5.883   0.82 86.01  ? 201 K9N A C5  1 
HETATM 1014 C  C6  . K9N B 2 .   ? -1.182  10.010  5.936   0.82 80.68  ? 201 K9N A C6  1 
HETATM 1015 C  C7  . K9N B 2 .   ? -1.360  11.477  5.567   0.82 82.14  ? 201 K9N A C7  1 
HETATM 1016 C  C8  . K9N B 2 .   ? -0.868  12.537  6.578   0.82 81.57  ? 201 K9N A C8  1 
HETATM 1017 C  C10 . K9N B 2 .   ? -0.453  12.156  4.507   0.82 79.13  ? 201 K9N A C10 1 
HETATM 1018 C  C1  . K9N B 2 .   ? 4.113   9.905   1.836   0.82 94.73  ? 201 K9N A C1  1 
HETATM 1019 C  C2  . K9N B 2 .   ? 3.539   9.305   3.078   0.82 94.44  ? 201 K9N A C2  1 
HETATM 1020 C  C3  . K9N B 2 .   ? 3.522   7.987   3.378   0.82 92.30  ? 201 K9N A C3  1 
HETATM 1021 C  C9  . K9N B 2 .   ? -0.481  13.413  5.382   0.82 78.96  ? 201 K9N A C9  1 
HETATM 1022 N  N2  . K9N B 2 .   ? 2.942   10.121  4.033   0.82 88.17  ? 201 K9N A N2  1 
HETATM 1023 O  O1  . K9N B 2 .   ? -2.126  9.372   6.425   0.82 76.94  ? 201 K9N A O1  1 
HETATM 1024 S  S1  . K9N B 2 .   ? 2.476   7.697   4.703   0.82 98.98  ? 201 K9N A S1  1 
HETATM 1025 C  C1  . EDO C 3 .   ? 4.978   -8.318  -12.716 1.00 98.94  ? 202 EDO A C1  1 
HETATM 1026 O  O1  . EDO C 3 .   ? 3.825   -8.956  -12.142 1.00 91.74  ? 202 EDO A O1  1 
HETATM 1027 C  C2  . EDO C 3 .   ? 6.053   -9.255  -13.177 1.00 99.90  ? 202 EDO A C2  1 
HETATM 1028 O  O2  . EDO C 3 .   ? 6.520   -9.040  -14.511 1.00 89.38  ? 202 EDO A O2  1 
HETATM 1029 C  C1  . EDO D 3 .   ? -12.878 -6.216  -5.484  1.00 95.59  ? 203 EDO A C1  1 
HETATM 1030 O  O1  . EDO D 3 .   ? -12.749 -7.236  -4.504  1.00 78.70  ? 203 EDO A O1  1 
HETATM 1031 C  C2  . EDO D 3 .   ? -14.002 -5.270  -5.250  1.00 98.24  ? 203 EDO A C2  1 
HETATM 1032 O  O2  . EDO D 3 .   ? -13.817 -4.490  -4.082  1.00 100.05 ? 203 EDO A O2  1 
HETATM 1033 C  C1  . EDO E 3 .   ? 18.079  2.429   1.952   1.00 74.16  ? 204 EDO A C1  1 
HETATM 1034 O  O1  . EDO E 3 .   ? 18.440  3.456   1.024   1.00 66.24  ? 204 EDO A O1  1 
HETATM 1035 C  C2  . EDO E 3 .   ? 16.653  2.513   2.370   1.00 70.31  ? 204 EDO A C2  1 
HETATM 1036 O  O2  . EDO E 3 .   ? 15.840  1.462   1.905   1.00 72.70  ? 204 EDO A O2  1 
HETATM 1037 C  C1  . EDO F 3 .   ? 14.519  -0.092  -3.171  1.00 93.52  ? 205 EDO A C1  1 
HETATM 1038 O  O1  . EDO F 3 .   ? 13.671  -0.539  -4.212  1.00 84.87  ? 205 EDO A O1  1 
HETATM 1039 C  C2  . EDO F 3 .   ? 14.286  1.329   -2.794  1.00 88.06  ? 205 EDO A C2  1 
HETATM 1040 O  O2  . EDO F 3 .   ? 13.484  1.483   -1.638  1.00 82.73  ? 205 EDO A O2  1 
HETATM 1041 C  C1  . EDO G 3 .   ? -3.768  -9.953  3.814   1.00 126.35 ? 206 EDO A C1  1 
HETATM 1042 O  O1  . EDO G 3 .   ? -4.149  -9.416  2.567   1.00 109.40 ? 206 EDO A O1  1 
HETATM 1043 C  C2  . EDO G 3 .   ? -2.372  -10.461 3.810   1.00 129.10 ? 206 EDO A C2  1 
HETATM 1044 O  O2  . EDO G 3 .   ? -2.142  -11.552 2.922   1.00 127.17 ? 206 EDO A O2  1 
HETATM 1045 C  C1  . EDO H 3 .   ? -12.777 3.406   4.608   1.00 83.93  ? 207 EDO A C1  1 
HETATM 1046 O  O1  . EDO H 3 .   ? -14.078 3.665   4.139   1.00 93.94  ? 207 EDO A O1  1 
HETATM 1047 C  C2  . EDO H 3 .   ? -12.554 3.937   5.979   1.00 90.48  ? 207 EDO A C2  1 
HETATM 1048 O  O2  . EDO H 3 .   ? -11.302 3.578   6.542   1.00 90.56  ? 207 EDO A O2  1 
HETATM 1049 C  C1  . EDO I 3 .   ? -7.119  -10.482 -4.630  1.00 94.32  ? 208 EDO A C1  1 
HETATM 1050 O  O1  . EDO I 3 .   ? -7.665  -11.198 -3.533  1.00 78.10  ? 208 EDO A O1  1 
HETATM 1051 C  C2  . EDO I 3 .   ? -5.650  -10.658 -4.776  1.00 95.60  ? 208 EDO A C2  1 
HETATM 1052 O  O2  . EDO I 3 .   ? -5.234  -11.011 -6.090  1.00 95.64  ? 208 EDO A O2  1 
HETATM 1053 C  C1  . EDO J 3 .   ? 3.120   -1.578  -10.552 1.00 101.07 ? 209 EDO A C1  1 
HETATM 1054 O  O1  . EDO J 3 .   ? 2.652   -2.826  -10.053 1.00 98.72  ? 209 EDO A O1  1 
HETATM 1055 C  C2  . EDO J 3 .   ? 4.446   -1.170  -9.997  1.00 101.48 ? 209 EDO A C2  1 
HETATM 1056 O  O2  . EDO J 3 .   ? 5.084   -0.045  -10.602 1.00 92.27  ? 209 EDO A O2  1 
HETATM 1057 CL CL  . CL  K 4 .   ? -3.942  17.399  -0.993  1.00 52.22  ? 210 CL  A CL  1 
HETATM 1058 O  O   . HOH L 5 .   ? -9.755  -8.671  3.003   1.00 71.69  ? 301 HOH A O   1 
HETATM 1059 O  O   . HOH L 5 .   ? -8.046  -7.121  -3.264  1.00 68.58  ? 302 HOH A O   1 
HETATM 1060 O  O   . HOH L 5 .   ? 2.736   4.729   -16.710 1.00 84.39  ? 303 HOH A O   1 
HETATM 1061 O  O   . HOH L 5 .   ? 19.406  2.437   -0.776  1.00 89.77  ? 304 HOH A O   1 
HETATM 1062 O  O   . HOH L 5 .   ? 7.080   -6.059  -5.839  1.00 64.95  ? 305 HOH A O   1 
HETATM 1063 O  O   . HOH L 5 .   ? 0.145   -10.766 8.691   1.00 76.48  ? 306 HOH A O   1 
HETATM 1064 O  O   . HOH L 5 .   ? -2.136  7.264   -16.339 1.00 79.66  ? 307 HOH A O   1 
HETATM 1065 O  O   . HOH L 5 .   ? -4.876  7.023   7.668   1.00 75.48  ? 308 HOH A O   1 
HETATM 1066 O  O   . HOH L 5 .   ? -24.891 -1.603  1.115   1.00 92.24  ? 309 HOH A O   1 
HETATM 1067 O  O   . HOH L 5 .   ? -11.221 2.079   -9.458  1.00 75.40  ? 310 HOH A O   1 
HETATM 1068 O  O   . HOH L 5 .   ? 1.548   -13.049 9.234   1.00 92.79  ? 311 HOH A O   1 
HETATM 1069 O  O   . HOH L 5 .   ? -7.629  -5.846  2.394   1.00 55.79  ? 312 HOH A O   1 
HETATM 1070 O  O   . HOH L 5 .   ? 4.328   1.292   11.977  1.00 69.96  ? 313 HOH A O   1 
HETATM 1071 O  O   . HOH L 5 .   ? -0.812  -1.770  8.010   1.00 65.28  ? 314 HOH A O   1 
HETATM 1072 O  O   . HOH L 5 .   ? 14.009  -6.796  0.459   1.00 61.04  ? 315 HOH A O   1 
HETATM 1073 O  O   . HOH L 5 .   ? 14.072  6.322   -3.958  1.00 50.45  ? 316 HOH A O   1 
HETATM 1074 O  O   . HOH L 5 .   ? -6.622  -7.205  -8.931  1.00 65.78  ? 317 HOH A O   1 
HETATM 1075 O  O   . HOH L 5 .   ? 3.697   -6.401  14.677  1.00 83.58  ? 318 HOH A O   1 
HETATM 1076 O  O   . HOH L 5 .   ? -9.471  -9.411  -3.044  1.00 81.80  ? 319 HOH A O   1 
HETATM 1077 O  O   . HOH L 5 .   ? 8.871   -10.542 -9.377  1.00 85.89  ? 320 HOH A O   1 
HETATM 1078 O  O   . HOH L 5 .   ? 2.950   12.238  -10.443 1.00 57.81  ? 321 HOH A O   1 
HETATM 1079 O  O   . HOH L 5 .   ? -6.596  -4.614  -5.846  1.00 56.12  ? 322 HOH A O   1 
HETATM 1080 O  O   . HOH L 5 .   ? -3.472  -4.600  1.028   1.00 61.73  ? 323 HOH A O   1 
HETATM 1081 O  O   . HOH L 5 .   ? 12.034  -3.466  -14.184 1.00 57.54  ? 324 HOH A O   1 
HETATM 1082 O  O   . HOH L 5 .   ? -6.938  -0.982  -12.232 1.00 55.45  ? 325 HOH A O   1 
HETATM 1083 O  O   . HOH L 5 .   ? -7.171  11.741  -3.293  1.00 48.63  ? 326 HOH A O   1 
HETATM 1084 O  O   . HOH L 5 .   ? -2.966  -12.015 -4.986  1.00 77.42  ? 327 HOH A O   1 
HETATM 1085 O  O   . HOH L 5 .   ? 0.512   -3.770  9.092   1.00 59.30  ? 328 HOH A O   1 
HETATM 1086 O  O   . HOH L 5 .   ? -3.845  16.823  1.794   1.00 49.19  ? 329 HOH A O   1 
HETATM 1087 O  O   . HOH L 5 .   ? 4.835   4.788   12.518  1.00 80.63  ? 330 HOH A O   1 
HETATM 1088 O  O   . HOH L 5 .   ? -14.806 12.432  -4.919  1.00 69.79  ? 331 HOH A O   1 
HETATM 1089 O  O   . HOH L 5 .   ? -6.047  -5.279  -12.067 1.00 62.85  ? 332 HOH A O   1 
HETATM 1090 O  O   . HOH L 5 .   ? 12.693  -13.744 -1.641  1.00 75.75  ? 333 HOH A O   1 
HETATM 1091 O  O   . HOH L 5 .   ? -7.404  12.607  -6.030  1.00 46.53  ? 334 HOH A O   1 
HETATM 1092 O  O   . HOH L 5 .   ? 9.199   -5.002  -3.374  1.00 64.09  ? 335 HOH A O   1 
HETATM 1093 O  O   . HOH L 5 .   ? -10.443 1.107   8.691   1.00 84.59  ? 336 HOH A O   1 
HETATM 1094 O  O   . HOH L 5 .   ? -5.447  -8.294  -6.714  1.00 72.35  ? 337 HOH A O   1 
HETATM 1095 O  O   . HOH L 5 .   ? -10.413 2.360   -14.350 1.00 85.24  ? 338 HOH A O   1 
HETATM 1096 O  O   . HOH L 5 .   ? 2.176   14.758  -9.443  1.00 48.85  ? 339 HOH A O   1 
HETATM 1097 O  O   . HOH L 5 .   ? -5.272  -2.212  -5.908  1.00 49.56  ? 340 HOH A O   1 
HETATM 1098 O  O   . HOH L 5 .   ? 5.058   -0.613  13.052  1.00 73.46  ? 341 HOH A O   1 
HETATM 1099 O  O   . HOH L 5 .   ? -8.285  0.474   -13.640 1.00 61.00  ? 342 HOH A O   1 
HETATM 1100 O  O   . HOH L 5 .   ? -3.359  9.364   -10.496 1.00 48.73  ? 343 HOH A O   1 
HETATM 1101 O  O   . HOH L 5 .   ? 9.513   -9.965  -6.781  1.00 73.53  ? 344 HOH A O   1 
HETATM 1102 O  O   . HOH L 5 .   ? 8.068   6.816   6.946   1.00 48.95  ? 345 HOH A O   1 
HETATM 1103 O  O   . HOH L 5 .   ? -8.743  8.627   -5.961  1.00 61.72  ? 346 HOH A O   1 
HETATM 1104 O  O   . HOH L 5 .   ? -2.455  -2.765  7.850   1.00 80.64  ? 347 HOH A O   1 
HETATM 1105 O  O   . HOH L 5 .   ? -11.044 -4.212  -9.007  1.00 63.99  ? 348 HOH A O   1 
HETATM 1106 O  O   . HOH L 5 .   ? 1.916   15.326  -4.825  1.00 64.55  ? 349 HOH A O   1 
HETATM 1107 O  O   . HOH L 5 .   ? -1.024  -6.651  -3.113  1.00 56.80  ? 350 HOH A O   1 
HETATM 1108 O  O   . HOH L 5 .   ? 10.070  9.745   -5.560  1.00 50.74  ? 351 HOH A O   1 
HETATM 1109 O  O   . HOH L 5 .   ? 13.124  -8.683  7.271   1.00 86.53  ? 352 HOH A O   1 
HETATM 1110 O  O   . HOH L 5 .   ? 10.671  -4.223  -2.074  1.00 77.33  ? 353 HOH A O   1 
HETATM 1111 O  O   . HOH L 5 .   ? -17.416 5.349   8.514   1.00 80.78  ? 354 HOH A O   1 
HETATM 1112 O  O   . HOH L 5 .   ? -11.114 15.732  -6.330  1.00 47.99  ? 355 HOH A O   1 
HETATM 1113 O  O   . HOH L 5 .   ? -14.050 5.304   -5.549  1.00 69.67  ? 356 HOH A O   1 
HETATM 1114 O  O   . HOH L 5 .   ? 1.520   16.711  -6.333  1.00 60.92  ? 357 HOH A O   1 
HETATM 1115 O  O   . HOH L 5 .   ? -8.939  9.449   -3.430  1.00 50.18  ? 358 HOH A O   1 
HETATM 1116 O  O   . HOH L 5 .   ? 1.042   15.189  -2.451  1.00 53.57  ? 359 HOH A O   1 
HETATM 1117 O  O   . HOH L 5 .   ? -4.570  -0.300  11.610  1.00 79.41  ? 360 HOH A O   1 
HETATM 1118 O  O   . HOH L 5 .   ? 14.616  3.528   4.078   1.00 60.09  ? 361 HOH A O   1 
HETATM 1119 O  O   . HOH L 5 .   ? -1.145  5.212   -15.954 1.00 68.03  ? 362 HOH A O   1 
HETATM 1120 O  O   . HOH L 5 .   ? -17.307 -0.644  -10.058 1.00 69.88  ? 363 HOH A O   1 
HETATM 1121 O  O   . HOH L 5 .   ? 10.881  4.468   15.777  1.00 82.15  ? 364 HOH A O   1 
HETATM 1122 O  O   . HOH L 5 .   ? 14.978  2.585   8.843   1.00 67.27  ? 365 HOH A O   1 
HETATM 1123 O  O   . HOH L 5 .   ? -2.763  -1.967  12.491  1.00 70.57  ? 366 HOH A O   1 
HETATM 1124 O  O   . HOH L 5 .   ? -6.060  2.852   9.125   1.00 51.31  ? 367 HOH A O   1 
HETATM 1125 O  O   . HOH L 5 .   ? -14.814 15.063  7.492   1.00 65.69  ? 368 HOH A O   1 
HETATM 1126 O  O   . HOH L 5 .   ? 13.628  -3.341  0.473   1.00 66.93  ? 369 HOH A O   1 
HETATM 1127 O  O   . HOH L 5 .   ? 14.806  -10.969 6.318   1.00 69.08  ? 370 HOH A O   1 
HETATM 1128 O  O   . HOH L 5 .   ? 8.225   -14.959 7.465   1.00 88.36  ? 371 HOH A O   1 
HETATM 1129 O  O   . HOH L 5 .   ? 12.770  -1.640  -10.850 1.00 86.21  ? 372 HOH A O   1 
HETATM 1130 O  O   . HOH L 5 .   ? 13.341  -1.371  -13.109 1.00 70.29  ? 373 HOH A O   1 
HETATM 1131 O  O   . HOH L 5 .   ? -2.133  -5.709  8.456   1.00 61.79  ? 374 HOH A O   1 
HETATM 1132 O  O   . HOH L 5 .   ? -5.453  8.613   6.374   1.00 91.98  ? 375 HOH A O   1 
HETATM 1133 O  O   . HOH L 5 .   ? -14.019 6.103   7.637   1.00 81.91  ? 376 HOH A O   1 
HETATM 1134 O  O   . HOH L 5 .   ? -8.245  1.735   8.667   1.00 92.36  ? 377 HOH A O   1 
HETATM 1135 O  O   . HOH L 5 .   ? -7.288  20.632  0.207   1.00 59.80  ? 378 HOH A O   1 
HETATM 1136 O  O   . HOH L 5 .   ? 11.785  -15.140 -6.394  1.00 89.35  ? 379 HOH A O   1 
HETATM 1137 O  O   . HOH L 5 .   ? 14.280  4.436   -9.041  1.00 81.99  ? 380 HOH A O   1 
HETATM 1138 O  O   . HOH L 5 .   ? 5.832   14.538  0.132   1.00 66.09  ? 381 HOH A O   1 
HETATM 1139 O  O   . HOH L 5 .   ? -3.769  -7.273  -2.597  1.00 60.49  ? 382 HOH A O   1 
HETATM 1140 O  O   . HOH L 5 .   ? -5.454  -6.439  -4.538  1.00 71.14  ? 383 HOH A O   1 
HETATM 1141 O  O   . HOH L 5 .   ? -16.706 4.749   11.212  1.00 82.07  ? 384 HOH A O   1 
HETATM 1142 O  O   . HOH L 5 .   ? -8.600  -4.591  -9.748  1.00 74.81  ? 385 HOH A O   1 
HETATM 1143 O  O   . HOH L 5 .   ? 0.651   19.342  -3.833  1.00 81.01  ? 386 HOH A O   1 
HETATM 1144 O  O   . HOH L 5 .   ? -6.191  5.418   9.202   1.00 80.52  ? 387 HOH A O   1 
HETATM 1145 O  O   . HOH L 5 .   ? -4.133  -6.657  -0.175  1.00 75.00  ? 388 HOH A O   1 
HETATM 1146 O  O   . HOH L 5 .   ? -6.907  1.611   10.827  1.00 92.23  ? 389 HOH A O   1 
HETATM 1147 O  O   . HOH L 5 .   ? -3.574  -9.919  -2.650  1.00 90.96  ? 390 HOH A O   1 
HETATM 1148 O  O   . HOH L 5 .   ? 9.270   -15.322 5.285   1.00 91.28  ? 391 HOH A O   1 
HETATM 1149 O  O   . HOH L 5 .   ? -7.604  -6.851  0.021   1.00 81.91  ? 392 HOH A O   1 
HETATM 1150 O  O   . HOH L 5 .   ? -18.142 2.852   -7.522  1.00 73.78  ? 393 HOH A O   1 
# 
